data_3RYW
#
_entry.id   3RYW
#
_cell.length_a   99.744
_cell.length_b   106.582
_cell.length_c   139.031
_cell.angle_alpha   90.00
_cell.angle_beta   90.00
_cell.angle_gamma   90.00
#
_symmetry.space_group_name_H-M   'P 21 21 21'
#
loop_
_entity.id
_entity.type
_entity.pdbx_description
1 polymer 'Farnesyl pyrophosphate synthase'
2 non-polymer '{2-[5-(decyloxy)pyridin-3-yl]ethane-1,1-diyl}bis(phosphonic acid)'
3 non-polymer 'MAGNESIUM ION'
4 non-polymer 'SULFATE ION'
5 water water
#
_entity_poly.entity_id   1
_entity_poly.type   'polypeptide(L)'
_entity_poly.pdbx_seq_one_letter_code
;MGSSHHHHHHSSGRENLYFQGMKETNSEEADSGLAFFRNMYDKYRDAFLSHLNEYSLEEEIKEHISKYYKLLFDYNCLGG
KNNRGILVILIYEYVKNRDINSSEWEKAACLAWCIEILQAAFLVADDIMDKGEMRRNKYCWYLLKDVETKNAVNDVLLLY
NSIYKLIEIYLRNESCYVDVIATFRDATLKTIIGQHLDTNIFSDKYSDAHREIDVNNINVPEQPVIDINMINFGVYKNIV
IHKTAYYSFFLPIVCGMLLAGIAVDNLIYKKIEDISMLMGEYFQIHDDYLDIFGDSTKTGKVGSDIQNNKLTWPLIKTFE
LCSEPDKIKIVKNYGKNNLACVKVIDSLYEQYKIRKHYESYEKAQKAKILSAINELHHEGIEYVLKYLLEILFTGV
;
_entity_poly.pdbx_strand_id   A,B,C,D
#
# COMPACT_ATOMS: atom_id res chain seq x y z
N LEU A 34 24.85 3.66 -15.15
CA LEU A 34 24.30 3.32 -16.50
C LEU A 34 23.16 2.30 -16.38
N ALA A 35 23.49 1.20 -15.72
CA ALA A 35 22.57 0.18 -15.16
C ALA A 35 22.47 0.40 -13.66
N PHE A 36 23.58 0.88 -13.10
CA PHE A 36 23.62 1.60 -11.83
C PHE A 36 22.34 2.42 -11.55
N PHE A 37 21.88 3.13 -12.57
CA PHE A 37 20.80 4.11 -12.44
C PHE A 37 19.48 3.47 -12.01
N ARG A 38 18.92 2.56 -12.79
CA ARG A 38 17.60 1.99 -12.47
C ARG A 38 17.54 1.33 -11.08
N ASN A 39 18.69 0.89 -10.56
CA ASN A 39 18.74 0.19 -9.26
C ASN A 39 18.92 1.12 -8.07
N MET A 40 19.34 2.34 -8.33
CA MET A 40 19.53 3.32 -7.26
C MET A 40 18.24 4.03 -6.87
N TYR A 41 17.13 3.71 -7.54
CA TYR A 41 15.87 4.39 -7.28
C TYR A 41 15.50 4.33 -5.81
N ASP A 42 15.39 3.10 -5.30
CA ASP A 42 14.96 2.86 -3.91
C ASP A 42 15.79 3.66 -2.92
N LYS A 43 17.09 3.78 -3.19
CA LYS A 43 17.99 4.51 -2.30
C LYS A 43 17.51 5.94 -2.07
N TYR A 44 17.17 6.63 -3.16
CA TYR A 44 16.83 8.06 -3.10
C TYR A 44 15.40 8.31 -2.65
N ARG A 45 14.48 7.49 -3.15
CA ARG A 45 13.14 7.44 -2.64
C ARG A 45 13.13 7.29 -1.11
N ASP A 46 13.87 6.30 -0.60
CA ASP A 46 13.92 6.01 0.83
C ASP A 46 14.66 7.06 1.64
N ALA A 47 15.71 7.66 1.06
CA ALA A 47 16.38 8.79 1.69
C ALA A 47 15.33 9.85 1.99
N PHE A 48 14.49 10.16 1.00
CA PHE A 48 13.51 11.22 1.16
C PHE A 48 12.43 10.80 2.14
N LEU A 49 11.90 9.61 1.99
CA LEU A 49 10.87 9.14 2.92
C LEU A 49 11.40 9.10 4.35
N SER A 50 12.69 8.85 4.49
CA SER A 50 13.33 8.84 5.80
C SER A 50 13.35 10.25 6.41
N HIS A 51 13.52 11.28 5.60
CA HIS A 51 13.36 12.67 6.09
C HIS A 51 11.97 12.90 6.63
N LEU A 52 10.95 12.42 5.92
CA LEU A 52 9.55 12.59 6.35
C LEU A 52 9.32 11.91 7.68
N ASN A 53 9.96 10.76 7.85
CA ASN A 53 9.75 9.92 9.00
C ASN A 53 10.30 10.50 10.31
N GLU A 54 11.14 11.53 10.25
CA GLU A 54 11.69 12.12 11.47
C GLU A 54 10.87 13.33 11.91
N TYR A 55 9.74 13.58 11.25
CA TYR A 55 8.88 14.68 11.69
C TYR A 55 8.18 14.32 12.99
N SER A 56 7.80 15.34 13.76
CA SER A 56 7.11 15.12 15.03
C SER A 56 5.63 14.82 14.78
N LEU A 57 5.34 13.55 14.46
CA LEU A 57 3.98 13.10 14.23
C LEU A 57 3.72 11.80 14.97
N GLU A 58 2.48 11.61 15.41
CA GLU A 58 2.07 10.35 16.04
C GLU A 58 2.39 9.18 15.12
N GLU A 59 2.59 8.01 15.69
CA GLU A 59 3.13 6.89 14.92
C GLU A 59 2.16 6.32 13.89
N GLU A 60 0.86 6.32 14.18
CA GLU A 60 -0.11 5.82 13.20
C GLU A 60 -0.14 6.70 11.95
N ILE A 61 0.03 7.99 12.16
CA ILE A 61 0.05 8.96 11.07
C ILE A 61 1.32 8.83 10.22
N LYS A 62 2.47 8.68 10.86
CA LYS A 62 3.73 8.42 10.14
C LYS A 62 3.63 7.22 9.21
N GLU A 63 2.94 6.17 9.64
CA GLU A 63 2.81 4.96 8.82
C GLU A 63 1.95 5.25 7.60
N HIS A 64 0.86 5.98 7.80
CA HIS A 64 -0.04 6.31 6.71
C HIS A 64 0.60 7.22 5.71
N ILE A 65 1.28 8.25 6.19
CA ILE A 65 2.06 9.14 5.33
C ILE A 65 2.98 8.35 4.43
N SER A 66 3.72 7.41 5.01
CA SER A 66 4.66 6.60 4.26
C SER A 66 4.04 5.74 3.18
N LYS A 67 2.92 5.08 3.46
CA LYS A 67 2.22 4.30 2.43
C LYS A 67 1.94 5.22 1.25
N TYR A 68 1.34 6.39 1.53
CA TYR A 68 0.88 7.33 0.50
C TYR A 68 2.02 7.86 -0.33
N TYR A 69 3.05 8.38 0.32
CA TYR A 69 4.12 9.01 -0.39
C TYR A 69 5.00 8.00 -1.09
N LYS A 70 5.04 6.76 -0.61
CA LYS A 70 5.72 5.69 -1.35
C LYS A 70 5.01 5.39 -2.67
N LEU A 71 3.68 5.35 -2.66
CA LEU A 71 2.93 5.13 -3.88
C LEU A 71 3.08 6.32 -4.82
N LEU A 72 3.07 7.53 -4.28
CA LEU A 72 3.18 8.71 -5.11
C LEU A 72 4.44 8.64 -5.95
N PHE A 73 5.56 8.32 -5.30
CA PHE A 73 6.83 8.26 -5.99
C PHE A 73 6.82 7.10 -6.98
N ASP A 74 6.45 5.91 -6.52
CA ASP A 74 6.51 4.69 -7.33
C ASP A 74 5.64 4.80 -8.57
N TYR A 75 4.44 5.34 -8.41
CA TYR A 75 3.45 5.42 -9.48
C TYR A 75 3.82 6.45 -10.56
N ASN A 76 4.56 7.46 -10.16
CA ASN A 76 4.78 8.62 -11.01
C ASN A 76 6.21 8.80 -11.52
N CYS A 77 7.18 8.18 -10.87
CA CYS A 77 8.57 8.30 -11.31
C CYS A 77 8.97 7.15 -12.20
N LEU A 78 8.32 5.99 -12.03
CA LEU A 78 8.68 4.79 -12.77
C LEU A 78 7.83 4.58 -14.02
N GLY A 79 8.35 3.75 -14.93
CA GLY A 79 7.64 3.37 -16.14
C GLY A 79 7.93 4.28 -17.32
N GLY A 80 8.86 5.21 -17.15
CA GLY A 80 9.26 6.11 -18.23
C GLY A 80 10.47 5.60 -18.98
N LYS A 81 10.77 6.24 -20.09
CA LYS A 81 11.97 5.95 -20.88
C LYS A 81 13.24 6.51 -20.22
N ASN A 82 13.08 7.42 -19.26
CA ASN A 82 14.21 7.91 -18.46
C ASN A 82 15.36 8.55 -19.25
N ASN A 83 15.07 9.06 -20.43
CA ASN A 83 16.12 9.63 -21.28
C ASN A 83 16.84 10.81 -20.66
N ARG A 84 16.14 11.57 -19.82
CA ARG A 84 16.75 12.77 -19.21
C ARG A 84 17.70 12.37 -18.10
N GLY A 85 17.33 11.34 -17.35
CA GLY A 85 18.17 10.81 -16.30
C GLY A 85 19.44 10.21 -16.85
N ILE A 86 19.29 9.35 -17.85
CA ILE A 86 20.42 8.72 -18.52
C ILE A 86 21.39 9.77 -19.07
N LEU A 87 20.84 10.86 -19.60
CA LEU A 87 21.64 11.94 -20.16
C LEU A 87 22.53 12.59 -19.11
N VAL A 88 22.08 12.69 -17.87
CA VAL A 88 22.93 13.21 -16.80
C VAL A 88 24.07 12.23 -16.54
N ILE A 89 23.73 10.96 -16.48
CA ILE A 89 24.74 9.93 -16.22
C ILE A 89 25.82 9.85 -17.32
N LEU A 90 25.38 9.81 -18.58
CA LEU A 90 26.30 9.76 -19.70
C LEU A 90 27.14 11.03 -19.81
N ILE A 91 26.54 12.20 -19.67
CA ILE A 91 27.33 13.42 -19.71
C ILE A 91 28.40 13.39 -18.63
N TYR A 92 28.05 12.87 -17.47
CA TYR A 92 29.00 12.83 -16.37
C TYR A 92 30.22 11.95 -16.70
N GLU A 93 29.98 10.77 -17.24
CA GLU A 93 31.07 9.83 -17.51
C GLU A 93 32.01 10.38 -18.57
N TYR A 94 31.45 10.79 -19.70
CA TYR A 94 32.26 11.14 -20.86
C TYR A 94 32.85 12.55 -20.85
N VAL A 95 32.49 13.38 -19.88
CA VAL A 95 33.16 14.66 -19.67
C VAL A 95 34.49 14.42 -18.94
N LYS A 96 34.58 13.31 -18.20
CA LYS A 96 35.77 12.94 -17.40
C LYS A 96 36.70 11.91 -18.05
N ASN A 97 37.86 11.76 -17.43
CA ASN A 97 38.69 10.58 -17.57
C ASN A 97 38.48 9.79 -16.26
N ARG A 98 37.79 8.65 -16.35
CA ARG A 98 37.28 7.97 -15.15
C ARG A 98 38.35 7.72 -14.10
N ILE A 100 36.19 7.69 -11.68
CA ILE A 100 34.88 7.82 -11.04
C ILE A 100 34.63 6.70 -10.02
N ASN A 101 34.74 7.03 -8.73
CA ASN A 101 34.46 6.05 -7.68
C ASN A 101 32.95 5.98 -7.40
N SER A 102 32.51 4.91 -6.74
CA SER A 102 31.08 4.70 -6.51
C SER A 102 30.46 5.71 -5.48
N SER A 103 31.29 6.51 -4.81
CA SER A 103 30.80 7.66 -4.04
C SER A 103 30.48 8.87 -4.95
N GLU A 104 31.27 9.06 -5.99
CA GLU A 104 31.01 10.13 -6.97
C GLU A 104 29.82 9.76 -7.86
N TRP A 105 29.68 8.47 -8.19
CA TRP A 105 28.50 7.99 -8.89
C TRP A 105 27.22 8.22 -8.13
N GLU A 106 27.28 8.19 -6.79
CA GLU A 106 26.08 8.37 -5.96
C GLU A 106 25.53 9.78 -6.14
N LYS A 107 26.41 10.77 -6.22
CA LYS A 107 25.99 12.13 -6.47
C LYS A 107 25.39 12.27 -7.90
N ALA A 108 25.98 11.58 -8.88
CA ALA A 108 25.50 11.65 -10.28
C ALA A 108 24.11 11.10 -10.40
N ALA A 109 23.93 9.86 -9.94
CA ALA A 109 22.63 9.23 -9.98
C ALA A 109 21.57 9.97 -9.18
N CYS A 110 21.97 10.70 -8.14
CA CYS A 110 21.02 11.52 -7.38
C CYS A 110 20.40 12.61 -8.28
N LEU A 111 21.25 13.48 -8.80
CA LEU A 111 20.90 14.42 -9.85
C LEU A 111 20.09 13.79 -10.98
N ALA A 112 20.40 12.55 -11.33
CA ALA A 112 19.67 11.89 -12.42
C ALA A 112 18.25 11.58 -12.03
N TRP A 113 18.05 11.12 -10.80
CA TRP A 113 16.70 10.83 -10.32
C TRP A 113 15.94 12.08 -10.01
N CYS A 114 16.63 13.15 -9.65
CA CYS A 114 15.97 14.43 -9.45
C CYS A 114 15.31 14.91 -10.72
N ILE A 115 16.01 14.79 -11.84
CA ILE A 115 15.43 15.13 -13.14
C ILE A 115 14.21 14.24 -13.45
N GLU A 116 14.30 12.95 -13.16
CA GLU A 116 13.17 12.08 -13.39
C GLU A 116 12.02 12.40 -12.43
N ILE A 117 12.32 12.90 -11.23
CA ILE A 117 11.27 13.34 -10.30
C ILE A 117 10.65 14.64 -10.80
N LEU A 118 11.47 15.57 -11.28
CA LEU A 118 10.99 16.80 -11.92
C LEU A 118 10.03 16.43 -13.03
N GLN A 119 10.43 15.49 -13.89
CA GLN A 119 9.58 15.02 -14.97
C GLN A 119 8.25 14.52 -14.42
N ALA A 120 8.30 13.67 -13.39
CA ALA A 120 7.09 13.18 -12.72
C ALA A 120 6.20 14.33 -12.28
N ALA A 121 6.79 15.32 -11.60
CA ALA A 121 6.01 16.43 -11.10
C ALA A 121 5.34 17.11 -12.25
N PHE A 122 6.10 17.47 -13.28
CA PHE A 122 5.52 18.14 -14.45
C PHE A 122 4.41 17.36 -15.14
N LEU A 123 4.54 16.05 -15.23
CA LEU A 123 3.55 15.27 -15.97
C LEU A 123 2.25 15.16 -15.17
N VAL A 124 2.35 15.05 -13.84
CA VAL A 124 1.17 15.08 -13.02
C VAL A 124 0.45 16.39 -13.26
N ALA A 125 1.17 17.51 -13.20
CA ALA A 125 0.58 18.82 -13.42
C ALA A 125 -0.01 18.95 -14.84
N ASP A 126 0.76 18.56 -15.85
CA ASP A 126 0.31 18.65 -17.26
C ASP A 126 -0.97 17.89 -17.48
N ASP A 127 -1.09 16.72 -16.86
CA ASP A 127 -2.31 15.94 -17.02
C ASP A 127 -3.52 16.62 -16.40
N ILE A 128 -3.35 17.39 -15.32
CA ILE A 128 -4.49 18.14 -14.78
C ILE A 128 -4.90 19.23 -15.77
N MET A 129 -3.90 19.95 -16.28
CA MET A 129 -4.11 21.08 -17.18
C MET A 129 -4.66 20.66 -18.55
N ASP A 130 -4.13 19.57 -19.13
CA ASP A 130 -4.59 19.07 -20.42
C ASP A 130 -5.77 18.08 -20.30
N LYS A 131 -6.35 17.93 -19.11
CA LYS A 131 -7.42 16.92 -18.87
C LYS A 131 -7.05 15.53 -19.39
N GLY A 132 -5.91 15.01 -18.96
CA GLY A 132 -5.40 13.74 -19.46
C GLY A 132 -6.21 12.57 -18.95
N GLU A 133 -6.07 11.45 -19.64
CA GLU A 133 -6.75 10.22 -19.27
C GLU A 133 -5.74 9.21 -18.82
N MET A 134 -4.78 8.95 -19.71
CA MET A 134 -3.85 7.86 -19.59
C MET A 134 -2.45 8.44 -19.62
N ARG A 135 -1.57 7.91 -18.78
CA ARG A 135 -0.18 8.28 -18.82
C ARG A 135 0.72 7.11 -18.43
N ARG A 136 1.76 6.90 -19.24
CA ARG A 136 2.61 5.72 -19.16
C ARG A 136 1.74 4.48 -18.98
N ASN A 137 0.70 4.40 -19.79
CA ASN A 137 -0.19 3.27 -19.83
C ASN A 137 -1.04 2.97 -18.60
N LYS A 138 -1.12 3.91 -17.67
CA LYS A 138 -2.06 3.77 -16.56
C LYS A 138 -2.84 5.06 -16.44
N TYR A 139 -3.90 5.04 -15.64
CA TYR A 139 -4.70 6.22 -15.36
C TYR A 139 -3.85 7.33 -14.77
N CYS A 140 -4.14 8.57 -15.16
CA CYS A 140 -3.47 9.73 -14.57
C CYS A 140 -3.76 9.83 -13.09
N TRP A 141 -2.73 10.19 -12.34
CA TRP A 141 -2.82 10.32 -10.90
C TRP A 141 -4.06 11.07 -10.48
N TYR A 142 -4.25 12.28 -11.02
CA TYR A 142 -5.36 13.13 -10.58
C TYR A 142 -6.73 12.47 -10.73
N LEU A 143 -6.85 11.47 -11.61
CA LEU A 143 -8.14 10.79 -11.80
C LEU A 143 -8.47 9.75 -10.75
N LEU A 144 -7.48 9.14 -10.13
CA LEU A 144 -7.71 8.16 -9.07
C LEU A 144 -8.61 8.75 -7.99
N LYS A 145 -9.58 7.99 -7.51
CA LYS A 145 -10.59 8.53 -6.58
C LYS A 145 -10.08 8.77 -5.16
N ASP A 146 -9.04 8.06 -4.74
CA ASP A 146 -8.40 8.32 -3.47
C ASP A 146 -7.42 9.50 -3.54
N VAL A 147 -7.25 10.06 -4.74
CA VAL A 147 -6.34 11.20 -4.95
C VAL A 147 -7.16 12.45 -5.27
N GLU A 148 -7.70 12.50 -6.47
CA GLU A 148 -8.45 13.65 -6.98
C GLU A 148 -7.53 14.83 -7.19
N THR A 149 -8.04 15.88 -7.84
CA THR A 149 -7.26 17.11 -8.10
C THR A 149 -6.72 17.76 -6.81
N LYS A 150 -7.53 17.82 -5.75
CA LYS A 150 -7.06 18.46 -4.53
C LYS A 150 -5.75 17.87 -4.06
N ASN A 151 -5.66 16.55 -4.07
CA ASN A 151 -4.42 15.89 -3.70
C ASN A 151 -3.35 16.01 -4.77
N ALA A 152 -3.75 15.90 -6.03
CA ALA A 152 -2.81 15.94 -7.16
C ALA A 152 -1.98 17.21 -7.12
N VAL A 153 -2.63 18.33 -6.83
CA VAL A 153 -1.96 19.63 -6.81
C VAL A 153 -0.96 19.66 -5.66
N ASN A 154 -1.41 19.27 -4.48
CA ASN A 154 -0.54 19.24 -3.32
C ASN A 154 0.69 18.36 -3.58
N ASP A 155 0.44 17.19 -4.16
CA ASP A 155 1.48 16.20 -4.45
C ASP A 155 2.51 16.65 -5.49
N VAL A 156 2.09 17.50 -6.43
CA VAL A 156 3.03 18.11 -7.37
C VAL A 156 4.07 18.93 -6.61
N LEU A 157 3.60 19.84 -5.76
CA LEU A 157 4.51 20.65 -4.96
C LEU A 157 5.40 19.84 -4.02
N LEU A 158 4.93 18.69 -3.57
CA LEU A 158 5.76 17.84 -2.75
C LEU A 158 6.87 17.19 -3.58
N LEU A 159 6.54 16.63 -4.73
CA LEU A 159 7.55 16.03 -5.58
C LEU A 159 8.58 17.07 -5.92
N TYR A 160 8.10 18.25 -6.28
CA TYR A 160 8.99 19.29 -6.69
C TYR A 160 9.97 19.60 -5.57
N ASN A 161 9.49 19.75 -4.35
CA ASN A 161 10.38 20.11 -3.26
C ASN A 161 11.26 18.96 -2.85
N SER A 162 10.81 17.73 -3.07
CA SER A 162 11.64 16.58 -2.73
C SER A 162 13.00 16.68 -3.45
N ILE A 163 12.97 17.12 -4.69
CA ILE A 163 14.17 17.37 -5.48
C ILE A 163 15.23 18.09 -4.69
N TYR A 164 14.89 19.25 -4.13
CA TYR A 164 15.90 20.06 -3.45
C TYR A 164 16.32 19.49 -2.10
N LYS A 165 15.41 18.86 -1.39
CA LYS A 165 15.79 18.10 -0.23
C LYS A 165 16.84 17.03 -0.61
N LEU A 166 16.54 16.22 -1.63
CA LEU A 166 17.51 15.21 -2.09
C LEU A 166 18.86 15.84 -2.46
N ILE A 167 18.83 16.91 -3.25
CA ILE A 167 20.07 17.57 -3.66
C ILE A 167 20.89 18.02 -2.42
N GLU A 168 20.21 18.47 -1.38
CA GLU A 168 20.89 18.85 -0.15
C GLU A 168 21.51 17.63 0.52
N ILE A 169 20.78 16.53 0.57
CA ILE A 169 21.31 15.36 1.24
C ILE A 169 22.63 14.92 0.61
N TYR A 170 22.73 14.94 -0.71
CA TYR A 170 23.85 14.32 -1.40
C TYR A 170 24.91 15.27 -1.97
N LEU A 171 24.65 16.56 -1.98
CA LEU A 171 25.58 17.52 -2.57
C LEU A 171 25.72 18.81 -1.78
N ARG A 172 25.28 18.84 -0.53
CA ARG A 172 25.38 20.07 0.29
C ARG A 172 26.81 20.60 0.31
N ASN A 173 27.77 19.67 0.39
CA ASN A 173 29.19 20.00 0.60
C ASN A 173 30.00 20.13 -0.68
N GLU A 174 29.40 19.85 -1.83
CA GLU A 174 30.05 20.09 -3.11
C GLU A 174 30.06 21.58 -3.41
N SER A 175 30.96 21.98 -4.29
CA SER A 175 31.13 23.39 -4.61
C SER A 175 30.06 23.87 -5.60
N CYS A 176 29.58 22.95 -6.43
CA CYS A 176 28.55 23.27 -7.42
C CYS A 176 27.12 23.33 -6.86
N TYR A 177 26.97 22.96 -5.59
CA TYR A 177 25.68 22.94 -4.93
C TYR A 177 24.80 24.15 -5.28
N VAL A 178 25.29 25.35 -5.02
CA VAL A 178 24.49 26.54 -5.25
C VAL A 178 24.10 26.71 -6.70
N ASP A 179 24.98 26.32 -7.61
CA ASP A 179 24.73 26.47 -9.05
C ASP A 179 23.78 25.41 -9.55
N VAL A 180 23.94 24.18 -9.07
CA VAL A 180 23.02 23.11 -9.39
C VAL A 180 21.58 23.47 -8.98
N ILE A 181 21.38 23.91 -7.74
CA ILE A 181 20.03 24.30 -7.36
C ILE A 181 19.59 25.55 -8.14
N ALA A 182 20.52 26.44 -8.46
CA ALA A 182 20.18 27.57 -9.33
C ALA A 182 19.72 27.15 -10.74
N THR A 183 20.28 26.07 -11.28
CA THR A 183 19.86 25.59 -12.59
C THR A 183 18.47 24.92 -12.57
N PHE A 184 18.19 24.12 -11.53
CA PHE A 184 16.87 23.52 -11.42
C PHE A 184 15.84 24.65 -11.32
N ARG A 185 16.16 25.67 -10.55
CA ARG A 185 15.22 26.76 -10.35
C ARG A 185 14.93 27.50 -11.64
N ASP A 186 15.97 27.79 -12.41
CA ASP A 186 15.78 28.61 -13.62
C ASP A 186 15.24 27.82 -14.79
N ALA A 187 15.52 26.52 -14.86
CA ALA A 187 14.86 25.65 -15.82
C ALA A 187 13.37 25.55 -15.53
N THR A 188 13.01 25.40 -14.26
CA THR A 188 11.61 25.29 -13.88
C THR A 188 10.86 26.54 -14.27
N LEU A 189 11.46 27.70 -14.05
CA LEU A 189 10.76 28.97 -14.38
C LEU A 189 10.48 29.09 -15.88
N LYS A 190 11.43 28.67 -16.68
CA LYS A 190 11.22 28.70 -18.09
C LYS A 190 10.11 27.72 -18.46
N THR A 191 10.09 26.56 -17.83
CA THR A 191 9.05 25.59 -18.14
C THR A 191 7.67 26.15 -17.76
N ILE A 192 7.58 26.86 -16.63
CA ILE A 192 6.31 27.43 -16.20
C ILE A 192 5.77 28.45 -17.20
N ILE A 193 6.62 29.35 -17.69
CA ILE A 193 6.18 30.30 -18.70
C ILE A 193 5.84 29.54 -19.95
N GLY A 194 6.63 28.53 -20.26
CA GLY A 194 6.33 27.64 -21.37
C GLY A 194 4.91 27.11 -21.37
N GLN A 195 4.46 26.49 -20.28
CA GLN A 195 3.09 26.02 -20.21
C GLN A 195 2.11 27.14 -20.27
N HIS A 196 2.48 28.27 -19.67
CA HIS A 196 1.57 29.38 -19.66
C HIS A 196 1.20 29.72 -21.07
N LEU A 197 2.18 29.77 -21.95
CA LEU A 197 1.88 30.12 -23.35
C LEU A 197 1.17 28.96 -24.05
N ASP A 198 1.60 27.73 -23.79
CA ASP A 198 0.93 26.56 -24.34
C ASP A 198 -0.60 26.59 -24.09
N THR A 199 -0.99 27.05 -22.91
CA THR A 199 -2.38 27.01 -22.48
C THR A 199 -3.17 28.25 -22.88
N ASN A 200 -2.51 29.36 -23.15
CA ASN A 200 -3.19 30.63 -23.27
C ASN A 200 -2.98 31.41 -24.56
N ILE A 201 -2.17 30.88 -25.48
CA ILE A 201 -1.82 31.62 -26.69
C ILE A 201 -3.04 31.95 -27.57
N PHE A 202 -4.11 31.14 -27.51
CA PHE A 202 -5.33 31.41 -28.26
C PHE A 202 -6.49 32.06 -27.44
N SER A 203 -6.26 32.45 -26.19
CA SER A 203 -7.36 32.91 -25.33
C SER A 203 -7.66 34.39 -25.53
N ASP A 204 -8.86 34.82 -25.10
CA ASP A 204 -9.30 36.24 -25.22
C ASP A 204 -8.31 37.16 -24.55
N LYS A 205 -7.77 36.74 -23.41
CA LYS A 205 -6.66 37.47 -22.81
C LYS A 205 -5.72 38.09 -23.87
N TYR A 206 -5.32 37.30 -24.87
CA TYR A 206 -4.19 37.64 -25.73
C TYR A 206 -4.58 38.11 -27.14
N SER A 207 -5.71 38.78 -27.27
CA SER A 207 -6.20 39.22 -28.58
C SER A 207 -6.63 40.70 -28.55
N GLU A 212 -7.66 43.86 -21.47
CA GLU A 212 -7.37 43.73 -20.02
C GLU A 212 -8.13 42.53 -19.37
N ILE A 213 -7.45 41.82 -18.45
CA ILE A 213 -8.00 40.62 -17.81
C ILE A 213 -9.20 40.93 -16.94
N ASP A 214 -10.35 40.30 -17.20
CA ASP A 214 -11.56 40.68 -16.52
C ASP A 214 -11.63 40.02 -15.15
N VAL A 215 -11.43 40.82 -14.11
CA VAL A 215 -11.38 40.33 -12.74
C VAL A 215 -12.76 40.18 -12.09
N ASN A 216 -13.83 40.42 -12.86
CA ASN A 216 -15.17 40.22 -12.33
C ASN A 216 -15.95 39.09 -12.97
N ASN A 217 -15.38 38.49 -14.01
CA ASN A 217 -16.04 37.37 -14.66
C ASN A 217 -15.63 36.03 -14.04
N ILE A 218 -16.51 35.42 -13.26
CA ILE A 218 -16.29 34.05 -12.78
C ILE A 218 -17.30 33.08 -13.35
N ASN A 219 -18.00 33.49 -14.41
CA ASN A 219 -19.18 32.79 -14.84
C ASN A 219 -19.21 32.39 -16.31
N VAL A 220 -18.84 33.31 -17.20
CA VAL A 220 -19.00 33.13 -18.65
C VAL A 220 -17.70 32.63 -19.31
N PRO A 221 -17.61 31.32 -19.60
CA PRO A 221 -16.36 30.79 -20.14
C PRO A 221 -16.25 31.01 -21.63
N GLU A 222 -15.12 31.54 -22.08
CA GLU A 222 -14.86 31.69 -23.51
C GLU A 222 -14.86 30.32 -24.17
N GLN A 223 -15.53 30.21 -25.31
CA GLN A 223 -15.47 28.99 -26.11
C GLN A 223 -14.20 29.03 -26.97
N PRO A 224 -13.37 27.97 -26.91
CA PRO A 224 -12.04 28.08 -27.51
C PRO A 224 -12.06 28.21 -29.04
N VAL A 225 -11.35 29.20 -29.56
CA VAL A 225 -11.29 29.47 -30.98
C VAL A 225 -9.85 29.83 -31.32
N ILE A 226 -9.32 29.27 -32.42
CA ILE A 226 -7.95 29.59 -32.80
C ILE A 226 -7.84 31.04 -33.26
N ASP A 227 -6.63 31.60 -33.13
CA ASP A 227 -6.30 32.95 -33.62
C ASP A 227 -5.21 32.85 -34.69
N ILE A 228 -5.52 33.36 -35.89
CA ILE A 228 -4.66 33.22 -37.06
C ILE A 228 -3.28 33.85 -36.89
N ASN A 229 -3.20 35.00 -36.21
CA ASN A 229 -1.90 35.69 -36.06
C ASN A 229 -0.86 34.82 -35.40
N MET A 230 -1.30 33.97 -34.49
CA MET A 230 -0.42 33.16 -33.67
C MET A 230 0.04 31.87 -34.35
N ILE A 231 -0.66 31.46 -35.39
CA ILE A 231 -0.30 30.23 -36.09
C ILE A 231 0.92 30.48 -36.98
N ASN A 232 2.10 30.46 -36.39
CA ASN A 232 3.35 30.52 -37.15
C ASN A 232 4.53 29.91 -36.40
N PHE A 233 5.52 29.39 -37.11
CA PHE A 233 6.65 28.73 -36.45
C PHE A 233 7.35 29.61 -35.42
N GLY A 234 7.40 30.92 -35.65
CA GLY A 234 8.09 31.82 -34.73
C GLY A 234 7.56 31.68 -33.33
N VAL A 235 6.25 31.84 -33.20
CA VAL A 235 5.57 31.71 -31.92
C VAL A 235 5.66 30.30 -31.40
N TYR A 236 5.46 29.33 -32.30
CA TYR A 236 5.53 27.93 -31.90
C TYR A 236 6.89 27.59 -31.25
N LYS A 237 7.99 28.15 -31.78
CA LYS A 237 9.35 27.91 -31.29
C LYS A 237 9.53 28.46 -29.89
N ASN A 238 9.15 29.73 -29.72
CA ASN A 238 9.07 30.33 -28.38
C ASN A 238 8.47 29.37 -27.35
N ILE A 239 7.28 28.87 -27.64
CA ILE A 239 6.61 27.97 -26.73
C ILE A 239 7.41 26.68 -26.54
N VAL A 240 7.71 25.96 -27.61
CA VAL A 240 8.30 24.62 -27.44
C VAL A 240 9.67 24.71 -26.78
N ILE A 241 10.42 25.77 -27.05
CA ILE A 241 11.74 25.97 -26.42
C ILE A 241 11.62 26.14 -24.91
N HIS A 242 10.67 26.95 -24.47
CA HIS A 242 10.49 27.18 -23.04
C HIS A 242 9.82 26.05 -22.33
N LYS A 243 8.87 25.36 -22.97
CA LYS A 243 8.16 24.33 -22.26
C LYS A 243 8.90 23.02 -22.25
N THR A 244 9.87 22.84 -23.14
CA THR A 244 10.59 21.55 -23.22
C THR A 244 12.11 21.64 -23.20
N ALA A 245 12.67 22.51 -24.02
CA ALA A 245 14.10 22.53 -24.27
C ALA A 245 14.94 22.68 -23.03
N TYR A 246 14.57 23.58 -22.13
CA TYR A 246 15.42 23.84 -20.96
C TYR A 246 15.46 22.69 -19.97
N TYR A 247 14.32 22.11 -19.64
CA TYR A 247 14.39 21.09 -18.61
C TYR A 247 14.77 19.69 -19.15
N SER A 248 14.50 19.43 -20.41
CA SER A 248 14.74 18.09 -20.98
C SER A 248 16.15 17.89 -21.51
N PHE A 249 16.84 18.98 -21.83
CA PHE A 249 18.13 18.89 -22.49
C PHE A 249 19.16 19.78 -21.85
N PHE A 250 18.86 21.05 -21.65
CA PHE A 250 19.83 21.92 -21.03
C PHE A 250 20.10 21.52 -19.59
N LEU A 251 19.06 21.34 -18.80
CA LEU A 251 19.20 21.05 -17.38
C LEU A 251 20.04 19.81 -17.11
N PRO A 252 19.67 18.65 -17.67
CA PRO A 252 20.49 17.44 -17.46
C PRO A 252 21.94 17.54 -17.97
N ILE A 253 22.15 18.14 -19.14
CA ILE A 253 23.50 18.35 -19.65
C ILE A 253 24.30 19.20 -18.70
N VAL A 254 23.77 20.37 -18.32
CA VAL A 254 24.49 21.26 -17.41
C VAL A 254 24.73 20.70 -16.00
N CYS A 255 23.83 19.85 -15.51
CA CYS A 255 24.05 19.20 -14.22
C CYS A 255 25.30 18.35 -14.26
N GLY A 256 25.31 17.36 -15.15
CA GLY A 256 26.49 16.52 -15.37
C GLY A 256 27.78 17.31 -15.44
N MET A 257 27.81 18.38 -16.24
CA MET A 257 29.00 19.17 -16.40
C MET A 257 29.38 19.86 -15.11
N LEU A 258 28.41 20.52 -14.48
CA LEU A 258 28.65 21.16 -13.18
C LEU A 258 29.23 20.18 -12.19
N LEU A 259 28.63 19.01 -12.10
CA LEU A 259 29.10 18.00 -11.16
C LEU A 259 30.51 17.53 -11.49
N ALA A 260 30.85 17.47 -12.78
CA ALA A 260 32.20 17.04 -13.23
C ALA A 260 33.24 18.15 -13.15
N GLY A 261 32.90 19.29 -12.56
CA GLY A 261 33.88 20.31 -12.24
C GLY A 261 34.07 21.41 -13.28
N ILE A 262 33.33 21.35 -14.38
CA ILE A 262 33.47 22.35 -15.46
C ILE A 262 32.97 23.74 -15.05
N ALA A 263 33.83 24.74 -15.25
CA ALA A 263 33.57 26.11 -14.81
C ALA A 263 32.29 26.69 -15.44
N VAL A 264 31.33 27.07 -14.58
CA VAL A 264 30.04 27.67 -15.01
C VAL A 264 30.18 28.83 -16.00
N ASP A 265 31.24 29.62 -15.84
CA ASP A 265 31.50 30.80 -16.68
C ASP A 265 31.96 30.47 -18.13
N ASN A 266 32.31 29.21 -18.38
CA ASN A 266 32.90 28.75 -19.66
C ASN A 266 31.98 28.94 -20.87
N LEU A 267 32.56 29.19 -22.05
CA LEU A 267 31.77 29.47 -23.28
C LEU A 267 31.09 28.25 -23.92
N ILE A 268 31.34 27.07 -23.37
CA ILE A 268 30.75 25.82 -23.85
C ILE A 268 29.27 25.76 -23.47
N TYR A 269 28.87 26.51 -22.44
CA TYR A 269 27.48 26.53 -21.99
C TYR A 269 26.54 27.22 -22.96
N LYS A 270 26.99 28.28 -23.61
CA LYS A 270 26.14 28.99 -24.58
C LYS A 270 26.01 28.20 -25.89
N LYS A 271 27.01 27.36 -26.18
CA LYS A 271 26.91 26.43 -27.31
C LYS A 271 25.94 25.31 -26.97
N ILE A 272 26.04 24.80 -25.74
CA ILE A 272 25.10 23.78 -25.23
C ILE A 272 23.65 24.29 -25.20
N GLU A 273 23.44 25.55 -24.86
CA GLU A 273 22.10 26.13 -24.81
C GLU A 273 21.44 26.09 -26.19
N ASP A 274 22.18 26.46 -27.22
CA ASP A 274 21.65 26.48 -28.59
C ASP A 274 21.34 25.09 -29.14
N ILE A 275 22.17 24.10 -28.83
CA ILE A 275 21.88 22.70 -29.20
C ILE A 275 20.63 22.22 -28.45
N SER A 276 20.48 22.68 -27.22
CA SER A 276 19.31 22.35 -26.42
C SER A 276 18.05 22.92 -27.06
N MET A 277 18.13 24.12 -27.63
CA MET A 277 16.97 24.71 -28.25
C MET A 277 16.56 23.86 -29.48
N LEU A 278 17.55 23.41 -30.25
CA LEU A 278 17.24 22.65 -31.45
C LEU A 278 16.66 21.27 -31.14
N MET A 279 17.17 20.63 -30.10
CA MET A 279 16.68 19.34 -29.72
C MET A 279 15.26 19.40 -29.18
N GLY A 280 14.96 20.43 -28.41
CA GLY A 280 13.63 20.61 -27.87
C GLY A 280 12.60 20.82 -28.94
N GLU A 281 12.92 21.64 -29.93
CA GLU A 281 12.05 21.82 -31.09
C GLU A 281 11.82 20.44 -31.74
N TYR A 282 12.91 19.74 -32.02
CA TYR A 282 12.89 18.41 -32.63
C TYR A 282 12.05 17.44 -31.82
N PHE A 283 12.20 17.48 -30.50
CA PHE A 283 11.50 16.56 -29.64
C PHE A 283 10.00 16.88 -29.58
N GLN A 284 9.66 18.13 -29.36
CA GLN A 284 8.26 18.47 -29.19
C GLN A 284 7.42 18.23 -30.45
N ILE A 285 7.98 18.57 -31.61
CA ILE A 285 7.32 18.32 -32.90
C ILE A 285 7.06 16.82 -33.05
N HIS A 286 8.01 15.99 -32.62
CA HIS A 286 7.74 14.56 -32.60
C HIS A 286 6.62 14.23 -31.64
N ASP A 287 6.59 14.87 -30.46
CA ASP A 287 5.49 14.68 -29.54
C ASP A 287 4.15 15.00 -30.20
N ASP A 288 4.13 16.08 -30.97
CA ASP A 288 2.91 16.55 -31.65
C ASP A 288 2.47 15.57 -32.77
N TYR A 289 3.42 15.10 -33.56
CA TYR A 289 3.17 14.02 -34.53
C TYR A 289 2.50 12.80 -33.87
N LEU A 290 3.11 12.28 -32.81
CA LEU A 290 2.52 11.14 -32.08
C LEU A 290 1.11 11.41 -31.59
N ASP A 291 0.77 12.68 -31.36
CA ASP A 291 -0.57 13.00 -30.89
C ASP A 291 -1.62 12.56 -31.90
N ILE A 292 -1.30 12.67 -33.18
CA ILE A 292 -2.23 12.30 -34.27
C ILE A 292 -1.99 10.88 -34.82
N PHE A 293 -0.74 10.47 -34.91
CA PHE A 293 -0.40 9.24 -35.61
C PHE A 293 0.17 8.12 -34.77
N GLY A 294 0.22 8.30 -33.45
CA GLY A 294 0.80 7.30 -32.57
C GLY A 294 -0.26 6.34 -32.06
N ASP A 295 0.11 5.08 -31.87
CA ASP A 295 -0.76 4.12 -31.20
C ASP A 295 -0.77 4.47 -29.71
N SER A 296 -1.95 4.74 -29.15
CA SER A 296 -2.06 5.12 -27.74
C SER A 296 -1.62 4.02 -26.76
N THR A 297 -1.52 2.80 -27.26
CA THR A 297 -0.99 1.68 -26.48
C THR A 297 0.54 1.66 -26.50
N LYS A 298 1.13 2.14 -27.59
CA LYS A 298 2.60 2.27 -27.71
C LYS A 298 3.14 3.54 -27.05
N THR A 299 2.47 4.68 -27.26
CA THR A 299 2.88 5.96 -26.64
C THR A 299 2.51 6.06 -25.15
N GLY A 300 1.53 5.24 -24.72
CA GLY A 300 1.10 5.21 -23.33
C GLY A 300 0.09 6.29 -22.91
N LYS A 301 -0.37 7.08 -23.88
CA LYS A 301 -1.21 8.25 -23.64
C LYS A 301 -2.14 8.54 -24.80
N VAL A 302 -3.17 9.33 -24.54
CA VAL A 302 -4.22 9.60 -25.52
C VAL A 302 -4.11 10.98 -26.13
N GLY A 303 -4.14 11.04 -27.44
CA GLY A 303 -4.02 12.31 -28.15
C GLY A 303 -5.20 13.24 -27.93
N SER A 304 -4.91 14.48 -27.55
CA SER A 304 -5.94 15.46 -27.23
C SER A 304 -5.67 16.89 -27.74
N ASP A 305 -4.59 17.10 -28.51
CA ASP A 305 -4.15 18.46 -28.89
C ASP A 305 -5.26 19.28 -29.59
N ILE A 306 -6.00 18.63 -30.51
CA ILE A 306 -7.06 19.30 -31.29
C ILE A 306 -8.21 19.75 -30.39
N GLN A 307 -8.78 18.83 -29.63
CA GLN A 307 -9.92 19.16 -28.76
C GLN A 307 -9.55 20.20 -27.73
N ASN A 308 -8.30 20.18 -27.26
CA ASN A 308 -7.81 21.17 -26.27
C ASN A 308 -7.26 22.49 -26.85
N ASN A 309 -7.43 22.70 -28.14
CA ASN A 309 -7.09 23.99 -28.74
C ASN A 309 -5.59 24.33 -28.67
N LYS A 310 -4.74 23.38 -29.00
CA LYS A 310 -3.30 23.59 -28.85
C LYS A 310 -2.66 24.01 -30.14
N LEU A 311 -1.71 24.95 -30.04
CA LEU A 311 -0.86 25.28 -31.15
C LEU A 311 0.12 24.12 -31.36
N THR A 312 -0.08 23.34 -32.42
CA THR A 312 0.74 22.16 -32.67
C THR A 312 1.37 22.28 -34.05
N TRP A 313 2.44 21.54 -34.28
CA TRP A 313 3.16 21.64 -35.55
C TRP A 313 2.32 21.22 -36.74
N PRO A 314 1.57 20.11 -36.64
CA PRO A 314 0.66 19.76 -37.72
C PRO A 314 -0.34 20.85 -38.07
N LEU A 315 -0.82 21.60 -37.07
CA LEU A 315 -1.73 22.70 -37.33
C LEU A 315 -1.02 23.73 -38.19
N ILE A 316 0.20 24.09 -37.81
CA ILE A 316 0.91 25.16 -38.49
C ILE A 316 1.27 24.75 -39.90
N LYS A 317 1.69 23.50 -40.09
CA LYS A 317 2.09 23.03 -41.42
C LYS A 317 0.91 22.98 -42.37
N THR A 318 -0.23 22.46 -41.88
CA THR A 318 -1.47 22.43 -42.65
C THR A 318 -1.90 23.84 -43.05
N PHE A 319 -1.72 24.81 -42.15
CA PHE A 319 -2.10 26.18 -42.44
C PHE A 319 -1.21 26.82 -43.51
N GLU A 320 0.07 26.49 -43.52
CA GLU A 320 0.96 27.07 -44.53
C GLU A 320 0.77 26.36 -45.91
N LEU A 321 0.15 25.17 -45.93
CA LEU A 321 -0.04 24.41 -47.17
C LEU A 321 -1.45 24.46 -47.75
N CYS A 322 -2.46 24.69 -46.92
CA CYS A 322 -3.84 24.43 -47.37
C CYS A 322 -4.50 25.62 -48.06
N SER A 323 -5.63 25.32 -48.68
CA SER A 323 -6.43 26.29 -49.41
C SER A 323 -7.32 27.10 -48.46
N GLU A 324 -7.77 28.26 -48.94
CA GLU A 324 -8.64 29.16 -48.20
C GLU A 324 -9.92 28.50 -47.66
N PRO A 325 -10.56 27.67 -48.51
CA PRO A 325 -11.72 26.91 -48.07
C PRO A 325 -11.43 25.94 -46.93
N ASP A 326 -10.17 25.52 -46.81
CA ASP A 326 -9.77 24.62 -45.73
C ASP A 326 -9.30 25.36 -44.45
N LYS A 327 -8.82 26.59 -44.59
CA LYS A 327 -8.56 27.42 -43.39
C LYS A 327 -9.86 27.76 -42.67
N ILE A 328 -10.92 28.05 -43.42
CA ILE A 328 -12.22 28.25 -42.84
C ILE A 328 -12.66 26.96 -42.15
N LYS A 329 -12.40 25.84 -42.79
CA LYS A 329 -12.78 24.54 -42.26
C LYS A 329 -11.99 24.20 -41.00
N ILE A 330 -10.76 24.70 -40.93
CA ILE A 330 -9.92 24.53 -39.74
C ILE A 330 -10.41 25.39 -38.58
N VAL A 331 -10.68 26.66 -38.86
CA VAL A 331 -11.11 27.59 -37.82
C VAL A 331 -12.45 27.21 -37.19
N LYS A 332 -13.37 26.69 -38.00
CA LYS A 332 -14.69 26.34 -37.47
C LYS A 332 -14.77 24.94 -36.86
N ASN A 333 -13.71 24.11 -36.95
CA ASN A 333 -13.66 22.80 -36.26
C ASN A 333 -12.56 22.57 -35.17
N TYR A 334 -11.55 23.42 -35.08
CA TYR A 334 -10.46 23.21 -34.12
C TYR A 334 -10.82 23.68 -32.71
N GLY A 335 -10.35 22.96 -31.71
CA GLY A 335 -10.55 23.36 -30.33
C GLY A 335 -11.92 23.01 -29.80
N LYS A 336 -12.71 22.26 -30.56
CA LYS A 336 -14.05 21.86 -30.15
C LYS A 336 -14.03 20.42 -29.69
N ASN A 337 -14.55 20.17 -28.49
CA ASN A 337 -14.52 18.82 -27.89
C ASN A 337 -15.67 17.94 -28.47
N ASN A 338 -15.62 17.72 -29.77
CA ASN A 338 -16.72 17.17 -30.53
C ASN A 338 -16.20 16.26 -31.66
N LEU A 339 -16.56 14.98 -31.58
CA LEU A 339 -16.00 13.94 -32.45
C LEU A 339 -16.00 14.29 -33.91
N ALA A 340 -17.11 14.85 -34.38
CA ALA A 340 -17.25 15.19 -35.80
C ALA A 340 -16.31 16.32 -36.22
N CYS A 341 -16.12 17.30 -35.35
CA CYS A 341 -15.16 18.36 -35.59
C CYS A 341 -13.70 17.85 -35.59
N VAL A 342 -13.37 16.98 -34.64
CA VAL A 342 -12.03 16.43 -34.58
C VAL A 342 -11.73 15.64 -35.85
N LYS A 343 -12.72 14.89 -36.33
CA LYS A 343 -12.55 14.05 -37.54
C LYS A 343 -12.30 14.93 -38.78
N VAL A 344 -12.95 16.08 -38.84
CA VAL A 344 -12.67 17.01 -39.92
C VAL A 344 -11.18 17.36 -39.95
N ILE A 345 -10.61 17.68 -38.78
CA ILE A 345 -9.22 18.15 -38.73
C ILE A 345 -8.25 17.02 -39.00
N ASP A 346 -8.54 15.85 -38.44
CA ASP A 346 -7.67 14.71 -38.64
C ASP A 346 -7.62 14.37 -40.14
N SER A 347 -8.77 14.51 -40.81
CA SER A 347 -8.82 14.16 -42.24
C SER A 347 -8.05 15.19 -43.08
N LEU A 348 -8.17 16.46 -42.77
CA LEU A 348 -7.29 17.46 -43.38
C LEU A 348 -5.81 17.09 -43.22
N TYR A 349 -5.43 16.61 -42.05
CA TYR A 349 -4.05 16.17 -41.83
C TYR A 349 -3.69 14.98 -42.73
N GLU A 350 -4.63 14.07 -42.98
CA GLU A 350 -4.42 12.96 -43.95
C GLU A 350 -4.34 13.54 -45.37
N GLN A 351 -5.30 14.40 -45.71
CA GLN A 351 -5.37 15.00 -47.03
C GLN A 351 -4.08 15.73 -47.42
N TYR A 352 -3.52 16.53 -46.51
CA TYR A 352 -2.33 17.31 -46.82
C TYR A 352 -1.02 16.56 -46.52
N LYS A 353 -1.11 15.23 -46.41
CA LYS A 353 0.06 14.33 -46.39
C LYS A 353 1.04 14.75 -45.29
N ILE A 354 0.50 15.10 -44.13
CA ILE A 354 1.34 15.64 -43.02
C ILE A 354 2.39 14.62 -42.50
N ARG A 355 2.05 13.35 -42.54
CA ARG A 355 3.00 12.29 -42.24
C ARG A 355 4.27 12.41 -43.09
N LYS A 356 4.12 12.60 -44.41
CA LYS A 356 5.27 12.78 -45.30
C LYS A 356 6.04 14.07 -44.97
N HIS A 357 5.33 15.13 -44.63
CA HIS A 357 5.97 16.38 -44.26
C HIS A 357 6.75 16.27 -43.01
N TYR A 358 6.28 15.48 -42.05
CA TYR A 358 7.04 15.26 -40.82
C TYR A 358 8.36 14.55 -41.17
N GLU A 359 8.25 13.38 -41.81
CA GLU A 359 9.43 12.63 -42.24
C GLU A 359 10.49 13.58 -42.82
N SER A 360 10.07 14.47 -43.69
CA SER A 360 10.95 15.48 -44.29
C SER A 360 11.56 16.42 -43.25
N TYR A 361 10.76 16.92 -42.31
CA TYR A 361 11.28 17.81 -41.24
C TYR A 361 12.31 17.09 -40.40
N GLU A 362 11.97 15.87 -39.96
CA GLU A 362 12.86 15.06 -39.12
C GLU A 362 14.26 14.90 -39.73
N LYS A 363 14.32 14.76 -41.04
CA LYS A 363 15.56 14.55 -41.77
C LYS A 363 16.42 15.82 -41.76
N ALA A 364 15.79 16.96 -42.10
CA ALA A 364 16.48 18.26 -42.14
C ALA A 364 16.97 18.76 -40.76
N GLN A 365 16.17 18.53 -39.72
CA GLN A 365 16.47 19.06 -38.37
C GLN A 365 17.59 18.25 -37.74
N LYS A 366 17.50 16.93 -37.92
CA LYS A 366 18.54 16.02 -37.45
C LYS A 366 19.89 16.47 -37.99
N ALA A 367 19.90 16.92 -39.24
CA ALA A 367 21.11 17.48 -39.86
C ALA A 367 21.50 18.81 -39.23
N LYS A 368 20.57 19.76 -39.09
CA LYS A 368 20.88 21.05 -38.41
C LYS A 368 21.45 20.74 -37.01
N ILE A 369 20.91 19.73 -36.33
CA ILE A 369 21.37 19.38 -34.99
C ILE A 369 22.77 18.81 -34.97
N LEU A 370 23.02 17.77 -35.77
CA LEU A 370 24.37 17.18 -35.90
C LEU A 370 25.43 18.24 -36.29
N SER A 371 25.03 19.18 -37.11
CA SER A 371 25.91 20.27 -37.48
C SER A 371 26.28 21.09 -36.24
N ALA A 372 25.33 21.34 -35.35
CA ALA A 372 25.57 22.08 -34.10
C ALA A 372 26.43 21.31 -33.09
N ILE A 373 26.21 20.00 -33.01
CA ILE A 373 27.01 19.14 -32.13
C ILE A 373 28.49 19.15 -32.53
N ASN A 374 28.75 19.11 -33.84
CA ASN A 374 30.13 19.06 -34.34
C ASN A 374 30.89 20.37 -34.15
N GLU A 375 30.21 21.44 -33.71
CA GLU A 375 30.86 22.70 -33.36
C GLU A 375 31.26 22.83 -31.87
N LEU A 376 30.99 21.81 -31.06
CA LEU A 376 31.36 21.82 -29.64
C LEU A 376 32.85 21.62 -29.41
N HIS A 377 33.47 20.82 -30.28
CA HIS A 377 34.87 20.43 -30.16
C HIS A 377 35.12 19.84 -28.82
N HIS A 378 34.28 18.87 -28.46
CA HIS A 378 34.50 18.08 -27.27
C HIS A 378 33.98 16.68 -27.53
N GLU A 379 34.90 15.75 -27.72
CA GLU A 379 34.58 14.45 -28.31
C GLU A 379 33.65 13.61 -27.47
N GLY A 380 33.70 13.80 -26.15
CA GLY A 380 32.85 13.04 -25.23
C GLY A 380 31.39 13.47 -25.24
N ILE A 381 31.17 14.76 -25.06
CA ILE A 381 29.82 15.30 -25.14
C ILE A 381 29.25 15.00 -26.52
N GLU A 382 30.04 15.21 -27.56
CA GLU A 382 29.60 14.96 -28.93
C GLU A 382 29.08 13.54 -29.08
N TYR A 383 29.80 12.60 -28.50
CA TYR A 383 29.34 11.23 -28.53
C TYR A 383 27.98 11.10 -27.81
N VAL A 384 27.89 11.61 -26.58
CA VAL A 384 26.67 11.49 -25.81
C VAL A 384 25.46 12.10 -26.52
N LEU A 385 25.64 13.29 -27.08
CA LEU A 385 24.56 13.95 -27.79
C LEU A 385 24.16 13.23 -29.06
N LYS A 386 25.14 12.71 -29.81
CA LYS A 386 24.79 11.88 -30.97
C LYS A 386 24.05 10.63 -30.53
N TYR A 387 24.51 10.02 -29.43
CA TYR A 387 23.87 8.81 -28.91
C TYR A 387 22.43 9.09 -28.47
N LEU A 388 22.26 10.22 -27.79
CA LEU A 388 20.92 10.66 -27.37
C LEU A 388 20.00 10.88 -28.55
N LEU A 389 20.51 11.58 -29.54
CA LEU A 389 19.75 11.86 -30.74
C LEU A 389 19.19 10.59 -31.38
N GLU A 390 19.91 9.48 -31.28
CA GLU A 390 19.42 8.23 -31.85
C GLU A 390 18.34 7.57 -31.02
N ILE A 391 18.52 7.46 -29.71
CA ILE A 391 17.56 6.76 -28.86
C ILE A 391 16.47 7.67 -28.31
N LEU A 392 16.36 8.90 -28.82
CA LEU A 392 15.42 9.88 -28.28
C LEU A 392 13.97 9.39 -28.35
N PHE A 393 13.64 8.58 -29.35
CA PHE A 393 12.27 8.06 -29.50
C PHE A 393 12.10 6.60 -29.07
N THR A 394 13.14 5.78 -29.22
CA THR A 394 13.12 4.41 -28.69
C THR A 394 13.35 4.43 -27.17
N GLY A 395 14.59 4.67 -26.76
CA GLY A 395 15.00 4.67 -25.35
C GLY A 395 16.12 3.68 -25.12
N VAL A 396 16.28 3.25 -23.85
CA VAL A 396 17.21 2.18 -23.43
C VAL A 396 18.69 2.57 -23.57
N LEU B 34 7.93 -14.13 -18.37
CA LEU B 34 8.87 -14.07 -17.22
C LEU B 34 9.37 -12.65 -16.93
N ALA B 35 9.15 -11.72 -17.86
CA ALA B 35 9.74 -10.36 -17.74
C ALA B 35 9.08 -9.53 -16.62
N PHE B 36 7.99 -8.84 -16.96
CA PHE B 36 7.07 -8.20 -16.00
C PHE B 36 6.91 -8.95 -14.67
N PHE B 37 6.72 -10.26 -14.79
CA PHE B 37 6.32 -11.11 -13.68
C PHE B 37 7.35 -11.18 -12.56
N ARG B 38 8.56 -11.65 -12.85
CA ARG B 38 9.57 -11.79 -11.80
C ARG B 38 9.90 -10.47 -11.05
N ASN B 39 9.66 -9.33 -11.70
CA ASN B 39 9.98 -8.04 -11.09
C ASN B 39 8.84 -7.45 -10.26
N MET B 40 7.64 -7.97 -10.44
CA MET B 40 6.49 -7.50 -9.67
C MET B 40 6.37 -8.16 -8.28
N TYR B 41 7.28 -9.06 -7.97
CA TYR B 41 7.22 -9.78 -6.70
C TYR B 41 7.17 -8.82 -5.52
N ASP B 42 8.19 -7.98 -5.43
CA ASP B 42 8.31 -7.03 -4.32
C ASP B 42 7.02 -6.24 -4.10
N LYS B 43 6.37 -5.84 -5.18
CA LYS B 43 5.16 -5.03 -5.11
C LYS B 43 4.12 -5.73 -4.26
N TYR B 44 3.91 -7.01 -4.51
CA TYR B 44 2.80 -7.75 -3.88
C TYR B 44 3.18 -8.23 -2.48
N ARG B 45 4.40 -8.72 -2.34
CA ARG B 45 4.99 -8.98 -1.03
C ARG B 45 4.82 -7.78 -0.09
N ASP B 46 5.24 -6.60 -0.54
CA ASP B 46 5.20 -5.39 0.28
C ASP B 46 3.79 -4.86 0.54
N ALA B 47 2.90 -5.03 -0.42
CA ALA B 47 1.48 -4.69 -0.20
C ALA B 47 1.01 -5.48 1.01
N PHE B 48 1.29 -6.77 1.03
CA PHE B 48 0.83 -7.60 2.11
C PHE B 48 1.52 -7.28 3.41
N LEU B 49 2.83 -7.17 3.40
CA LEU B 49 3.57 -6.81 4.64
C LEU B 49 3.11 -5.47 5.17
N SER B 50 2.70 -4.58 4.27
CA SER B 50 2.19 -3.29 4.67
C SER B 50 0.85 -3.44 5.43
N HIS B 51 0.01 -4.40 5.04
CA HIS B 51 -1.20 -4.72 5.81
C HIS B 51 -0.86 -5.13 7.23
N LEU B 52 0.17 -5.98 7.38
CA LEU B 52 0.60 -6.45 8.71
C LEU B 52 1.05 -5.30 9.57
N ASN B 53 1.73 -4.35 8.94
CA ASN B 53 2.33 -3.23 9.65
C ASN B 53 1.32 -2.22 10.22
N GLU B 54 0.06 -2.31 9.81
CA GLU B 54 -0.94 -1.39 10.32
C GLU B 54 -1.67 -1.98 11.52
N TYR B 55 -1.26 -3.13 12.00
CA TYR B 55 -1.90 -3.72 13.17
C TYR B 55 -1.52 -2.91 14.42
N SER B 56 -2.38 -2.97 15.44
CA SER B 56 -2.14 -2.26 16.69
C SER B 56 -1.14 -3.02 17.54
N LEU B 57 0.15 -2.84 17.26
CA LEU B 57 1.20 -3.48 18.03
C LEU B 57 2.25 -2.44 18.38
N GLU B 58 2.91 -2.65 19.50
CA GLU B 58 4.06 -1.82 19.88
C GLU B 58 5.12 -1.83 18.76
N GLU B 59 5.92 -0.79 18.70
CA GLU B 59 6.79 -0.60 17.54
C GLU B 59 7.98 -1.58 17.46
N GLU B 60 8.54 -2.01 18.59
CA GLU B 60 9.64 -3.00 18.58
C GLU B 60 9.13 -4.34 18.00
N ILE B 61 7.88 -4.67 18.31
CA ILE B 61 7.28 -5.91 17.84
C ILE B 61 6.97 -5.87 16.34
N LYS B 62 6.43 -4.74 15.88
CA LYS B 62 6.19 -4.55 14.46
C LYS B 62 7.43 -4.77 13.63
N GLU B 63 8.58 -4.32 14.14
CA GLU B 63 9.83 -4.48 13.41
C GLU B 63 10.23 -5.95 13.32
N HIS B 64 10.09 -6.68 14.43
CA HIS B 64 10.41 -8.11 14.47
C HIS B 64 9.50 -8.93 13.58
N ILE B 65 8.20 -8.67 13.65
CA ILE B 65 7.23 -9.29 12.74
C ILE B 65 7.66 -9.12 11.28
N SER B 66 8.04 -7.91 10.90
CA SER B 66 8.42 -7.62 9.53
C SER B 66 9.63 -8.38 9.05
N LYS B 67 10.66 -8.48 9.89
CA LYS B 67 11.84 -9.24 9.51
C LYS B 67 11.40 -10.65 9.16
N TYR B 68 10.62 -11.26 10.08
CA TYR B 68 10.21 -12.65 9.98
C TYR B 68 9.40 -12.89 8.73
N TYR B 69 8.36 -12.11 8.55
CA TYR B 69 7.42 -12.39 7.47
C TYR B 69 8.03 -12.05 6.12
N LYS B 70 9.00 -11.14 6.09
CA LYS B 70 9.71 -10.88 4.84
C LYS B 70 10.52 -12.11 4.45
N LEU B 71 11.17 -12.73 5.42
CA LEU B 71 11.94 -13.94 5.14
C LEU B 71 11.02 -15.10 4.74
N LEU B 72 9.87 -15.23 5.39
CA LEU B 72 8.93 -16.30 5.08
C LEU B 72 8.55 -16.27 3.62
N PHE B 73 8.21 -15.08 3.14
CA PHE B 73 7.84 -14.93 1.74
C PHE B 73 9.05 -15.18 0.81
N ASP B 74 10.15 -14.49 1.08
CA ASP B 74 11.33 -14.55 0.22
C ASP B 74 11.89 -15.97 0.11
N TYR B 75 11.91 -16.68 1.23
CA TYR B 75 12.54 -18.01 1.29
C TYR B 75 11.68 -19.08 0.60
N ASN B 76 10.38 -18.86 0.56
CA ASN B 76 9.46 -19.89 0.14
C ASN B 76 8.76 -19.63 -1.19
N CYS B 77 8.71 -18.39 -1.64
CA CYS B 77 8.05 -18.08 -2.90
C CYS B 77 9.03 -18.05 -4.04
N LEU B 78 10.28 -17.73 -3.74
CA LEU B 78 11.30 -17.59 -4.78
C LEU B 78 12.11 -18.85 -5.02
N GLY B 79 12.75 -18.90 -6.18
CA GLY B 79 13.66 -20.00 -6.51
C GLY B 79 12.96 -21.15 -7.23
N GLY B 80 11.70 -20.98 -7.58
CA GLY B 80 10.98 -21.96 -8.36
C GLY B 80 11.05 -21.67 -9.85
N LYS B 81 10.61 -22.64 -10.65
CA LYS B 81 10.46 -22.48 -12.08
C LYS B 81 9.23 -21.60 -12.44
N ASN B 82 8.34 -21.37 -11.48
CA ASN B 82 7.22 -20.45 -11.66
C ASN B 82 6.31 -20.76 -12.85
N ASN B 83 6.26 -22.01 -13.28
CA ASN B 83 5.43 -22.39 -14.42
C ASN B 83 3.95 -22.09 -14.27
N ARG B 84 3.43 -22.13 -13.04
CA ARG B 84 2.00 -21.89 -12.81
C ARG B 84 1.68 -20.41 -12.90
N GLY B 85 2.59 -19.58 -12.41
CA GLY B 85 2.44 -18.14 -12.52
C GLY B 85 2.48 -17.69 -13.97
N ILE B 86 3.49 -18.14 -14.70
CA ILE B 86 3.67 -17.82 -16.11
C ILE B 86 2.45 -18.22 -16.91
N LEU B 87 1.86 -19.35 -16.55
CA LEU B 87 0.68 -19.85 -17.24
C LEU B 87 -0.51 -18.90 -17.09
N VAL B 88 -0.63 -18.23 -15.94
CA VAL B 88 -1.67 -17.21 -15.75
C VAL B 88 -1.40 -16.00 -16.66
N ILE B 89 -0.16 -15.57 -16.71
CA ILE B 89 0.23 -14.44 -17.56
C ILE B 89 -0.01 -14.72 -19.05
N LEU B 90 0.49 -15.86 -19.53
CA LEU B 90 0.38 -16.22 -20.93
C LEU B 90 -1.08 -16.44 -21.32
N ILE B 91 -1.85 -17.14 -20.51
CA ILE B 91 -3.25 -17.31 -20.83
C ILE B 91 -3.93 -15.97 -20.95
N TYR B 92 -3.59 -15.03 -20.08
CA TYR B 92 -4.22 -13.70 -20.08
C TYR B 92 -3.95 -12.97 -21.39
N GLU B 93 -2.69 -12.99 -21.84
CA GLU B 93 -2.35 -12.28 -23.06
C GLU B 93 -3.02 -12.88 -24.29
N TYR B 94 -2.86 -14.18 -24.49
CA TYR B 94 -3.26 -14.83 -25.74
C TYR B 94 -4.73 -15.21 -25.84
N VAL B 95 -5.50 -15.03 -24.77
CA VAL B 95 -6.95 -15.14 -24.91
C VAL B 95 -7.52 -13.81 -25.46
N LYS B 96 -6.79 -12.71 -25.30
CA LYS B 96 -7.19 -11.36 -25.75
C LYS B 96 -6.59 -10.96 -27.11
N ASN B 97 -7.06 -9.84 -27.64
CA ASN B 97 -6.29 -9.03 -28.60
C ASN B 97 -5.81 -7.80 -27.81
N ARG B 98 -4.51 -7.73 -27.52
CA ARG B 98 -3.98 -6.74 -26.57
C ARG B 98 -4.44 -5.30 -26.85
N ILE B 100 -4.27 -4.31 -23.62
CA ILE B 100 -3.87 -4.53 -22.23
C ILE B 100 -2.95 -3.41 -21.71
N ASN B 101 -3.50 -2.54 -20.87
CA ASN B 101 -2.72 -1.47 -20.22
C ASN B 101 -2.00 -1.96 -18.96
N SER B 102 -0.99 -1.23 -18.50
CA SER B 102 -0.16 -1.70 -17.39
C SER B 102 -0.91 -1.71 -16.03
N SER B 103 -2.11 -1.13 -16.00
CA SER B 103 -3.01 -1.31 -14.86
C SER B 103 -3.72 -2.67 -14.90
N GLU B 104 -4.07 -3.14 -16.09
CA GLU B 104 -4.70 -4.45 -16.25
C GLU B 104 -3.67 -5.56 -16.06
N TRP B 105 -2.45 -5.32 -16.50
CA TRP B 105 -1.34 -6.23 -16.20
C TRP B 105 -1.09 -6.41 -14.72
N GLU B 106 -1.33 -5.37 -13.93
CA GLU B 106 -1.14 -5.44 -12.51
C GLU B 106 -2.04 -6.47 -11.87
N LYS B 107 -3.28 -6.50 -12.31
CA LYS B 107 -4.23 -7.47 -11.77
C LYS B 107 -3.82 -8.88 -12.18
N ALA B 108 -3.30 -9.01 -13.40
CA ALA B 108 -2.89 -10.29 -13.92
C ALA B 108 -1.74 -10.86 -13.11
N ALA B 109 -0.68 -10.08 -12.96
CA ALA B 109 0.49 -10.49 -12.20
C ALA B 109 0.15 -10.79 -10.74
N CYS B 110 -0.87 -10.14 -10.20
CA CYS B 110 -1.29 -10.38 -8.83
C CYS B 110 -1.77 -11.80 -8.66
N LEU B 111 -2.82 -12.14 -9.41
CA LEU B 111 -3.26 -13.53 -9.60
C LEU B 111 -2.12 -14.52 -9.88
N ALA B 112 -1.12 -14.09 -10.65
CA ALA B 112 0.00 -14.99 -10.95
C ALA B 112 0.85 -15.25 -9.70
N TRP B 113 1.07 -14.22 -8.90
CA TRP B 113 1.84 -14.41 -7.69
C TRP B 113 1.06 -15.10 -6.62
N CYS B 114 -0.26 -14.95 -6.65
CA CYS B 114 -1.10 -15.69 -5.71
C CYS B 114 -0.98 -17.18 -5.89
N ILE B 115 -0.95 -17.63 -7.15
CA ILE B 115 -0.69 -19.04 -7.45
C ILE B 115 0.68 -19.48 -6.94
N GLU B 116 1.69 -18.63 -7.15
CA GLU B 116 3.03 -18.98 -6.68
C GLU B 116 3.12 -18.98 -5.16
N ILE B 117 2.32 -18.15 -4.49
CA ILE B 117 2.23 -18.15 -3.05
C ILE B 117 1.50 -19.41 -2.58
N LEU B 118 0.42 -19.77 -3.28
CA LEU B 118 -0.30 -21.05 -3.03
C LEU B 118 0.67 -22.20 -3.10
N GLN B 119 1.46 -22.23 -4.16
CA GLN B 119 2.48 -23.26 -4.33
C GLN B 119 3.42 -23.27 -3.14
N ALA B 120 3.91 -22.10 -2.75
CA ALA B 120 4.75 -21.97 -1.54
C ALA B 120 4.08 -22.56 -0.30
N ALA B 121 2.82 -22.20 -0.06
CA ALA B 121 2.11 -22.70 1.08
C ALA B 121 2.07 -24.20 1.04
N PHE B 122 1.60 -24.77 -0.08
CA PHE B 122 1.52 -26.21 -0.22
C PHE B 122 2.86 -26.91 -0.01
N LEU B 123 3.95 -26.35 -0.50
CA LEU B 123 5.21 -27.07 -0.44
C LEU B 123 5.73 -27.08 0.99
N VAL B 124 5.54 -25.97 1.72
CA VAL B 124 5.93 -25.93 3.12
C VAL B 124 5.18 -27.05 3.84
N ALA B 125 3.89 -27.13 3.61
CA ALA B 125 3.07 -28.15 4.23
C ALA B 125 3.49 -29.58 3.84
N ASP B 126 3.62 -29.81 2.53
CA ASP B 126 4.04 -31.12 1.99
C ASP B 126 5.33 -31.57 2.62
N ASP B 127 6.28 -30.66 2.80
CA ASP B 127 7.55 -31.05 3.41
C ASP B 127 7.43 -31.46 4.86
N ILE B 128 6.48 -30.90 5.62
CA ILE B 128 6.23 -31.38 6.99
C ILE B 128 5.68 -32.81 6.93
N MET B 129 4.70 -33.00 6.07
CA MET B 129 3.99 -34.27 5.94
C MET B 129 4.89 -35.38 5.39
N ASP B 130 5.68 -35.08 4.36
CA ASP B 130 6.55 -36.09 3.73
C ASP B 130 7.94 -36.16 4.42
N LYS B 131 8.11 -35.49 5.56
CA LYS B 131 9.43 -35.40 6.23
C LYS B 131 10.55 -35.02 5.26
N GLY B 132 10.39 -33.89 4.58
CA GLY B 132 11.37 -33.44 3.58
C GLY B 132 12.66 -32.99 4.22
N GLU B 133 13.72 -32.95 3.41
CA GLU B 133 14.99 -32.43 3.85
C GLU B 133 15.31 -31.16 3.07
N MET B 134 15.28 -31.27 1.74
CA MET B 134 15.79 -30.25 0.83
C MET B 134 14.66 -29.84 -0.07
N ARG B 135 14.56 -28.55 -0.32
CA ARG B 135 13.59 -28.04 -1.28
C ARG B 135 14.12 -26.81 -1.97
N ARG B 136 13.97 -26.80 -3.29
CA ARG B 136 14.58 -25.80 -4.16
C ARG B 136 16.01 -25.54 -3.74
N ASN B 137 16.70 -26.64 -3.49
CA ASN B 137 18.11 -26.62 -3.16
C ASN B 137 18.55 -25.98 -1.84
N LYS B 138 17.59 -25.72 -0.94
CA LYS B 138 17.93 -25.33 0.41
C LYS B 138 17.14 -26.19 1.38
N TYR B 139 17.48 -26.08 2.65
CA TYR B 139 16.77 -26.80 3.70
C TYR B 139 15.29 -26.42 3.70
N CYS B 140 14.42 -27.38 3.99
CA CYS B 140 13.01 -27.09 4.19
C CYS B 140 12.74 -26.18 5.35
N TRP B 141 11.77 -25.28 5.18
CA TRP B 141 11.40 -24.29 6.17
C TRP B 141 11.25 -24.88 7.53
N TYR B 142 10.44 -25.93 7.64
CA TYR B 142 10.18 -26.51 8.98
C TYR B 142 11.43 -27.00 9.71
N LEU B 143 12.52 -27.24 9.00
CA LEU B 143 13.75 -27.71 9.65
C LEU B 143 14.58 -26.61 10.27
N LEU B 144 14.48 -25.40 9.77
CA LEU B 144 15.23 -24.26 10.33
C LEU B 144 14.94 -24.12 11.81
N LYS B 145 15.97 -23.88 12.61
CA LYS B 145 15.83 -23.95 14.04
C LYS B 145 15.14 -22.72 14.66
N ASP B 146 15.16 -21.59 13.96
CA ASP B 146 14.36 -20.43 14.36
C ASP B 146 12.88 -20.56 13.97
N VAL B 147 12.54 -21.61 13.22
CA VAL B 147 11.19 -21.85 12.74
C VAL B 147 10.57 -23.05 13.45
N GLU B 148 11.02 -24.25 13.10
CA GLU B 148 10.49 -25.50 13.65
C GLU B 148 9.07 -25.72 13.19
N THR B 149 8.53 -26.90 13.45
CA THR B 149 7.19 -27.27 13.01
C THR B 149 6.14 -26.31 13.55
N LYS B 150 6.27 -25.94 14.80
CA LYS B 150 5.22 -25.10 15.42
C LYS B 150 5.02 -23.84 14.60
N ASN B 151 6.11 -23.21 14.18
CA ASN B 151 6.00 -22.06 13.33
C ASN B 151 5.63 -22.39 11.91
N ALA B 152 6.16 -23.48 11.39
CA ALA B 152 5.88 -23.92 10.00
C ALA B 152 4.38 -24.08 9.73
N VAL B 153 3.68 -24.69 10.67
CA VAL B 153 2.24 -24.86 10.55
C VAL B 153 1.52 -23.50 10.53
N ASN B 154 1.84 -22.65 11.50
CA ASN B 154 1.23 -21.33 11.61
C ASN B 154 1.46 -20.57 10.30
N ASP B 155 2.70 -20.64 9.80
CA ASP B 155 3.09 -19.90 8.60
C ASP B 155 2.37 -20.37 7.33
N VAL B 156 2.01 -21.64 7.28
CA VAL B 156 1.27 -22.15 6.11
C VAL B 156 -0.07 -21.43 6.01
N LEU B 157 -0.80 -21.39 7.12
CA LEU B 157 -2.08 -20.69 7.15
C LEU B 157 -1.96 -19.19 6.88
N LEU B 158 -0.81 -18.60 7.21
CA LEU B 158 -0.61 -17.20 6.91
C LEU B 158 -0.39 -16.98 5.41
N LEU B 159 0.47 -17.77 4.80
CA LEU B 159 0.67 -17.65 3.35
C LEU B 159 -0.66 -17.85 2.68
N TYR B 160 -1.40 -18.88 3.10
CA TYR B 160 -2.63 -19.20 2.42
C TYR B 160 -3.59 -18.04 2.48
N ASN B 161 -3.72 -17.41 3.64
CA ASN B 161 -4.61 -16.27 3.78
C ASN B 161 -4.08 -15.04 3.09
N SER B 162 -2.76 -14.90 2.95
CA SER B 162 -2.21 -13.74 2.26
C SER B 162 -2.78 -13.64 0.84
N ILE B 163 -2.91 -14.79 0.17
CA ILE B 163 -3.54 -14.87 -1.14
C ILE B 163 -4.82 -14.07 -1.21
N TYR B 164 -5.77 -14.32 -0.33
CA TYR B 164 -7.07 -13.66 -0.43
C TYR B 164 -7.02 -12.19 -0.03
N LYS B 165 -6.17 -11.84 0.93
CA LYS B 165 -5.92 -10.43 1.20
C LYS B 165 -5.41 -9.75 -0.08
N LEU B 166 -4.39 -10.32 -0.71
CA LEU B 166 -3.87 -9.74 -1.96
C LEU B 166 -4.98 -9.63 -3.02
N ILE B 167 -5.75 -10.69 -3.22
CA ILE B 167 -6.79 -10.65 -4.23
C ILE B 167 -7.78 -9.50 -3.96
N GLU B 168 -8.07 -9.25 -2.68
CA GLU B 168 -8.96 -8.17 -2.30
C GLU B 168 -8.33 -6.83 -2.64
N ILE B 169 -7.04 -6.68 -2.35
CA ILE B 169 -6.40 -5.41 -2.63
C ILE B 169 -6.53 -5.03 -4.11
N TYR B 170 -6.34 -5.98 -5.02
CA TYR B 170 -6.18 -5.67 -6.43
C TYR B 170 -7.36 -5.98 -7.33
N LEU B 171 -8.37 -6.67 -6.80
CA LEU B 171 -9.50 -7.06 -7.64
C LEU B 171 -10.85 -6.95 -6.93
N ARG B 172 -10.90 -6.25 -5.80
CA ARG B 172 -12.17 -6.15 -5.07
C ARG B 172 -13.29 -5.63 -5.97
N ASN B 173 -12.95 -4.67 -6.82
CA ASN B 173 -13.94 -3.96 -7.63
C ASN B 173 -14.16 -4.56 -9.01
N GLU B 174 -13.41 -5.60 -9.36
CA GLU B 174 -13.67 -6.33 -10.61
C GLU B 174 -14.91 -7.20 -10.44
N SER B 175 -15.51 -7.57 -11.57
CA SER B 175 -16.75 -8.33 -11.54
C SER B 175 -16.47 -9.82 -11.31
N CYS B 176 -15.29 -10.30 -11.71
CA CYS B 176 -14.89 -11.71 -11.50
C CYS B 176 -14.41 -12.01 -10.08
N TYR B 177 -14.27 -10.98 -9.25
CA TYR B 177 -13.79 -11.11 -7.87
C TYR B 177 -14.36 -12.32 -7.13
N VAL B 178 -15.67 -12.40 -7.02
CA VAL B 178 -16.30 -13.47 -6.27
C VAL B 178 -16.00 -14.85 -6.88
N ASP B 179 -15.90 -14.91 -8.19
CA ASP B 179 -15.66 -16.18 -8.88
C ASP B 179 -14.20 -16.59 -8.77
N VAL B 180 -13.31 -15.61 -8.89
CA VAL B 180 -11.88 -15.87 -8.71
C VAL B 180 -11.63 -16.42 -7.31
N ILE B 181 -12.15 -15.78 -6.27
CA ILE B 181 -11.94 -16.34 -4.94
C ILE B 181 -12.64 -17.68 -4.79
N ALA B 182 -13.79 -17.86 -5.45
CA ALA B 182 -14.45 -19.18 -5.50
C ALA B 182 -13.58 -20.28 -6.15
N THR B 183 -12.81 -19.93 -7.17
CA THR B 183 -11.93 -20.90 -7.81
C THR B 183 -10.72 -21.28 -6.98
N PHE B 184 -10.10 -20.32 -6.31
CA PHE B 184 -9.01 -20.64 -5.42
C PHE B 184 -9.51 -21.55 -4.32
N ARG B 185 -10.69 -21.25 -3.79
CA ARG B 185 -11.23 -22.03 -2.69
C ARG B 185 -11.48 -23.47 -3.10
N ASP B 186 -12.07 -23.67 -4.28
CA ASP B 186 -12.43 -25.01 -4.72
C ASP B 186 -11.23 -25.81 -5.24
N ALA B 187 -10.23 -25.16 -5.84
CA ALA B 187 -8.97 -25.85 -6.21
C ALA B 187 -8.25 -26.32 -4.94
N THR B 188 -8.23 -25.48 -3.91
CA THR B 188 -7.57 -25.84 -2.66
C THR B 188 -8.23 -27.05 -2.05
N LEU B 189 -9.56 -27.10 -2.06
CA LEU B 189 -10.26 -28.24 -1.44
C LEU B 189 -9.92 -29.54 -2.14
N LYS B 190 -9.86 -29.49 -3.47
CA LYS B 190 -9.52 -30.66 -4.21
C LYS B 190 -8.12 -31.06 -3.83
N THR B 191 -7.22 -30.10 -3.70
CA THR B 191 -5.84 -30.45 -3.39
C THR B 191 -5.74 -31.08 -2.00
N ILE B 192 -6.52 -30.56 -1.05
CA ILE B 192 -6.52 -31.10 0.32
C ILE B 192 -6.98 -32.58 0.32
N ILE B 193 -8.07 -32.89 -0.39
CA ILE B 193 -8.53 -34.28 -0.48
C ILE B 193 -7.49 -35.11 -1.22
N GLY B 194 -6.91 -34.51 -2.25
CA GLY B 194 -5.77 -35.11 -2.93
C GLY B 194 -4.68 -35.59 -2.01
N GLN B 195 -4.14 -34.74 -1.15
CA GLN B 195 -3.09 -35.15 -0.19
C GLN B 195 -3.61 -36.16 0.78
N HIS B 196 -4.87 -35.99 1.16
CA HIS B 196 -5.40 -36.90 2.09
C HIS B 196 -5.28 -38.29 1.56
N LEU B 197 -5.62 -38.49 0.29
CA LEU B 197 -5.52 -39.82 -0.27
C LEU B 197 -4.09 -40.23 -0.51
N ASP B 198 -3.27 -39.29 -0.93
CA ASP B 198 -1.85 -39.55 -1.04
C ASP B 198 -1.23 -40.13 0.24
N THR B 199 -1.65 -39.64 1.39
CA THR B 199 -1.05 -40.01 2.67
C THR B 199 -1.71 -41.25 3.29
N ASN B 200 -2.92 -41.58 2.89
CA ASN B 200 -3.70 -42.54 3.65
C ASN B 200 -4.21 -43.72 2.85
N ILE B 201 -3.90 -43.79 1.56
CA ILE B 201 -4.49 -44.82 0.68
C ILE B 201 -4.09 -46.25 1.07
N PHE B 202 -2.96 -46.41 1.74
CA PHE B 202 -2.52 -47.69 2.25
C PHE B 202 -2.71 -47.92 3.76
N SER B 203 -3.40 -47.04 4.47
CA SER B 203 -3.50 -47.17 5.92
C SER B 203 -4.65 -48.12 6.32
N ASP B 204 -4.58 -48.64 7.55
CA ASP B 204 -5.61 -49.56 8.08
C ASP B 204 -7.01 -48.94 7.96
N LYS B 205 -7.12 -47.63 8.21
CA LYS B 205 -8.35 -46.90 7.95
C LYS B 205 -9.08 -47.43 6.73
N TYR B 206 -8.36 -47.64 5.63
CA TYR B 206 -8.97 -47.85 4.31
C TYR B 206 -8.93 -49.32 3.77
N SER B 207 -9.00 -50.31 4.67
CA SER B 207 -8.88 -51.73 4.29
C SER B 207 -9.92 -52.67 4.95
N ASP B 208 -9.66 -53.07 6.21
CA ASP B 208 -10.31 -54.21 6.86
C ASP B 208 -11.75 -53.90 7.29
N GLU B 212 -12.01 -48.70 10.89
CA GLU B 212 -12.67 -47.75 11.78
C GLU B 212 -11.60 -47.09 12.66
N ILE B 213 -11.60 -45.77 12.69
CA ILE B 213 -10.54 -44.99 13.36
C ILE B 213 -10.62 -45.11 14.87
N ASP B 214 -9.51 -45.49 15.51
CA ASP B 214 -9.50 -45.69 16.96
C ASP B 214 -9.09 -44.43 17.71
N VAL B 215 -10.05 -43.83 18.40
CA VAL B 215 -9.83 -42.56 19.09
C VAL B 215 -9.21 -42.70 20.46
N ASN B 216 -8.86 -43.92 20.86
CA ASN B 216 -8.19 -44.14 22.13
C ASN B 216 -6.76 -44.62 21.99
N ASN B 217 -6.31 -44.90 20.78
CA ASN B 217 -4.93 -45.33 20.56
C ASN B 217 -4.02 -44.15 20.26
N ILE B 218 -3.19 -43.77 21.24
CA ILE B 218 -2.16 -42.75 21.01
C ILE B 218 -0.78 -43.35 21.13
N ASN B 219 -0.69 -44.67 21.10
CA ASN B 219 0.55 -45.35 21.48
C ASN B 219 1.11 -46.32 20.47
N VAL B 220 0.24 -47.15 19.87
CA VAL B 220 0.68 -48.19 18.95
C VAL B 220 0.60 -47.70 17.50
N PRO B 221 1.76 -47.38 16.88
CA PRO B 221 1.71 -46.92 15.50
C PRO B 221 1.64 -48.08 14.53
N GLU B 222 0.68 -48.06 13.61
CA GLU B 222 0.61 -49.09 12.58
C GLU B 222 1.88 -49.01 11.72
N GLN B 223 2.52 -50.15 11.46
CA GLN B 223 3.71 -50.18 10.60
C GLN B 223 3.25 -50.22 9.14
N PRO B 224 3.75 -49.29 8.29
CA PRO B 224 3.12 -49.09 6.99
C PRO B 224 3.32 -50.30 6.07
N VAL B 225 2.22 -50.77 5.49
CA VAL B 225 2.22 -51.95 4.64
C VAL B 225 1.33 -51.66 3.45
N ILE B 226 1.80 -51.97 2.24
CA ILE B 226 1.02 -51.69 1.03
C ILE B 226 -0.22 -52.59 0.99
N ASP B 227 -1.26 -52.13 0.30
CA ASP B 227 -2.49 -52.88 0.05
C ASP B 227 -2.66 -53.13 -1.44
N ILE B 228 -2.73 -54.41 -1.84
CA ILE B 228 -2.70 -54.82 -3.24
C ILE B 228 -3.88 -54.30 -4.06
N ASN B 229 -5.06 -54.21 -3.45
CA ASN B 229 -6.24 -53.76 -4.19
C ASN B 229 -6.06 -52.37 -4.76
N MET B 230 -5.33 -51.53 -4.03
CA MET B 230 -5.17 -50.12 -4.36
C MET B 230 -4.09 -49.85 -5.40
N ILE B 231 -3.21 -50.81 -5.62
CA ILE B 231 -2.18 -50.66 -6.61
C ILE B 231 -2.75 -50.81 -8.02
N ASN B 232 -3.35 -49.74 -8.55
CA ASN B 232 -3.84 -49.71 -9.94
C ASN B 232 -3.99 -48.28 -10.48
N PHE B 233 -3.87 -48.09 -11.80
CA PHE B 233 -3.94 -46.74 -12.42
C PHE B 233 -5.22 -46.01 -12.03
N GLY B 234 -6.33 -46.73 -11.89
CA GLY B 234 -7.61 -46.07 -11.61
C GLY B 234 -7.52 -45.20 -10.38
N VAL B 235 -7.10 -45.82 -9.30
CA VAL B 235 -6.94 -45.15 -8.04
C VAL B 235 -5.83 -44.11 -8.11
N TYR B 236 -4.73 -44.46 -8.76
CA TYR B 236 -3.62 -43.53 -8.89
C TYR B 236 -4.02 -42.23 -9.56
N LYS B 237 -4.88 -42.33 -10.58
CA LYS B 237 -5.37 -41.17 -11.33
C LYS B 237 -6.21 -40.27 -10.43
N ASN B 238 -7.19 -40.85 -9.76
CA ASN B 238 -7.96 -40.14 -8.72
C ASN B 238 -7.08 -39.25 -7.85
N ILE B 239 -6.05 -39.85 -7.26
CA ILE B 239 -5.16 -39.11 -6.40
C ILE B 239 -4.43 -38.04 -7.19
N VAL B 240 -3.69 -38.41 -8.23
CA VAL B 240 -2.84 -37.41 -8.88
C VAL B 240 -3.65 -36.26 -9.46
N ILE B 241 -4.86 -36.54 -9.94
CA ILE B 241 -5.72 -35.51 -10.50
C ILE B 241 -6.13 -34.51 -9.42
N HIS B 242 -6.50 -34.99 -8.24
CA HIS B 242 -6.90 -34.10 -7.15
C HIS B 242 -5.76 -33.41 -6.48
N LYS B 243 -4.63 -34.09 -6.35
CA LYS B 243 -3.55 -33.47 -5.63
C LYS B 243 -2.74 -32.51 -6.50
N THR B 244 -2.83 -32.64 -7.83
CA THR B 244 -2.03 -31.79 -8.71
C THR B 244 -2.79 -31.06 -9.83
N ALA B 245 -3.63 -31.79 -10.55
CA ALA B 245 -4.24 -31.28 -11.78
C ALA B 245 -5.03 -29.98 -11.59
N TYR B 246 -5.83 -29.86 -10.53
CA TYR B 246 -6.67 -28.69 -10.35
C TYR B 246 -5.90 -27.41 -10.01
N TYR B 247 -4.95 -27.48 -9.09
CA TYR B 247 -4.28 -26.24 -8.74
C TYR B 247 -3.13 -25.86 -9.70
N SER B 248 -2.52 -26.83 -10.37
CA SER B 248 -1.33 -26.54 -11.21
C SER B 248 -1.67 -26.15 -12.64
N PHE B 249 -2.87 -26.52 -13.09
CA PHE B 249 -3.22 -26.34 -14.51
C PHE B 249 -4.61 -25.73 -14.68
N PHE B 250 -5.61 -26.28 -14.01
CA PHE B 250 -6.94 -25.73 -14.12
C PHE B 250 -7.00 -24.32 -13.52
N LEU B 251 -6.56 -24.19 -12.28
CA LEU B 251 -6.67 -22.92 -11.55
C LEU B 251 -6.02 -21.76 -12.30
N PRO B 252 -4.73 -21.86 -12.64
CA PRO B 252 -4.10 -20.76 -13.40
C PRO B 252 -4.75 -20.44 -14.76
N ILE B 253 -5.15 -21.47 -15.51
CA ILE B 253 -5.83 -21.27 -16.79
C ILE B 253 -7.13 -20.52 -16.59
N VAL B 254 -7.97 -21.03 -15.70
CA VAL B 254 -9.26 -20.40 -15.42
C VAL B 254 -9.16 -18.98 -14.83
N CYS B 255 -8.11 -18.68 -14.06
CA CYS B 255 -7.91 -17.33 -13.53
C CYS B 255 -7.72 -16.35 -14.66
N GLY B 256 -6.70 -16.58 -15.47
CA GLY B 256 -6.48 -15.78 -16.68
C GLY B 256 -7.74 -15.53 -17.49
N MET B 257 -8.51 -16.57 -17.76
CA MET B 257 -9.71 -16.44 -18.56
C MET B 257 -10.75 -15.58 -17.84
N LEU B 258 -11.04 -15.90 -16.59
CA LEU B 258 -11.95 -15.09 -15.78
C LEU B 258 -11.57 -13.63 -15.81
N LEU B 259 -10.29 -13.35 -15.58
CA LEU B 259 -9.81 -11.98 -15.59
C LEU B 259 -9.98 -11.32 -16.95
N ALA B 260 -9.81 -12.08 -18.02
CA ALA B 260 -9.97 -11.55 -19.39
C ALA B 260 -11.43 -11.44 -19.83
N GLY B 261 -12.37 -11.68 -18.93
CA GLY B 261 -13.79 -11.40 -19.21
C GLY B 261 -14.61 -12.54 -19.78
N ILE B 262 -14.00 -13.71 -19.95
CA ILE B 262 -14.70 -14.89 -20.51
C ILE B 262 -15.77 -15.45 -19.56
N ALA B 263 -16.99 -15.60 -20.09
CA ALA B 263 -18.14 -16.03 -19.30
C ALA B 263 -17.93 -17.42 -18.69
N VAL B 264 -18.02 -17.47 -17.36
CA VAL B 264 -17.87 -18.71 -16.57
C VAL B 264 -18.74 -19.87 -17.08
N ASP B 265 -19.92 -19.56 -17.59
CA ASP B 265 -20.88 -20.58 -18.06
C ASP B 265 -20.48 -21.29 -19.37
N ASN B 266 -19.50 -20.75 -20.09
CA ASN B 266 -19.22 -21.29 -21.45
C ASN B 266 -18.57 -22.71 -21.45
N LEU B 267 -18.77 -23.42 -22.56
CA LEU B 267 -18.43 -24.85 -22.67
C LEU B 267 -16.93 -25.13 -22.87
N ILE B 268 -16.13 -24.06 -23.01
CA ILE B 268 -14.67 -24.17 -23.17
C ILE B 268 -14.00 -24.59 -21.84
N TYR B 269 -14.68 -24.31 -20.72
CA TYR B 269 -14.14 -24.66 -19.39
C TYR B 269 -14.11 -26.17 -19.12
N LYS B 270 -15.10 -26.91 -19.61
CA LYS B 270 -15.12 -28.38 -19.42
C LYS B 270 -14.10 -29.07 -20.34
N LYS B 271 -13.78 -28.44 -21.47
CA LYS B 271 -12.70 -28.93 -22.34
C LYS B 271 -11.35 -28.65 -21.67
N ILE B 272 -11.22 -27.46 -21.08
CA ILE B 272 -10.02 -27.09 -20.32
C ILE B 272 -9.79 -27.99 -19.09
N GLU B 273 -10.87 -28.38 -18.41
CA GLU B 273 -10.77 -29.27 -17.25
C GLU B 273 -10.15 -30.61 -17.63
N ASP B 274 -10.58 -31.18 -18.75
CA ASP B 274 -10.08 -32.47 -19.19
C ASP B 274 -8.61 -32.43 -19.62
N ILE B 275 -8.19 -31.36 -20.29
CA ILE B 275 -6.77 -31.19 -20.64
C ILE B 275 -5.94 -31.04 -19.36
N SER B 276 -6.55 -30.39 -18.36
CA SER B 276 -5.91 -30.22 -17.05
C SER B 276 -5.71 -31.56 -16.37
N MET B 277 -6.67 -32.47 -16.51
CA MET B 277 -6.51 -33.79 -15.90
C MET B 277 -5.36 -34.54 -16.57
N LEU B 278 -5.24 -34.43 -17.89
CA LEU B 278 -4.20 -35.15 -18.62
C LEU B 278 -2.81 -34.63 -18.33
N MET B 279 -2.70 -33.31 -18.19
CA MET B 279 -1.42 -32.69 -17.85
C MET B 279 -0.98 -33.01 -16.43
N GLY B 280 -1.92 -33.01 -15.50
CA GLY B 280 -1.60 -33.36 -14.12
C GLY B 280 -1.12 -34.79 -13.96
N GLU B 281 -1.78 -35.73 -14.64
CA GLU B 281 -1.31 -37.12 -14.69
C GLU B 281 0.13 -37.16 -15.24
N TYR B 282 0.32 -36.52 -16.39
CA TYR B 282 1.63 -36.42 -17.05
C TYR B 282 2.66 -35.82 -16.12
N PHE B 283 2.28 -34.76 -15.40
CA PHE B 283 3.24 -34.04 -14.58
C PHE B 283 3.61 -34.86 -13.36
N GLN B 284 2.63 -35.41 -12.67
CA GLN B 284 2.90 -36.13 -11.44
C GLN B 284 3.74 -37.39 -11.68
N ILE B 285 3.43 -38.14 -12.73
CA ILE B 285 4.21 -39.32 -13.09
C ILE B 285 5.65 -38.92 -13.33
N HIS B 286 5.87 -37.76 -13.95
CA HIS B 286 7.22 -37.27 -14.08
C HIS B 286 7.81 -36.99 -12.74
N ASP B 287 7.03 -36.40 -11.83
CA ASP B 287 7.52 -36.15 -10.49
C ASP B 287 7.96 -37.46 -9.84
N ASP B 288 7.18 -38.51 -10.05
CA ASP B 288 7.45 -39.81 -9.45
C ASP B 288 8.72 -40.45 -10.02
N TYR B 289 8.87 -40.36 -11.32
CA TYR B 289 10.10 -40.78 -11.97
C TYR B 289 11.32 -40.09 -11.35
N LEU B 290 11.29 -38.76 -11.27
CA LEU B 290 12.40 -38.01 -10.67
C LEU B 290 12.69 -38.43 -9.23
N ASP B 291 11.70 -38.95 -8.53
CA ASP B 291 11.92 -39.39 -7.17
C ASP B 291 12.99 -40.47 -7.10
N ILE B 292 13.00 -41.38 -8.08
CA ILE B 292 13.93 -42.50 -8.11
C ILE B 292 15.17 -42.21 -8.93
N PHE B 293 15.00 -41.51 -10.05
CA PHE B 293 16.08 -41.37 -11.02
C PHE B 293 16.65 -39.98 -11.21
N GLY B 294 16.20 -39.01 -10.44
CA GLY B 294 16.64 -37.64 -10.63
C GLY B 294 17.86 -37.33 -9.80
N ASP B 295 18.72 -36.45 -10.32
CA ASP B 295 19.83 -35.92 -9.54
C ASP B 295 19.26 -34.92 -8.53
N SER B 296 19.48 -35.17 -7.24
CA SER B 296 18.90 -34.32 -6.21
C SER B 296 19.47 -32.90 -6.25
N THR B 297 20.58 -32.71 -6.97
CA THR B 297 21.16 -31.36 -7.18
C THR B 297 20.44 -30.65 -8.33
N LYS B 298 19.98 -31.41 -9.31
CA LYS B 298 19.21 -30.87 -10.44
C LYS B 298 17.73 -30.63 -10.08
N THR B 299 17.11 -31.60 -9.41
CA THR B 299 15.70 -31.46 -9.00
C THR B 299 15.51 -30.55 -7.78
N GLY B 300 16.57 -30.34 -7.01
CA GLY B 300 16.53 -29.49 -5.82
C GLY B 300 15.98 -30.13 -4.55
N LYS B 301 15.69 -31.44 -4.61
CA LYS B 301 15.01 -32.17 -3.53
C LYS B 301 15.42 -33.63 -3.49
N VAL B 302 15.14 -34.28 -2.36
CA VAL B 302 15.56 -35.65 -2.10
C VAL B 302 14.38 -36.65 -2.13
N GLY B 303 14.52 -37.68 -2.95
CA GLY B 303 13.48 -38.71 -3.11
C GLY B 303 13.13 -39.54 -1.88
N SER B 304 11.84 -39.63 -1.57
CA SER B 304 11.35 -40.34 -0.37
C SER B 304 10.08 -41.18 -0.54
N ASP B 305 9.59 -41.34 -1.77
CA ASP B 305 8.31 -42.04 -2.01
C ASP B 305 8.22 -43.47 -1.44
N ILE B 306 9.28 -44.26 -1.61
CA ILE B 306 9.31 -45.65 -1.15
C ILE B 306 9.24 -45.71 0.37
N GLN B 307 10.16 -45.02 1.03
CA GLN B 307 10.22 -45.05 2.47
C GLN B 307 8.95 -44.51 3.13
N ASN B 308 8.30 -43.53 2.49
CA ASN B 308 7.01 -42.96 2.96
C ASN B 308 5.74 -43.70 2.50
N ASN B 309 5.90 -44.86 1.87
CA ASN B 309 4.74 -45.70 1.57
C ASN B 309 3.76 -45.05 0.56
N LYS B 310 4.29 -44.49 -0.51
CA LYS B 310 3.45 -43.77 -1.46
C LYS B 310 3.05 -44.60 -2.64
N LEU B 311 1.81 -44.46 -3.06
CA LEU B 311 1.36 -45.05 -4.30
C LEU B 311 1.96 -44.21 -5.44
N THR B 312 2.93 -44.78 -6.13
CA THR B 312 3.64 -44.08 -7.17
C THR B 312 3.56 -44.86 -8.45
N TRP B 313 3.81 -44.20 -9.55
CA TRP B 313 3.66 -44.84 -10.85
C TRP B 313 4.64 -45.99 -11.04
N PRO B 314 5.89 -45.82 -10.65
CA PRO B 314 6.81 -46.93 -10.74
C PRO B 314 6.35 -48.17 -9.96
N LEU B 315 5.70 -47.96 -8.83
CA LEU B 315 5.20 -49.07 -8.05
C LEU B 315 4.18 -49.81 -8.89
N ILE B 316 3.25 -49.07 -9.49
CA ILE B 316 2.15 -49.68 -10.20
C ILE B 316 2.64 -50.41 -11.44
N LYS B 317 3.59 -49.82 -12.14
CA LYS B 317 4.11 -50.41 -13.36
C LYS B 317 4.85 -51.71 -13.04
N THR B 318 5.69 -51.68 -12.00
CA THR B 318 6.42 -52.88 -11.54
C THR B 318 5.44 -53.99 -11.15
N PHE B 319 4.32 -53.62 -10.55
CA PHE B 319 3.33 -54.61 -10.13
C PHE B 319 2.60 -55.25 -11.32
N GLU B 320 2.38 -54.48 -12.39
CA GLU B 320 1.77 -54.98 -13.61
C GLU B 320 2.69 -55.95 -14.35
N LEU B 321 4.00 -55.79 -14.16
CA LEU B 321 5.00 -56.53 -14.94
C LEU B 321 5.68 -57.67 -14.20
N CYS B 322 5.74 -57.61 -12.89
CA CYS B 322 6.65 -58.51 -12.16
C CYS B 322 6.03 -59.85 -11.78
N SER B 323 6.90 -60.74 -11.34
CA SER B 323 6.54 -62.11 -10.94
C SER B 323 6.01 -62.15 -9.52
N GLU B 324 5.27 -63.22 -9.20
CA GLU B 324 4.67 -63.38 -7.86
C GLU B 324 5.69 -63.38 -6.73
N PRO B 325 6.85 -64.02 -6.94
CA PRO B 325 7.93 -63.93 -5.95
C PRO B 325 8.41 -62.50 -5.70
N ASP B 326 8.24 -61.62 -6.68
CA ASP B 326 8.65 -60.23 -6.54
C ASP B 326 7.53 -59.33 -5.98
N LYS B 327 6.27 -59.70 -6.16
CA LYS B 327 5.19 -59.03 -5.45
C LYS B 327 5.26 -59.26 -3.94
N ILE B 328 5.59 -60.47 -3.53
CA ILE B 328 5.86 -60.75 -2.12
C ILE B 328 7.04 -59.91 -1.66
N LYS B 329 8.08 -59.82 -2.49
CA LYS B 329 9.28 -59.05 -2.16
C LYS B 329 8.97 -57.57 -2.08
N ILE B 330 7.99 -57.11 -2.86
CA ILE B 330 7.54 -55.71 -2.82
C ILE B 330 6.78 -55.43 -1.54
N VAL B 331 5.83 -56.30 -1.21
CA VAL B 331 4.99 -56.11 -0.02
C VAL B 331 5.77 -56.19 1.29
N LYS B 332 6.80 -57.02 1.36
CA LYS B 332 7.65 -57.09 2.54
C LYS B 332 8.42 -55.80 2.74
N ASN B 333 8.91 -55.22 1.65
CA ASN B 333 9.94 -54.17 1.74
C ASN B 333 9.49 -52.73 1.53
N TYR B 334 8.30 -52.51 0.99
CA TYR B 334 7.88 -51.15 0.65
C TYR B 334 7.37 -50.43 1.88
N GLY B 335 7.64 -49.13 1.97
CA GLY B 335 7.13 -48.34 3.06
C GLY B 335 7.92 -48.47 4.35
N LYS B 336 9.03 -49.17 4.33
CA LYS B 336 9.76 -49.41 5.57
C LYS B 336 10.96 -48.49 5.68
N ASN B 337 11.14 -47.87 6.85
CA ASN B 337 12.26 -46.97 7.09
C ASN B 337 13.56 -47.73 7.35
N ASN B 338 14.05 -48.40 6.31
CA ASN B 338 15.18 -49.35 6.46
C ASN B 338 15.91 -49.38 5.11
N LEU B 339 17.15 -48.86 5.10
CA LEU B 339 17.91 -48.68 3.86
C LEU B 339 17.91 -49.96 3.01
N ALA B 340 18.05 -51.11 3.67
CA ALA B 340 18.15 -52.38 2.93
C ALA B 340 16.82 -52.72 2.23
N CYS B 341 15.70 -52.39 2.87
CA CYS B 341 14.39 -52.56 2.25
C CYS B 341 14.18 -51.63 1.05
N VAL B 342 14.58 -50.39 1.20
CA VAL B 342 14.45 -49.45 0.12
C VAL B 342 15.30 -49.89 -1.06
N LYS B 343 16.49 -50.42 -0.79
CA LYS B 343 17.40 -50.89 -1.85
C LYS B 343 16.78 -52.06 -2.64
N VAL B 344 16.06 -52.92 -1.94
CA VAL B 344 15.36 -53.99 -2.61
C VAL B 344 14.42 -53.43 -3.69
N ILE B 345 13.65 -52.42 -3.33
CA ILE B 345 12.64 -51.90 -4.24
C ILE B 345 13.27 -51.12 -5.37
N ASP B 346 14.31 -50.35 -5.07
CA ASP B 346 14.97 -49.58 -6.12
C ASP B 346 15.59 -50.55 -7.13
N SER B 347 16.11 -51.68 -6.66
CA SER B 347 16.73 -52.66 -7.56
C SER B 347 15.69 -53.37 -8.43
N LEU B 348 14.55 -53.72 -7.87
CA LEU B 348 13.45 -54.16 -8.69
C LEU B 348 13.12 -53.15 -9.79
N TYR B 349 13.11 -51.87 -9.46
CA TYR B 349 12.85 -50.85 -10.48
C TYR B 349 13.91 -50.84 -11.58
N GLU B 350 15.17 -51.13 -11.21
CA GLU B 350 16.22 -51.31 -12.24
C GLU B 350 15.94 -52.57 -13.04
N GLN B 351 15.70 -53.66 -12.33
CA GLN B 351 15.50 -54.96 -12.96
C GLN B 351 14.41 -54.93 -14.00
N TYR B 352 13.27 -54.33 -13.69
CA TYR B 352 12.11 -54.32 -14.61
C TYR B 352 12.13 -53.14 -15.58
N LYS B 353 13.31 -52.53 -15.73
CA LYS B 353 13.57 -51.56 -16.80
C LYS B 353 12.55 -50.40 -16.77
N ILE B 354 12.26 -49.90 -15.58
CA ILE B 354 11.21 -48.89 -15.40
C ILE B 354 11.54 -47.55 -16.07
N ARG B 355 12.82 -47.22 -16.14
CA ARG B 355 13.29 -46.08 -16.92
C ARG B 355 12.82 -46.12 -18.38
N LYS B 356 12.98 -47.27 -19.03
CA LYS B 356 12.52 -47.44 -20.41
C LYS B 356 11.00 -47.34 -20.48
N HIS B 357 10.31 -47.88 -19.49
CA HIS B 357 8.85 -47.83 -19.49
C HIS B 357 8.33 -46.44 -19.34
N TYR B 358 9.04 -45.62 -18.57
CA TYR B 358 8.67 -44.21 -18.46
C TYR B 358 8.79 -43.51 -19.82
N GLU B 359 10.00 -43.55 -20.40
CA GLU B 359 10.27 -42.99 -21.72
C GLU B 359 9.08 -43.29 -22.67
N SER B 360 8.63 -44.54 -22.68
CA SER B 360 7.46 -44.94 -23.44
C SER B 360 6.18 -44.20 -23.07
N TYR B 361 5.88 -44.11 -21.79
CA TYR B 361 4.67 -43.45 -21.32
C TYR B 361 4.70 -41.98 -21.73
N GLU B 362 5.83 -41.32 -21.47
CA GLU B 362 5.99 -39.90 -21.77
C GLU B 362 5.66 -39.58 -23.24
N LYS B 363 6.05 -40.48 -24.13
CA LYS B 363 5.86 -40.31 -25.57
C LYS B 363 4.37 -40.42 -25.94
N ALA B 364 3.71 -41.46 -25.43
CA ALA B 364 2.31 -41.70 -25.72
C ALA B 364 1.38 -40.63 -25.11
N GLN B 365 1.69 -40.15 -23.90
CA GLN B 365 0.81 -39.23 -23.18
C GLN B 365 0.90 -37.85 -23.76
N LYS B 366 2.12 -37.45 -24.08
CA LYS B 366 2.37 -36.20 -24.79
C LYS B 366 1.52 -36.14 -26.06
N ALA B 367 1.43 -37.27 -26.76
CA ALA B 367 0.57 -37.39 -27.94
C ALA B 367 -0.91 -37.31 -27.54
N LYS B 368 -1.36 -38.08 -26.54
CA LYS B 368 -2.74 -38.00 -26.06
C LYS B 368 -3.10 -36.55 -25.68
N ILE B 369 -2.15 -35.82 -25.06
CA ILE B 369 -2.37 -34.44 -24.65
C ILE B 369 -2.50 -33.50 -25.84
N LEU B 370 -1.51 -33.50 -26.74
CA LEU B 370 -1.57 -32.67 -27.97
C LEU B 370 -2.84 -32.95 -28.79
N SER B 371 -3.27 -34.19 -28.82
CA SER B 371 -4.51 -34.54 -29.47
C SER B 371 -5.69 -33.80 -28.82
N ALA B 372 -5.70 -33.72 -27.49
CA ALA B 372 -6.76 -33.03 -26.74
C ALA B 372 -6.72 -31.51 -26.95
N ILE B 373 -5.52 -30.96 -27.01
CA ILE B 373 -5.32 -29.52 -27.22
C ILE B 373 -5.88 -29.11 -28.57
N ASN B 374 -5.64 -29.92 -29.59
CA ASN B 374 -6.12 -29.61 -30.95
C ASN B 374 -7.65 -29.72 -31.13
N GLU B 375 -8.36 -30.21 -30.12
CA GLU B 375 -9.83 -30.23 -30.13
C GLU B 375 -10.48 -29.00 -29.45
N LEU B 376 -9.66 -28.06 -28.97
CA LEU B 376 -10.18 -26.82 -28.38
C LEU B 376 -10.68 -25.85 -29.45
N HIS B 377 -10.01 -25.85 -30.59
CA HIS B 377 -10.27 -24.96 -31.73
C HIS B 377 -10.12 -23.48 -31.36
N HIS B 378 -9.21 -23.18 -30.43
CA HIS B 378 -8.95 -21.82 -29.92
C HIS B 378 -7.46 -21.62 -30.00
N GLU B 379 -7.02 -20.89 -31.01
CA GLU B 379 -5.62 -20.87 -31.40
C GLU B 379 -4.67 -20.27 -30.35
N GLY B 380 -5.16 -19.34 -29.53
CA GLY B 380 -4.36 -18.71 -28.46
C GLY B 380 -4.06 -19.64 -27.29
N ILE B 381 -5.12 -20.23 -26.73
CA ILE B 381 -4.98 -21.21 -25.66
C ILE B 381 -4.12 -22.37 -26.15
N GLU B 382 -4.41 -22.85 -27.36
CA GLU B 382 -3.65 -23.95 -27.95
C GLU B 382 -2.16 -23.63 -27.99
N TYR B 383 -1.80 -22.42 -28.36
CA TYR B 383 -0.40 -21.99 -28.36
C TYR B 383 0.18 -22.06 -26.94
N VAL B 384 -0.51 -21.47 -25.97
CA VAL B 384 -0.02 -21.44 -24.58
C VAL B 384 0.18 -22.85 -24.04
N LEU B 385 -0.80 -23.71 -24.26
CA LEU B 385 -0.73 -25.07 -23.76
C LEU B 385 0.37 -25.89 -24.44
N LYS B 386 0.54 -25.73 -25.75
CA LYS B 386 1.65 -26.39 -26.44
C LYS B 386 2.96 -25.88 -25.90
N TYR B 387 3.05 -24.57 -25.68
CA TYR B 387 4.28 -23.98 -25.16
C TYR B 387 4.61 -24.51 -23.76
N LEU B 388 3.57 -24.58 -22.92
CA LEU B 388 3.68 -25.10 -21.56
C LEU B 388 4.16 -26.54 -21.58
N LEU B 389 3.53 -27.36 -22.42
CA LEU B 389 3.87 -28.75 -22.55
C LEU B 389 5.36 -28.95 -22.84
N GLU B 390 5.98 -28.04 -23.57
CA GLU B 390 7.42 -28.14 -23.87
C GLU B 390 8.32 -27.77 -22.70
N ILE B 391 8.05 -26.66 -22.02
CA ILE B 391 8.91 -26.21 -20.92
C ILE B 391 8.49 -26.75 -19.54
N LEU B 392 7.58 -27.72 -19.51
CA LEU B 392 7.01 -28.21 -18.25
C LEU B 392 8.09 -28.78 -17.35
N PHE B 393 9.14 -29.35 -17.94
CA PHE B 393 10.28 -29.84 -17.16
C PHE B 393 11.50 -28.93 -17.29
N LEU C 34 -30.68 -21.33 18.74
CA LEU C 34 -31.01 -21.15 20.18
C LEU C 34 -30.81 -22.47 20.97
N ALA C 35 -31.86 -23.29 20.90
CA ALA C 35 -31.80 -24.76 21.09
C ALA C 35 -31.82 -25.37 19.69
N PHE C 36 -32.44 -24.63 18.77
CA PHE C 36 -32.20 -24.69 17.32
C PHE C 36 -30.75 -25.04 16.96
N PHE C 37 -29.81 -24.37 17.64
CA PHE C 37 -28.38 -24.42 17.31
C PHE C 37 -27.79 -25.82 17.44
N ARG C 38 -27.81 -26.41 18.63
CA ARG C 38 -27.17 -27.71 18.82
C ARG C 38 -27.72 -28.82 17.89
N ASN C 39 -28.95 -28.67 17.42
CA ASN C 39 -29.57 -29.68 16.57
C ASN C 39 -29.34 -29.48 15.07
N MET C 40 -28.88 -28.29 14.68
CA MET C 40 -28.60 -27.99 13.29
C MET C 40 -27.21 -28.46 12.86
N TYR C 41 -26.44 -29.01 13.79
CA TYR C 41 -25.08 -29.44 13.49
C TYR C 41 -25.07 -30.38 12.29
N ASP C 42 -25.78 -31.48 12.40
CA ASP C 42 -25.79 -32.50 11.34
C ASP C 42 -26.09 -31.92 9.98
N LYS C 43 -27.00 -30.95 9.93
CA LYS C 43 -27.40 -30.37 8.66
C LYS C 43 -26.20 -29.77 7.92
N TYR C 44 -25.35 -29.03 8.64
CA TYR C 44 -24.23 -28.31 8.03
C TYR C 44 -23.06 -29.22 7.76
N ARG C 45 -22.76 -30.08 8.73
CA ARG C 45 -21.79 -31.14 8.56
C ARG C 45 -22.10 -31.92 7.26
N ASP C 46 -23.34 -32.37 7.11
CA ASP C 46 -23.74 -33.17 5.95
C ASP C 46 -23.79 -32.39 4.65
N ALA C 47 -24.17 -31.12 4.72
CA ALA C 47 -24.12 -30.26 3.53
C ALA C 47 -22.68 -30.30 3.02
N PHE C 48 -21.71 -30.15 3.91
CA PHE C 48 -20.33 -30.10 3.49
C PHE C 48 -19.87 -31.46 2.99
N LEU C 49 -20.17 -32.50 3.74
CA LEU C 49 -19.76 -33.84 3.32
C LEU C 49 -20.39 -34.17 1.96
N SER C 50 -21.58 -33.64 1.72
CA SER C 50 -22.25 -33.82 0.44
C SER C 50 -21.50 -33.15 -0.71
N HIS C 51 -20.87 -32.00 -0.47
CA HIS C 51 -19.98 -31.39 -1.46
C HIS C 51 -18.80 -32.30 -1.80
N LEU C 52 -18.19 -32.90 -0.77
CA LEU C 52 -17.06 -33.83 -0.98
C LEU C 52 -17.50 -35.00 -1.84
N ASN C 53 -18.72 -35.46 -1.61
CA ASN C 53 -19.24 -36.64 -2.26
C ASN C 53 -19.51 -36.49 -3.77
N GLU C 54 -19.49 -35.26 -4.27
CA GLU C 54 -19.70 -35.01 -5.69
C GLU C 54 -18.38 -34.94 -6.45
N TYR C 55 -17.25 -35.19 -5.80
CA TYR C 55 -15.97 -35.22 -6.51
C TYR C 55 -15.88 -36.45 -7.42
N SER C 56 -15.08 -36.37 -8.47
CA SER C 56 -14.87 -37.50 -9.38
C SER C 56 -13.91 -38.51 -8.78
N LEU C 57 -14.42 -39.36 -7.91
CA LEU C 57 -13.61 -40.40 -7.28
C LEU C 57 -14.34 -41.73 -7.33
N GLU C 58 -13.58 -42.82 -7.38
CA GLU C 58 -14.16 -44.17 -7.32
C GLU C 58 -15.02 -44.30 -6.06
N GLU C 59 -16.00 -45.18 -6.10
CA GLU C 59 -17.00 -45.22 -5.04
C GLU C 59 -16.49 -45.75 -3.71
N GLU C 60 -15.54 -46.68 -3.72
CA GLU C 60 -14.99 -47.19 -2.45
C GLU C 60 -14.24 -46.07 -1.70
N ILE C 61 -13.58 -45.22 -2.47
CA ILE C 61 -12.80 -44.13 -1.91
C ILE C 61 -13.72 -43.04 -1.35
N LYS C 62 -14.77 -42.71 -2.07
CA LYS C 62 -15.77 -41.77 -1.57
C LYS C 62 -16.34 -42.17 -0.21
N GLU C 63 -16.57 -43.47 -0.01
CA GLU C 63 -17.11 -43.98 1.25
C GLU C 63 -16.09 -43.79 2.37
N HIS C 64 -14.84 -44.10 2.08
CA HIS C 64 -13.78 -43.98 3.06
C HIS C 64 -13.52 -42.55 3.46
N ILE C 65 -13.47 -41.65 2.48
CA ILE C 65 -13.37 -40.23 2.72
C ILE C 65 -14.42 -39.79 3.70
N SER C 66 -15.66 -40.19 3.45
CA SER C 66 -16.78 -39.78 4.28
C SER C 66 -16.68 -40.26 5.72
N LYS C 67 -16.28 -41.50 5.94
CA LYS C 67 -16.07 -41.97 7.30
C LYS C 67 -15.09 -41.06 8.03
N TYR C 68 -13.94 -40.81 7.39
CA TYR C 68 -12.85 -40.03 7.98
C TYR C 68 -13.26 -38.60 8.30
N TYR C 69 -13.82 -37.91 7.32
CA TYR C 69 -14.15 -36.53 7.50
C TYR C 69 -15.36 -36.34 8.41
N LYS C 70 -16.23 -37.34 8.50
CA LYS C 70 -17.28 -37.30 9.49
C LYS C 70 -16.71 -37.34 10.91
N LEU C 71 -15.71 -38.19 11.14
CA LEU C 71 -15.10 -38.27 12.46
C LEU C 71 -14.36 -36.97 12.78
N LEU C 72 -13.68 -36.41 11.78
CA LEU C 72 -12.91 -35.19 11.98
C LEU C 72 -13.81 -34.09 12.51
N PHE C 73 -14.96 -33.92 11.89
CA PHE C 73 -15.91 -32.90 12.33
C PHE C 73 -16.46 -33.24 13.71
N ASP C 74 -16.97 -34.46 13.87
CA ASP C 74 -17.64 -34.86 15.12
C ASP C 74 -16.71 -34.77 16.32
N TYR C 75 -15.48 -35.20 16.15
CA TYR C 75 -14.48 -35.29 17.25
C TYR C 75 -13.97 -33.93 17.68
N ASN C 76 -13.99 -32.98 16.76
CA ASN C 76 -13.33 -31.71 16.97
C ASN C 76 -14.26 -30.49 17.08
N CYS C 77 -15.49 -30.60 16.61
CA CYS C 77 -16.44 -29.48 16.70
C CYS C 77 -17.33 -29.59 17.91
N LEU C 78 -17.56 -30.82 18.39
CA LEU C 78 -18.47 -31.07 19.50
C LEU C 78 -17.75 -31.15 20.86
N GLY C 79 -18.53 -30.99 21.93
CA GLY C 79 -18.03 -31.12 23.28
C GLY C 79 -17.52 -29.84 23.89
N GLY C 80 -17.69 -28.74 23.17
CA GLY C 80 -17.32 -27.42 23.69
C GLY C 80 -18.51 -26.72 24.32
N LYS C 81 -18.22 -25.62 25.00
CA LYS C 81 -19.23 -24.76 25.59
C LYS C 81 -19.97 -23.93 24.51
N ASN C 82 -19.43 -23.88 23.30
CA ASN C 82 -20.09 -23.22 22.16
C ASN C 82 -20.49 -21.75 22.39
N ASN C 83 -19.78 -21.05 23.28
CA ASN C 83 -20.12 -19.66 23.59
C ASN C 83 -20.05 -18.73 22.39
N ARG C 84 -19.15 -19.00 21.45
CA ARG C 84 -18.99 -18.13 20.30
C ARG C 84 -20.11 -18.32 19.29
N GLY C 85 -20.56 -19.56 19.14
CA GLY C 85 -21.70 -19.85 18.30
C GLY C 85 -22.97 -19.23 18.83
N ILE C 86 -23.23 -19.44 20.13
CA ILE C 86 -24.39 -18.89 20.81
C ILE C 86 -24.44 -17.39 20.67
N LEU C 87 -23.27 -16.76 20.74
CA LEU C 87 -23.17 -15.31 20.66
C LEU C 87 -23.63 -14.80 19.30
N VAL C 88 -23.39 -15.56 18.24
CA VAL C 88 -23.90 -15.17 16.92
C VAL C 88 -25.42 -15.26 16.92
N ILE C 89 -25.95 -16.33 17.50
CA ILE C 89 -27.39 -16.56 17.53
C ILE C 89 -28.10 -15.47 18.33
N LEU C 90 -27.60 -15.19 19.52
CA LEU C 90 -28.23 -14.20 20.40
C LEU C 90 -28.10 -12.80 19.82
N ILE C 91 -26.94 -12.43 19.30
CA ILE C 91 -26.80 -11.12 18.66
C ILE C 91 -27.82 -10.98 17.54
N TYR C 92 -28.02 -12.05 16.78
CA TYR C 92 -28.94 -12.00 15.64
C TYR C 92 -30.38 -11.74 16.08
N GLU C 93 -30.84 -12.44 17.12
CA GLU C 93 -32.22 -12.30 17.58
C GLU C 93 -32.47 -10.90 18.14
N TYR C 94 -31.62 -10.46 19.07
CA TYR C 94 -31.88 -9.25 19.81
C TYR C 94 -31.48 -7.95 19.12
N VAL C 95 -30.84 -8.04 17.97
CA VAL C 95 -30.62 -6.85 17.13
C VAL C 95 -31.89 -6.53 16.35
N LYS C 96 -32.74 -7.54 16.13
CA LYS C 96 -33.97 -7.43 15.35
C LYS C 96 -35.24 -7.27 16.19
N ASN C 97 -36.32 -6.94 15.49
CA ASN C 97 -37.68 -7.21 15.96
C ASN C 97 -38.14 -8.42 15.16
N ARG C 98 -38.28 -9.56 15.84
CA ARG C 98 -38.44 -10.87 15.18
C ARG C 98 -39.64 -10.98 14.21
N ILE C 100 -38.31 -13.12 12.21
CA ILE C 100 -37.29 -14.09 11.86
C ILE C 100 -37.93 -15.42 11.49
N ASN C 101 -37.97 -15.71 10.19
CA ASN C 101 -38.49 -17.00 9.71
C ASN C 101 -37.41 -18.07 9.76
N SER C 102 -37.81 -19.34 9.71
CA SER C 102 -36.84 -20.44 9.85
C SER C 102 -35.89 -20.59 8.63
N SER C 103 -36.13 -19.85 7.55
CA SER C 103 -35.15 -19.72 6.47
C SER C 103 -34.04 -18.72 6.82
N GLU C 104 -34.39 -17.65 7.53
CA GLU C 104 -33.40 -16.68 8.00
C GLU C 104 -32.59 -17.24 9.16
N TRP C 105 -33.23 -18.03 10.01
CA TRP C 105 -32.53 -18.76 11.07
C TRP C 105 -31.48 -19.70 10.53
N GLU C 106 -31.74 -20.28 9.36
CA GLU C 106 -30.80 -21.26 8.76
C GLU C 106 -29.49 -20.57 8.43
N LYS C 107 -29.56 -19.34 7.93
CA LYS C 107 -28.35 -18.59 7.62
C LYS C 107 -27.60 -18.23 8.92
N ALA C 108 -28.35 -17.91 9.98
CA ALA C 108 -27.76 -17.53 11.26
C ALA C 108 -27.00 -18.69 11.86
N ALA C 109 -27.66 -19.82 12.01
CA ALA C 109 -27.04 -21.01 12.57
C ALA C 109 -25.86 -21.51 11.74
N CYS C 110 -25.86 -21.24 10.44
CA CYS C 110 -24.73 -21.60 9.57
C CYS C 110 -23.47 -20.85 10.01
N LEU C 111 -23.54 -19.53 9.96
CA LEU C 111 -22.54 -18.64 10.56
C LEU C 111 -22.13 -19.05 11.96
N ALA C 112 -23.08 -19.52 12.75
CA ALA C 112 -22.77 -19.89 14.13
C ALA C 112 -21.92 -21.16 14.17
N TRP C 113 -22.21 -22.11 13.30
CA TRP C 113 -21.40 -23.32 13.25
C TRP C 113 -20.08 -23.11 12.54
N CYS C 114 -20.01 -22.15 11.63
CA CYS C 114 -18.74 -21.78 11.04
C CYS C 114 -17.75 -21.29 12.09
N ILE C 115 -18.21 -20.47 13.02
CA ILE C 115 -17.37 -20.02 14.14
C ILE C 115 -16.92 -21.21 14.98
N GLU C 116 -17.81 -22.13 15.24
CA GLU C 116 -17.43 -23.27 16.05
C GLU C 116 -16.47 -24.17 15.28
N ILE C 117 -16.58 -24.20 13.95
CA ILE C 117 -15.64 -24.96 13.12
C ILE C 117 -14.30 -24.27 13.12
N LEU C 118 -14.30 -22.94 13.00
CA LEU C 118 -13.09 -22.13 13.14
C LEU C 118 -12.39 -22.46 14.48
N GLN C 119 -13.17 -22.48 15.56
CA GLN C 119 -12.63 -22.81 16.88
C GLN C 119 -11.97 -24.19 16.83
N ALA C 120 -12.68 -25.16 16.27
CA ALA C 120 -12.11 -26.50 16.12
C ALA C 120 -10.77 -26.47 15.38
N ALA C 121 -10.75 -25.78 14.25
CA ALA C 121 -9.55 -25.75 13.44
C ALA C 121 -8.42 -25.18 14.29
N PHE C 122 -8.65 -24.02 14.93
CA PHE C 122 -7.62 -23.41 15.79
C PHE C 122 -7.12 -24.28 16.93
N LEU C 123 -8.01 -25.04 17.57
CA LEU C 123 -7.61 -25.84 18.71
C LEU C 123 -6.77 -27.04 18.27
N VAL C 124 -7.11 -27.64 17.12
CA VAL C 124 -6.33 -28.72 16.59
C VAL C 124 -4.91 -28.19 16.34
N ALA C 125 -4.80 -27.04 15.67
CA ALA C 125 -3.52 -26.41 15.42
C ALA C 125 -2.75 -26.03 16.73
N ASP C 126 -3.43 -25.36 17.67
CA ASP C 126 -2.83 -24.96 18.96
C ASP C 126 -2.26 -26.15 19.69
N ASP C 127 -2.98 -27.27 19.68
CA ASP C 127 -2.48 -28.45 20.37
C ASP C 127 -1.23 -29.03 19.74
N ILE C 128 -1.05 -28.91 18.43
CA ILE C 128 0.26 -29.30 17.82
C ILE C 128 1.39 -28.39 18.29
N MET C 129 1.13 -27.10 18.27
CA MET C 129 2.09 -26.10 18.67
C MET C 129 2.44 -26.11 20.16
N ASP C 130 1.44 -26.23 21.03
CA ASP C 130 1.66 -26.23 22.48
C ASP C 130 1.97 -27.65 23.02
N LYS C 131 2.18 -28.62 22.13
CA LYS C 131 2.36 -30.03 22.54
C LYS C 131 1.28 -30.49 23.54
N GLY C 132 0.01 -30.34 23.17
CA GLY C 132 -1.10 -30.68 24.05
C GLY C 132 -1.22 -32.17 24.27
N GLU C 133 -1.90 -32.53 25.35
CA GLU C 133 -2.18 -33.91 25.68
C GLU C 133 -3.66 -34.16 25.53
N MET C 134 -4.41 -33.37 26.26
CA MET C 134 -5.82 -33.57 26.46
C MET C 134 -6.55 -32.33 26.01
N ARG C 135 -7.69 -32.51 25.36
CA ARG C 135 -8.54 -31.39 24.99
C ARG C 135 -10.01 -31.80 24.98
N ARG C 136 -10.83 -30.95 25.58
CA ARG C 136 -12.20 -31.27 25.88
C ARG C 136 -12.30 -32.69 26.41
N ASN C 137 -11.40 -33.00 27.34
CA ASN C 137 -11.38 -34.26 28.05
C ASN C 137 -11.11 -35.52 27.26
N LYS C 138 -10.63 -35.37 26.03
CA LYS C 138 -10.17 -36.53 25.26
C LYS C 138 -8.79 -36.22 24.69
N TYR C 139 -8.11 -37.23 24.18
CA TYR C 139 -6.80 -37.06 23.57
C TYR C 139 -6.86 -36.07 22.43
N CYS C 140 -5.82 -35.27 22.27
CA CYS C 140 -5.73 -34.35 21.13
C CYS C 140 -5.64 -35.10 19.83
N TRP C 141 -6.31 -34.55 18.82
CA TRP C 141 -6.38 -35.17 17.51
C TRP C 141 -5.02 -35.59 17.04
N TYR C 142 -4.07 -34.67 17.06
CA TYR C 142 -2.75 -34.98 16.47
C TYR C 142 -2.04 -36.17 17.13
N LEU C 143 -2.42 -36.51 18.36
CA LEU C 143 -1.80 -37.66 19.04
C LEU C 143 -2.34 -39.02 18.62
N LEU C 144 -3.59 -39.08 18.17
CA LEU C 144 -4.15 -40.35 17.72
C LEU C 144 -3.23 -40.97 16.67
N LYS C 145 -3.00 -42.29 16.75
CA LYS C 145 -2.04 -42.93 15.85
C LYS C 145 -2.54 -43.11 14.40
N ASP C 146 -3.85 -43.15 14.19
CA ASP C 146 -4.41 -43.18 12.85
C ASP C 146 -4.42 -41.79 12.21
N VAL C 147 -4.03 -40.77 12.98
CA VAL C 147 -4.02 -39.40 12.49
C VAL C 147 -2.59 -38.92 12.36
N GLU C 148 -1.94 -38.66 13.49
CA GLU C 148 -0.58 -38.12 13.55
C GLU C 148 -0.55 -36.70 13.04
N THR C 149 0.58 -36.01 13.24
CA THR C 149 0.76 -34.62 12.80
C THR C 149 0.51 -34.46 11.29
N LYS C 150 1.01 -35.38 10.48
CA LYS C 150 0.87 -35.23 9.03
C LYS C 150 -0.57 -35.04 8.65
N ASN C 151 -1.45 -35.86 9.22
CA ASN C 151 -2.87 -35.71 8.94
C ASN C 151 -3.45 -34.52 9.65
N ALA C 152 -3.03 -34.28 10.87
CA ALA C 152 -3.56 -33.21 11.69
C ALA C 152 -3.43 -31.87 10.99
N VAL C 153 -2.27 -31.64 10.36
CA VAL C 153 -2.02 -30.40 9.64
C VAL C 153 -2.95 -30.28 8.43
N ASN C 154 -3.04 -31.35 7.65
CA ASN C 154 -3.89 -31.36 6.47
C ASN C 154 -5.32 -31.09 6.85
N ASP C 155 -5.77 -31.75 7.91
CA ASP C 155 -7.13 -31.61 8.43
C ASP C 155 -7.48 -30.21 8.96
N VAL C 156 -6.50 -29.48 9.48
CA VAL C 156 -6.76 -28.11 9.90
C VAL C 156 -7.18 -27.29 8.68
N LEU C 157 -6.39 -27.35 7.63
CA LEU C 157 -6.70 -26.59 6.41
C LEU C 157 -8.03 -27.00 5.79
N LEU C 158 -8.44 -28.24 6.00
CA LEU C 158 -9.73 -28.67 5.49
C LEU C 158 -10.87 -28.08 6.30
N LEU C 159 -10.79 -28.15 7.63
CA LEU C 159 -11.82 -27.54 8.46
C LEU C 159 -11.92 -26.09 8.12
N TYR C 160 -10.77 -25.44 8.01
CA TYR C 160 -10.77 -24.03 7.76
C TYR C 160 -11.48 -23.72 6.46
N ASN C 161 -11.19 -24.45 5.41
CA ASN C 161 -11.82 -24.17 4.13
C ASN C 161 -13.26 -24.58 4.12
N SER C 162 -13.65 -25.56 4.93
CA SER C 162 -15.05 -25.96 4.96
C SER C 162 -15.92 -24.75 5.29
N ILE C 163 -15.44 -23.91 6.21
CA ILE C 163 -16.12 -22.67 6.59
C ILE C 163 -16.60 -21.93 5.37
N TYR C 164 -15.70 -21.65 4.45
CA TYR C 164 -16.07 -20.77 3.30
C TYR C 164 -16.93 -21.48 2.26
N LYS C 165 -16.72 -22.78 2.08
CA LYS C 165 -17.68 -23.57 1.32
C LYS C 165 -19.09 -23.46 1.94
N LEU C 166 -19.21 -23.70 3.24
CA LEU C 166 -20.51 -23.60 3.91
C LEU C 166 -21.10 -22.22 3.71
N ILE C 167 -20.30 -21.17 3.94
CA ILE C 167 -20.81 -19.81 3.81
C ILE C 167 -21.35 -19.55 2.40
N GLU C 168 -20.70 -20.13 1.40
CA GLU C 168 -21.19 -20.02 0.03
C GLU C 168 -22.52 -20.77 -0.15
N ILE C 169 -22.64 -21.96 0.41
CA ILE C 169 -23.87 -22.71 0.23
C ILE C 169 -25.07 -21.93 0.75
N TYR C 170 -24.95 -21.28 1.91
CA TYR C 170 -26.10 -20.68 2.60
C TYR C 170 -26.23 -19.15 2.51
N LEU C 171 -25.23 -18.45 2.00
CA LEU C 171 -25.27 -16.99 1.95
C LEU C 171 -24.72 -16.39 0.65
N ARG C 172 -24.56 -17.20 -0.39
CA ARG C 172 -24.03 -16.73 -1.68
C ARG C 172 -24.76 -15.48 -2.15
N ASN C 173 -26.08 -15.53 -2.02
CA ASN C 173 -26.96 -14.55 -2.63
C ASN C 173 -27.35 -13.42 -1.67
N GLU C 174 -26.90 -13.47 -0.42
CA GLU C 174 -27.09 -12.36 0.51
C GLU C 174 -26.15 -11.23 0.15
N SER C 175 -26.48 -10.02 0.60
CA SER C 175 -25.70 -8.84 0.26
C SER C 175 -24.46 -8.71 1.14
N CYS C 176 -24.54 -9.25 2.36
CA CYS C 176 -23.40 -9.24 3.29
C CYS C 176 -22.33 -10.31 2.99
N TYR C 177 -22.61 -11.21 2.05
CA TYR C 177 -21.71 -12.30 1.70
C TYR C 177 -20.24 -11.90 1.63
N VAL C 178 -19.93 -10.92 0.80
CA VAL C 178 -18.54 -10.49 0.61
C VAL C 178 -17.92 -9.94 1.90
N ASP C 179 -18.72 -9.28 2.73
CA ASP C 179 -18.23 -8.69 3.98
C ASP C 179 -18.07 -9.75 5.05
N VAL C 180 -19.00 -10.69 5.11
CA VAL C 180 -18.88 -11.80 6.05
C VAL C 180 -17.63 -12.60 5.78
N ILE C 181 -17.40 -12.99 4.54
CA ILE C 181 -16.16 -13.72 4.27
C ILE C 181 -14.94 -12.82 4.51
N ALA C 182 -15.06 -11.52 4.24
CA ALA C 182 -13.97 -10.58 4.57
C ALA C 182 -13.68 -10.48 6.11
N THR C 183 -14.70 -10.63 6.95
CA THR C 183 -14.51 -10.66 8.39
C THR C 183 -13.84 -11.95 8.92
N PHE C 184 -14.26 -13.10 8.41
CA PHE C 184 -13.61 -14.35 8.78
C PHE C 184 -12.15 -14.28 8.37
N ARG C 185 -11.88 -13.75 7.18
CA ARG C 185 -10.50 -13.71 6.69
C ARG C 185 -9.62 -12.81 7.54
N ASP C 186 -10.13 -11.64 7.93
CA ASP C 186 -9.34 -10.68 8.67
C ASP C 186 -9.23 -11.04 10.17
N ALA C 187 -10.23 -11.69 10.73
CA ALA C 187 -10.12 -12.22 12.10
C ALA C 187 -9.11 -13.35 12.17
N THR C 188 -9.12 -14.22 11.17
CA THR C 188 -8.15 -15.30 11.15
C THR C 188 -6.72 -14.76 11.07
N LEU C 189 -6.48 -13.75 10.24
CA LEU C 189 -5.11 -13.18 10.12
C LEU C 189 -4.62 -12.58 11.44
N LYS C 190 -5.50 -11.91 12.16
CA LYS C 190 -5.12 -11.38 13.43
C LYS C 190 -4.81 -12.53 14.37
N THR C 191 -5.59 -13.61 14.33
CA THR C 191 -5.33 -14.74 15.22
C THR C 191 -3.98 -15.36 14.90
N ILE C 192 -3.64 -15.47 13.62
CA ILE C 192 -2.35 -16.06 13.19
C ILE C 192 -1.15 -15.25 13.72
N ILE C 193 -1.19 -13.92 13.59
CA ILE C 193 -0.14 -13.10 14.17
C ILE C 193 -0.16 -13.23 15.69
N GLY C 194 -1.36 -13.29 16.26
CA GLY C 194 -1.51 -13.54 17.67
C GLY C 194 -0.73 -14.74 18.16
N GLN C 195 -0.92 -15.92 17.55
CA GLN C 195 -0.15 -17.10 17.94
C GLN C 195 1.31 -16.91 17.68
N HIS C 196 1.63 -16.23 16.59
CA HIS C 196 3.01 -16.05 16.26
C HIS C 196 3.72 -15.41 17.41
N LEU C 197 3.12 -14.38 17.99
CA LEU C 197 3.75 -13.72 19.12
C LEU C 197 3.68 -14.59 20.39
N ASP C 198 2.57 -15.27 20.61
CA ASP C 198 2.46 -16.22 21.72
C ASP C 198 3.61 -17.23 21.76
N THR C 199 4.01 -17.70 20.60
CA THR C 199 5.02 -18.76 20.49
C THR C 199 6.46 -18.24 20.44
N ASN C 200 6.65 -16.99 20.07
CA ASN C 200 7.99 -16.52 19.73
C ASN C 200 8.47 -15.30 20.51
N ILE C 201 7.67 -14.78 21.42
CA ILE C 201 8.02 -13.56 22.14
C ILE C 201 9.29 -13.70 22.98
N PHE C 202 9.61 -14.89 23.46
CA PHE C 202 10.85 -15.12 24.23
C PHE C 202 12.02 -15.76 23.43
N SER C 203 11.91 -15.90 22.11
CA SER C 203 12.91 -16.61 21.33
C SER C 203 14.08 -15.69 20.94
N ASP C 204 15.22 -16.30 20.62
CA ASP C 204 16.43 -15.58 20.18
C ASP C 204 16.14 -14.67 19.00
N LYS C 205 15.29 -15.10 18.07
CA LYS C 205 14.78 -14.22 17.03
C LYS C 205 14.56 -12.80 17.52
N TYR C 206 13.92 -12.65 18.69
CA TYR C 206 13.38 -11.36 19.12
C TYR C 206 14.17 -10.65 20.23
N SER C 207 15.50 -10.82 20.24
CA SER C 207 16.36 -10.24 21.27
C SER C 207 17.59 -9.52 20.69
N GLU C 212 19.35 -11.35 13.13
CA GLU C 212 18.99 -11.85 11.79
C GLU C 212 18.97 -13.40 11.74
N ILE C 213 17.92 -13.98 11.16
CA ILE C 213 17.67 -15.43 11.19
C ILE C 213 18.65 -16.21 10.31
N ASP C 214 19.29 -17.22 10.88
CA ASP C 214 20.28 -18.01 10.14
C ASP C 214 19.62 -19.15 9.39
N VAL C 215 19.64 -19.08 8.05
CA VAL C 215 18.96 -20.08 7.21
C VAL C 215 19.77 -21.33 6.96
N ASN C 216 20.94 -21.44 7.57
CA ASN C 216 21.75 -22.66 7.45
C ASN C 216 21.88 -23.44 8.77
N ASN C 217 21.32 -22.91 9.86
CA ASN C 217 21.32 -23.62 11.13
C ASN C 217 20.06 -24.46 11.27
N ILE C 218 20.21 -25.78 11.13
CA ILE C 218 19.12 -26.72 11.37
C ILE C 218 19.36 -27.55 12.61
N ASN C 219 20.24 -27.09 13.49
CA ASN C 219 20.56 -27.83 14.74
C ASN C 219 19.74 -27.37 15.91
N PRO C 221 18.12 -26.72 18.33
CA PRO C 221 17.01 -25.93 18.88
C PRO C 221 17.39 -25.34 20.24
N GLU C 222 17.23 -24.02 20.37
CA GLU C 222 17.55 -23.19 21.56
C GLU C 222 16.78 -23.63 22.80
N GLN C 223 17.41 -23.61 23.97
CA GLN C 223 16.71 -23.96 25.22
C GLN C 223 15.94 -22.77 25.76
N PRO C 224 14.63 -22.95 26.03
CA PRO C 224 13.79 -21.79 26.30
C PRO C 224 14.14 -21.01 27.58
N VAL C 225 14.29 -19.70 27.45
CA VAL C 225 14.60 -18.83 28.57
C VAL C 225 13.83 -17.52 28.42
N ILE C 226 13.28 -17.02 29.51
CA ILE C 226 12.48 -15.79 29.46
C ILE C 226 13.34 -14.57 29.21
N ASP C 227 12.74 -13.54 28.62
CA ASP C 227 13.38 -12.25 28.35
C ASP C 227 12.64 -11.14 29.13
N ILE C 228 13.39 -10.44 29.98
CA ILE C 228 12.81 -9.49 30.92
C ILE C 228 12.10 -8.30 30.26
N ASN C 229 12.63 -7.82 29.13
CA ASN C 229 12.04 -6.66 28.45
C ASN C 229 10.59 -6.90 28.06
N MET C 230 10.28 -8.15 27.71
CA MET C 230 8.96 -8.52 27.21
C MET C 230 7.91 -8.77 28.30
N ILE C 231 8.36 -8.99 29.53
CA ILE C 231 7.43 -9.25 30.62
C ILE C 231 6.77 -7.94 31.09
N ASN C 232 5.73 -7.52 30.38
CA ASN C 232 4.91 -6.37 30.79
C ASN C 232 3.53 -6.40 30.17
N PHE C 233 2.55 -5.79 30.83
CA PHE C 233 1.16 -5.82 30.32
C PHE C 233 1.00 -5.30 28.90
N GLY C 234 1.80 -4.32 28.52
CA GLY C 234 1.68 -3.73 27.18
C GLY C 234 1.80 -4.76 26.10
N VAL C 235 2.89 -5.52 26.16
CA VAL C 235 3.15 -6.59 25.23
C VAL C 235 2.13 -7.71 25.40
N TYR C 236 1.82 -8.06 26.64
CA TYR C 236 0.84 -9.11 26.91
C TYR C 236 -0.51 -8.81 26.24
N LYS C 237 -0.94 -7.54 26.28
CA LYS C 237 -2.22 -7.13 25.71
C LYS C 237 -2.24 -7.30 24.21
N ASN C 238 -1.20 -6.77 23.56
CA ASN C 238 -0.99 -7.01 22.13
C ASN C 238 -1.28 -8.45 21.77
N ILE C 239 -0.62 -9.38 22.48
CA ILE C 239 -0.77 -10.81 22.18
C ILE C 239 -2.19 -11.26 22.43
N VAL C 240 -2.69 -11.09 23.64
CA VAL C 240 -4.00 -11.64 23.94
C VAL C 240 -5.11 -11.06 23.05
N ILE C 241 -5.01 -9.79 22.71
CA ILE C 241 -6.01 -9.15 21.87
C ILE C 241 -6.05 -9.81 20.50
N HIS C 242 -4.88 -10.04 19.93
CA HIS C 242 -4.80 -10.61 18.59
C HIS C 242 -5.08 -12.09 18.58
N LYS C 243 -4.66 -12.80 19.61
CA LYS C 243 -4.82 -14.22 19.57
C LYS C 243 -6.23 -14.65 20.00
N THR C 244 -6.96 -13.78 20.70
CA THR C 244 -8.29 -14.17 21.21
C THR C 244 -9.42 -13.21 20.88
N ALA C 245 -9.20 -11.93 21.13
CA ALA C 245 -10.27 -10.93 21.07
C ALA C 245 -11.03 -10.89 19.75
N TYR C 246 -10.32 -10.91 18.63
CA TYR C 246 -10.98 -10.75 17.34
C TYR C 246 -11.86 -11.95 16.95
N TYR C 247 -11.38 -13.15 17.11
CA TYR C 247 -12.18 -14.24 16.62
C TYR C 247 -13.24 -14.72 17.64
N SER C 248 -13.00 -14.50 18.92
CA SER C 248 -13.93 -14.99 19.95
C SER C 248 -15.09 -14.04 20.26
N PHE C 249 -14.93 -12.76 19.97
CA PHE C 249 -15.90 -11.73 20.38
C PHE C 249 -16.25 -10.80 19.23
N PHE C 250 -15.27 -10.24 18.56
CA PHE C 250 -15.56 -9.36 17.45
C PHE C 250 -16.25 -10.10 16.30
N LEU C 251 -15.64 -11.19 15.86
CA LEU C 251 -16.14 -11.92 14.70
C LEU C 251 -17.60 -12.35 14.88
N PRO C 252 -17.93 -13.08 15.96
CA PRO C 252 -19.34 -13.50 16.14
C PRO C 252 -20.34 -12.37 16.28
N ILE C 253 -19.97 -11.32 17.01
CA ILE C 253 -20.84 -10.14 17.14
C ILE C 253 -21.09 -9.49 15.79
N VAL C 254 -20.02 -9.20 15.04
CA VAL C 254 -20.15 -8.58 13.73
C VAL C 254 -20.85 -9.44 12.68
N CYS C 255 -20.74 -10.77 12.77
CA CYS C 255 -21.48 -11.64 11.86
C CYS C 255 -22.98 -11.43 12.05
N GLY C 256 -23.46 -11.69 13.27
CA GLY C 256 -24.87 -11.46 13.61
C GLY C 256 -25.41 -10.14 13.09
N MET C 257 -24.67 -9.06 13.34
CA MET C 257 -25.11 -7.73 12.90
C MET C 257 -25.14 -7.63 11.39
N LEU C 258 -24.06 -8.02 10.72
CA LEU C 258 -24.02 -8.04 9.26
C LEU C 258 -25.19 -8.80 8.68
N LEU C 259 -25.44 -9.98 9.21
CA LEU C 259 -26.56 -10.80 8.74
C LEU C 259 -27.91 -10.12 8.98
N ALA C 260 -28.04 -9.40 10.10
CA ALA C 260 -29.30 -8.69 10.44
C ALA C 260 -29.46 -7.37 9.69
N GLY C 261 -28.57 -7.08 8.74
CA GLY C 261 -28.76 -5.95 7.82
C GLY C 261 -28.13 -4.64 8.24
N ILE C 262 -27.44 -4.62 9.38
CA ILE C 262 -26.81 -3.40 9.87
C ILE C 262 -25.63 -2.95 9.00
N ALA C 263 -25.67 -1.68 8.58
CA ALA C 263 -24.68 -1.12 7.67
C ALA C 263 -23.26 -1.21 8.24
N VAL C 264 -22.38 -1.89 7.51
CA VAL C 264 -20.95 -2.07 7.87
C VAL C 264 -20.24 -0.75 8.21
N ASP C 265 -20.61 0.33 7.54
CA ASP C 265 -19.97 1.66 7.76
C ASP C 265 -20.33 2.33 9.10
N ASN C 266 -21.34 1.82 9.79
CA ASN C 266 -21.92 2.42 10.99
C ASN C 266 -20.93 2.52 12.18
N LEU C 267 -21.09 3.56 13.02
CA LEU C 267 -20.14 3.84 14.12
C LEU C 267 -20.26 2.89 15.34
N ILE C 268 -21.25 1.99 15.29
CA ILE C 268 -21.46 0.98 16.35
C ILE C 268 -20.38 -0.10 16.31
N TYR C 269 -19.74 -0.28 15.15
CA TYR C 269 -18.70 -1.29 14.98
C TYR C 269 -17.40 -0.95 15.72
N LYS C 270 -17.02 0.31 15.77
CA LYS C 270 -15.80 0.72 16.48
C LYS C 270 -16.01 0.67 17.99
N LYS C 271 -17.26 0.80 18.44
CA LYS C 271 -17.60 0.62 19.86
C LYS C 271 -17.54 -0.86 20.18
N ILE C 272 -18.08 -1.68 19.29
CA ILE C 272 -18.03 -3.15 19.43
C ILE C 272 -16.60 -3.70 19.43
N GLU C 273 -15.72 -3.11 18.62
CA GLU C 273 -14.32 -3.53 18.57
C GLU C 273 -13.64 -3.34 19.93
N ASP C 274 -13.87 -2.19 20.55
CA ASP C 274 -13.24 -1.88 21.84
C ASP C 274 -13.74 -2.77 22.97
N ILE C 275 -15.03 -3.09 22.97
CA ILE C 275 -15.59 -4.02 23.96
C ILE C 275 -14.98 -5.41 23.73
N SER C 276 -14.74 -5.72 22.46
CA SER C 276 -14.15 -7.00 22.11
C SER C 276 -12.73 -7.09 22.63
N MET C 277 -12.00 -5.99 22.61
CA MET C 277 -10.64 -6.00 23.12
C MET C 277 -10.67 -6.25 24.65
N LEU C 278 -11.61 -5.65 25.35
CA LEU C 278 -11.65 -5.76 26.78
C LEU C 278 -12.07 -7.16 27.21
N MET C 279 -13.01 -7.76 26.48
CA MET C 279 -13.46 -9.10 26.80
C MET C 279 -12.39 -10.13 26.55
N GLY C 280 -11.66 -9.98 25.46
CA GLY C 280 -10.57 -10.91 25.15
C GLY C 280 -9.46 -10.90 26.19
N GLU C 281 -9.08 -9.72 26.64
CA GLU C 281 -8.12 -9.58 27.71
C GLU C 281 -8.68 -10.34 28.93
N TYR C 282 -9.92 -10.03 29.28
CA TYR C 282 -10.61 -10.64 30.42
C TYR C 282 -10.65 -12.15 30.29
N PHE C 283 -10.94 -12.62 29.10
CA PHE C 283 -11.10 -14.04 28.88
C PHE C 283 -9.75 -14.76 28.95
N GLN C 284 -8.73 -14.24 28.27
CA GLN C 284 -7.45 -14.93 28.23
C GLN C 284 -6.76 -15.00 29.58
N ILE C 285 -6.82 -13.90 30.35
CA ILE C 285 -6.29 -13.88 31.69
C ILE C 285 -6.99 -14.94 32.55
N HIS C 286 -8.28 -15.13 32.34
CA HIS C 286 -8.95 -16.23 33.02
C HIS C 286 -8.43 -17.57 32.56
N ASP C 287 -8.20 -17.71 31.26
CA ASP C 287 -7.58 -18.93 30.75
C ASP C 287 -6.23 -19.19 31.45
N ASP C 288 -5.44 -18.13 31.64
CA ASP C 288 -4.12 -18.24 32.26
C ASP C 288 -4.22 -18.63 33.74
N TYR C 289 -5.13 -18.00 34.46
CA TYR C 289 -5.42 -18.38 35.83
C TYR C 289 -5.72 -19.87 35.93
N LEU C 290 -6.64 -20.37 35.10
CA LEU C 290 -7.01 -21.80 35.12
C LEU C 290 -5.84 -22.70 34.82
N ASP C 291 -4.86 -22.20 34.10
CA ASP C 291 -3.70 -23.02 33.80
C ASP C 291 -2.97 -23.45 35.07
N ILE C 292 -2.88 -22.58 36.07
CA ILE C 292 -2.20 -22.92 37.34
C ILE C 292 -3.16 -23.34 38.47
N PHE C 293 -4.39 -22.82 38.51
CA PHE C 293 -5.30 -23.10 39.63
C PHE C 293 -6.55 -23.92 39.30
N GLY C 294 -6.68 -24.37 38.05
CA GLY C 294 -7.90 -25.09 37.65
C GLY C 294 -7.76 -26.59 37.75
N ASP C 295 -8.87 -27.28 37.97
CA ASP C 295 -8.89 -28.74 37.91
C ASP C 295 -8.84 -29.20 36.44
N SER C 296 -7.84 -30.00 36.08
CA SER C 296 -7.70 -30.47 34.68
C SER C 296 -8.86 -31.39 34.23
N THR C 297 -9.64 -31.89 35.18
CA THR C 297 -10.86 -32.66 34.87
C THR C 297 -12.02 -31.71 34.57
N LYS C 298 -12.04 -30.54 35.20
CA LYS C 298 -13.05 -29.52 34.94
C LYS C 298 -12.74 -28.70 33.69
N THR C 299 -11.49 -28.27 33.53
CA THR C 299 -11.08 -27.48 32.34
C THR C 299 -10.93 -28.35 31.07
N GLY C 300 -10.76 -29.67 31.23
CA GLY C 300 -10.67 -30.61 30.10
C GLY C 300 -9.30 -30.72 29.44
N LYS C 301 -8.31 -30.07 30.05
CA LYS C 301 -6.97 -29.92 29.46
C LYS C 301 -5.93 -29.79 30.56
N VAL C 302 -4.68 -30.05 30.18
CA VAL C 302 -3.57 -30.11 31.15
C VAL C 302 -2.75 -28.83 31.17
N GLY C 303 -2.58 -28.18 32.33
CA GLY C 303 -1.88 -26.87 32.39
C GLY C 303 -0.41 -26.97 32.03
N SER C 304 0.02 -26.18 31.06
CA SER C 304 1.38 -26.30 30.53
C SER C 304 2.12 -24.98 30.29
N ASP C 305 1.51 -23.84 30.66
CA ASP C 305 2.08 -22.55 30.33
C ASP C 305 3.53 -22.35 30.80
N ILE C 306 3.82 -22.78 32.03
CA ILE C 306 5.15 -22.60 32.62
C ILE C 306 6.17 -23.43 31.86
N GLN C 307 5.91 -24.72 31.74
CA GLN C 307 6.85 -25.61 31.05
C GLN C 307 7.06 -25.24 29.57
N ASN C 308 6.04 -24.68 28.91
CA ASN C 308 6.13 -24.19 27.52
C ASN C 308 6.59 -22.74 27.36
N ASN C 309 7.04 -22.10 28.44
CA ASN C 309 7.69 -20.79 28.34
C ASN C 309 6.76 -19.69 27.83
N LYS C 310 5.54 -19.65 28.35
CA LYS C 310 4.55 -18.70 27.86
C LYS C 310 4.50 -17.43 28.67
N LEU C 311 4.34 -16.31 27.98
CA LEU C 311 4.06 -15.06 28.65
C LEU C 311 2.63 -15.13 29.15
N THR C 312 2.45 -15.24 30.45
CA THR C 312 1.14 -15.36 31.06
C THR C 312 0.93 -14.28 32.07
N TRP C 313 -0.32 -14.03 32.42
CA TRP C 313 -0.63 -12.94 33.35
C TRP C 313 -0.06 -13.15 34.73
N PRO C 314 -0.17 -14.36 35.28
CA PRO C 314 0.49 -14.61 36.56
C PRO C 314 2.00 -14.36 36.55
N LEU C 315 2.67 -14.63 35.43
CA LEU C 315 4.10 -14.35 35.33
C LEU C 315 4.31 -12.85 35.46
N ILE C 316 3.52 -12.06 34.74
CA ILE C 316 3.74 -10.63 34.71
C ILE C 316 3.40 -9.99 36.04
N LYS C 317 2.35 -10.45 36.69
CA LYS C 317 1.97 -9.90 37.99
C LYS C 317 3.02 -10.19 39.06
N THR C 318 3.50 -11.43 39.10
CA THR C 318 4.57 -11.83 40.02
C THR C 318 5.82 -11.00 39.80
N PHE C 319 6.12 -10.68 38.55
CA PHE C 319 7.31 -9.90 38.24
C PHE C 319 7.18 -8.45 38.69
N GLU C 320 5.97 -7.90 38.63
CA GLU C 320 5.70 -6.54 39.09
C GLU C 320 5.81 -6.45 40.62
N LEU C 321 5.55 -7.56 41.31
CA LEU C 321 5.44 -7.57 42.76
C LEU C 321 6.66 -8.12 43.50
N CYS C 322 7.44 -8.99 42.85
CA CYS C 322 8.43 -9.76 43.62
C CYS C 322 9.80 -9.09 43.78
N SER C 323 10.60 -9.68 44.66
CA SER C 323 11.95 -9.21 44.98
C SER C 323 12.97 -9.69 43.95
N GLU C 324 14.11 -9.00 43.89
CA GLU C 324 15.17 -9.32 42.91
C GLU C 324 15.69 -10.74 43.03
N PRO C 325 15.86 -11.24 44.28
CA PRO C 325 16.22 -12.65 44.47
C PRO C 325 15.19 -13.63 43.89
N ASP C 326 13.95 -13.19 43.76
CA ASP C 326 12.90 -14.04 43.20
C ASP C 326 12.76 -13.91 41.67
N LYS C 327 13.15 -12.76 41.11
CA LYS C 327 13.26 -12.65 39.65
C LYS C 327 14.35 -13.56 39.09
N ILE C 328 15.48 -13.65 39.80
CA ILE C 328 16.51 -14.62 39.44
C ILE C 328 15.95 -16.03 39.56
N LYS C 329 15.18 -16.26 40.61
CA LYS C 329 14.60 -17.59 40.85
C LYS C 329 13.56 -17.92 39.78
N ILE C 330 12.90 -16.90 39.25
CA ILE C 330 11.95 -17.07 38.15
C ILE C 330 12.66 -17.41 36.85
N VAL C 331 13.69 -16.63 36.52
CA VAL C 331 14.41 -16.82 35.28
C VAL C 331 15.09 -18.20 35.20
N LYS C 332 15.60 -18.70 36.32
CA LYS C 332 16.24 -20.02 36.33
C LYS C 332 15.25 -21.15 36.09
N ASN C 333 14.04 -21.02 36.61
CA ASN C 333 13.10 -22.14 36.67
C ASN C 333 11.96 -22.14 35.63
N TYR C 334 11.72 -21.02 34.97
CA TYR C 334 10.60 -20.93 34.03
C TYR C 334 10.95 -21.53 32.68
N GLY C 335 9.99 -22.16 32.03
CA GLY C 335 10.18 -22.66 30.67
C GLY C 335 10.87 -24.01 30.64
N LYS C 336 11.09 -24.59 31.81
CA LYS C 336 11.79 -25.88 31.94
C LYS C 336 10.79 -26.99 32.22
N ASN C 337 10.85 -28.05 31.41
CA ASN C 337 9.87 -29.15 31.49
C ASN C 337 10.22 -30.12 32.61
N ASN C 338 10.22 -29.60 33.84
CA ASN C 338 10.83 -30.27 34.97
C ASN C 338 10.07 -29.97 36.24
N LEU C 339 9.50 -31.03 36.83
CA LEU C 339 8.55 -30.90 37.92
C LEU C 339 9.06 -30.00 39.07
N ALA C 340 10.32 -30.16 39.42
CA ALA C 340 10.89 -29.38 40.53
C ALA C 340 10.95 -27.88 40.20
N CYS C 341 11.28 -27.57 38.95
CA CYS C 341 11.29 -26.17 38.48
C CYS C 341 9.88 -25.59 38.46
N VAL C 342 8.92 -26.37 37.99
CA VAL C 342 7.53 -25.91 37.92
C VAL C 342 7.03 -25.62 39.33
N LYS C 343 7.38 -26.48 40.29
CA LYS C 343 6.95 -26.29 41.68
C LYS C 343 7.54 -25.01 42.24
N VAL C 344 8.77 -24.68 41.89
CA VAL C 344 9.34 -23.43 42.36
C VAL C 344 8.45 -22.27 41.94
N ILE C 345 8.03 -22.26 40.68
CA ILE C 345 7.26 -21.13 40.14
C ILE C 345 5.84 -21.12 40.70
N ASP C 346 5.23 -22.29 40.82
CA ASP C 346 3.88 -22.35 41.39
C ASP C 346 3.91 -21.85 42.83
N SER C 347 4.97 -22.17 43.58
CA SER C 347 5.04 -21.75 44.99
C SER C 347 5.25 -20.24 45.11
N LEU C 348 6.10 -19.65 44.27
CA LEU C 348 6.15 -18.19 44.15
C LEU C 348 4.76 -17.60 43.88
N TYR C 349 3.98 -18.21 42.99
CA TYR C 349 2.63 -17.74 42.72
C TYR C 349 1.75 -17.86 43.97
N GLU C 350 1.95 -18.89 44.79
CA GLU C 350 1.23 -18.98 46.09
C GLU C 350 1.74 -17.88 47.03
N GLN C 351 3.06 -17.77 47.14
CA GLN C 351 3.69 -16.81 48.04
C GLN C 351 3.22 -15.39 47.80
N TYR C 352 3.15 -14.98 46.53
CA TYR C 352 2.77 -13.59 46.20
C TYR C 352 1.25 -13.40 46.03
N LYS C 353 0.50 -14.36 46.55
CA LYS C 353 -0.95 -14.24 46.71
C LYS C 353 -1.64 -13.93 45.36
N ILE C 354 -1.20 -14.59 44.29
CA ILE C 354 -1.69 -14.29 42.94
C ILE C 354 -3.19 -14.59 42.75
N ARG C 355 -3.68 -15.62 43.43
CA ARG C 355 -5.13 -15.92 43.45
C ARG C 355 -5.94 -14.70 43.89
N LYS C 356 -5.50 -14.05 44.97
CA LYS C 356 -6.15 -12.83 45.47
C LYS C 356 -6.03 -11.68 44.46
N HIS C 357 -4.87 -11.56 43.81
CA HIS C 357 -4.69 -10.52 42.79
C HIS C 357 -5.54 -10.73 41.58
N TYR C 358 -5.80 -11.99 41.20
CA TYR C 358 -6.71 -12.28 40.09
C TYR C 358 -8.12 -11.82 40.47
N GLU C 359 -8.63 -12.33 41.59
CA GLU C 359 -9.95 -11.93 42.10
C GLU C 359 -10.14 -10.43 41.95
N SER C 360 -9.15 -9.67 42.39
CA SER C 360 -9.16 -8.21 42.27
C SER C 360 -9.24 -7.72 40.82
N TYR C 361 -8.43 -8.30 39.93
CA TYR C 361 -8.47 -7.92 38.51
C TYR C 361 -9.84 -8.21 37.90
N GLU C 362 -10.35 -9.42 38.13
CA GLU C 362 -11.66 -9.84 37.60
C GLU C 362 -12.78 -8.86 37.95
N LYS C 363 -12.71 -8.30 39.16
CA LYS C 363 -13.73 -7.37 39.67
C LYS C 363 -13.65 -6.04 38.93
N ALA C 364 -12.44 -5.50 38.81
CA ALA C 364 -12.20 -4.20 38.14
C ALA C 364 -12.48 -4.24 36.63
N GLN C 365 -12.12 -5.34 35.98
CA GLN C 365 -12.24 -5.44 34.52
C GLN C 365 -13.70 -5.62 34.12
N LYS C 366 -14.39 -6.46 34.88
CA LYS C 366 -15.82 -6.66 34.71
C LYS C 366 -16.53 -5.32 34.74
N ALA C 367 -16.07 -4.44 35.61
CA ALA C 367 -16.57 -3.07 35.71
C ALA C 367 -16.21 -2.27 34.47
N LYS C 368 -14.93 -2.26 34.08
CA LYS C 368 -14.52 -1.55 32.84
C LYS C 368 -15.36 -2.05 31.67
N ILE C 369 -15.64 -3.36 31.64
CA ILE C 369 -16.42 -3.94 30.55
C ILE C 369 -17.86 -3.50 30.53
N LEU C 370 -18.56 -3.68 31.65
CA LEU C 370 -19.95 -3.18 31.81
C LEU C 370 -20.07 -1.70 31.48
N SER C 371 -19.07 -0.92 31.84
CA SER C 371 -19.05 0.48 31.51
C SER C 371 -19.06 0.69 29.97
N ALA C 372 -18.31 -0.12 29.25
CA ALA C 372 -18.26 -0.03 27.78
C ALA C 372 -19.57 -0.49 27.12
N ILE C 373 -20.19 -1.53 27.68
CA ILE C 373 -21.45 -2.06 27.15
C ILE C 373 -22.54 -0.99 27.25
N ASN C 374 -22.57 -0.26 28.38
CA ASN C 374 -23.60 0.75 28.61
C ASN C 374 -23.45 1.98 27.72
N GLU C 375 -22.34 2.08 26.97
CA GLU C 375 -22.15 3.14 25.95
C GLU C 375 -22.60 2.77 24.51
N LEU C 376 -23.13 1.56 24.32
CA LEU C 376 -23.64 1.13 23.02
C LEU C 376 -24.98 1.79 22.68
N HIS C 377 -25.81 2.03 23.69
CA HIS C 377 -27.17 2.53 23.51
C HIS C 377 -27.94 1.66 22.55
N HIS C 378 -27.91 0.36 22.83
CA HIS C 378 -28.77 -0.57 22.13
C HIS C 378 -29.15 -1.67 23.09
N GLU C 379 -30.39 -1.64 23.57
CA GLU C 379 -30.80 -2.44 24.72
C GLU C 379 -30.73 -3.93 24.51
N GLY C 380 -30.89 -4.38 23.27
CA GLY C 380 -30.78 -5.80 22.92
C GLY C 380 -29.36 -6.38 22.97
N ILE C 381 -28.45 -5.76 22.24
CA ILE C 381 -27.06 -6.15 22.30
C ILE C 381 -26.56 -6.05 23.74
N GLU C 382 -26.90 -4.96 24.42
CA GLU C 382 -26.50 -4.77 25.82
C GLU C 382 -26.90 -5.96 26.68
N TYR C 383 -28.12 -6.44 26.48
CA TYR C 383 -28.60 -7.59 27.21
C TYR C 383 -27.73 -8.82 26.87
N VAL C 384 -27.55 -9.10 25.59
CA VAL C 384 -26.77 -10.27 25.18
C VAL C 384 -25.36 -10.23 25.76
N LEU C 385 -24.71 -9.07 25.67
CA LEU C 385 -23.33 -8.94 26.15
C LEU C 385 -23.24 -9.06 27.67
N LYS C 386 -24.19 -8.48 28.38
CA LYS C 386 -24.24 -8.71 29.83
C LYS C 386 -24.47 -10.20 30.13
N TYR C 387 -25.37 -10.82 29.38
CA TYR C 387 -25.66 -12.23 29.58
C TYR C 387 -24.41 -13.09 29.32
N LEU C 388 -23.70 -12.76 28.24
CA LEU C 388 -22.48 -13.46 27.86
C LEU C 388 -21.43 -13.31 28.94
N LEU C 389 -21.26 -12.10 29.42
CA LEU C 389 -20.30 -11.82 30.46
C LEU C 389 -20.50 -12.71 31.68
N GLU C 390 -21.74 -13.06 32.00
CA GLU C 390 -22.02 -13.92 33.14
C GLU C 390 -21.69 -15.40 32.89
N ILE C 391 -22.11 -15.95 31.75
CA ILE C 391 -21.86 -17.38 31.45
C ILE C 391 -20.54 -17.64 30.72
N LEU C 392 -19.67 -16.65 30.64
CA LEU C 392 -18.42 -16.77 29.90
C LEU C 392 -17.54 -17.92 30.43
N PHE C 393 -17.61 -18.19 31.73
CA PHE C 393 -16.85 -19.30 32.33
C PHE C 393 -17.74 -20.54 32.63
N THR C 394 -19.01 -20.30 33.00
CA THR C 394 -20.05 -21.35 33.05
C THR C 394 -20.49 -21.72 31.64
N LEU D 34 5.18 48.69 9.46
CA LEU D 34 4.43 48.70 8.18
C LEU D 34 4.90 49.82 7.23
N ALA D 35 5.81 50.70 7.66
CA ALA D 35 6.15 51.89 6.86
C ALA D 35 6.97 51.55 5.59
N PHE D 36 8.31 51.49 5.73
CA PHE D 36 9.24 50.93 4.73
C PHE D 36 8.66 49.76 3.94
N PHE D 37 8.05 48.82 4.66
CA PHE D 37 7.64 47.54 4.13
C PHE D 37 6.58 47.64 3.02
N ARG D 38 5.42 48.20 3.33
CA ARG D 38 4.35 48.27 2.32
C ARG D 38 4.74 49.02 1.02
N ASN D 39 5.72 49.91 1.11
CA ASN D 39 6.14 50.69 -0.06
C ASN D 39 7.22 50.02 -0.91
N MET D 40 7.88 49.01 -0.34
CA MET D 40 8.93 48.28 -1.06
C MET D 40 8.37 47.17 -1.99
N TYR D 41 7.06 46.99 -1.99
CA TYR D 41 6.43 45.95 -2.78
C TYR D 41 6.82 46.06 -4.24
N ASP D 42 6.52 47.20 -4.84
CA ASP D 42 6.76 47.44 -6.26
C ASP D 42 8.21 47.09 -6.64
N LYS D 43 9.15 47.41 -5.76
CA LYS D 43 10.56 47.16 -6.03
C LYS D 43 10.82 45.68 -6.35
N TYR D 44 10.27 44.79 -5.51
CA TYR D 44 10.56 43.37 -5.59
C TYR D 44 9.72 42.69 -6.66
N ARG D 45 8.46 43.07 -6.74
CA ARG D 45 7.59 42.70 -7.86
C ARG D 45 8.26 42.97 -9.20
N ASP D 46 8.71 44.22 -9.40
CA ASP D 46 9.32 44.64 -10.65
C ASP D 46 10.67 43.99 -10.92
N ALA D 47 11.45 43.75 -9.88
CA ALA D 47 12.70 43.02 -10.04
C ALA D 47 12.38 41.71 -10.72
N PHE D 48 11.39 41.01 -10.19
CA PHE D 48 11.06 39.69 -10.69
C PHE D 48 10.46 39.78 -12.08
N LEU D 49 9.52 40.69 -12.30
CA LEU D 49 8.93 40.84 -13.63
C LEU D 49 9.98 41.20 -14.67
N SER D 50 10.99 41.92 -14.22
CA SER D 50 12.07 42.30 -15.10
C SER D 50 12.89 41.06 -15.53
N HIS D 51 13.06 40.08 -14.63
CA HIS D 51 13.66 38.81 -14.99
C HIS D 51 12.87 38.12 -16.08
N LEU D 52 11.56 38.09 -15.95
CA LEU D 52 10.69 37.45 -16.96
C LEU D 52 10.86 38.12 -18.31
N ASN D 53 10.99 39.43 -18.30
CA ASN D 53 11.03 40.21 -19.53
C ASN D 53 12.30 40.01 -20.36
N GLU D 54 13.32 39.39 -19.79
CA GLU D 54 14.57 39.17 -20.51
C GLU D 54 14.57 37.78 -21.15
N TYR D 55 13.46 37.05 -21.11
CA TYR D 55 13.37 35.78 -21.81
C TYR D 55 13.31 35.98 -23.31
N SER D 56 13.76 34.98 -24.07
CA SER D 56 13.79 35.06 -25.53
C SER D 56 12.41 34.80 -26.09
N LEU D 57 11.57 35.82 -26.09
CA LEU D 57 10.20 35.70 -26.62
C LEU D 57 9.91 36.87 -27.54
N GLU D 58 9.06 36.62 -28.54
CA GLU D 58 8.59 37.68 -29.42
C GLU D 58 7.98 38.82 -28.59
N GLU D 59 7.99 40.04 -29.14
CA GLU D 59 7.64 41.21 -28.36
C GLU D 59 6.15 41.33 -28.00
N GLU D 60 5.25 40.87 -28.88
CA GLU D 60 3.82 40.89 -28.54
C GLU D 60 3.51 39.96 -27.35
N ILE D 61 4.19 38.84 -27.30
CA ILE D 61 4.02 37.88 -26.22
C ILE D 61 4.56 38.40 -24.90
N LYS D 62 5.74 39.03 -24.93
CA LYS D 62 6.31 39.65 -23.74
C LYS D 62 5.37 40.65 -23.09
N GLU D 63 4.66 41.41 -23.92
CA GLU D 63 3.71 42.40 -23.40
C GLU D 63 2.55 41.72 -22.68
N HIS D 64 2.01 40.66 -23.28
CA HIS D 64 0.89 39.90 -22.70
C HIS D 64 1.28 39.19 -21.42
N ILE D 65 2.43 38.54 -21.42
CA ILE D 65 3.01 37.97 -20.22
C ILE D 65 3.04 38.98 -19.08
N SER D 66 3.53 40.18 -19.35
CA SER D 66 3.71 41.22 -18.33
C SER D 66 2.41 41.67 -17.72
N LYS D 67 1.40 41.87 -18.55
CA LYS D 67 0.09 42.25 -18.02
C LYS D 67 -0.33 41.18 -17.01
N TYR D 68 -0.25 39.91 -17.44
CA TYR D 68 -0.75 38.77 -16.68
C TYR D 68 -0.03 38.61 -15.35
N TYR D 69 1.28 38.57 -15.41
CA TYR D 69 2.04 38.30 -14.21
C TYR D 69 2.04 39.48 -13.26
N LYS D 70 1.85 40.68 -13.78
CA LYS D 70 1.68 41.84 -12.88
C LYS D 70 0.37 41.72 -12.11
N LEU D 71 -0.69 41.30 -12.78
CA LEU D 71 -1.96 41.08 -12.10
C LEU D 71 -1.88 39.92 -11.11
N LEU D 72 -1.18 38.85 -11.48
CA LEU D 72 -1.06 37.69 -10.58
C LEU D 72 -0.46 38.11 -9.26
N PHE D 73 0.60 38.89 -9.31
CA PHE D 73 1.24 39.34 -8.09
C PHE D 73 0.33 40.32 -7.32
N ASP D 74 -0.17 41.33 -8.02
CA ASP D 74 -0.94 42.40 -7.37
C ASP D 74 -2.19 41.85 -6.71
N TYR D 75 -2.85 40.93 -7.40
CA TYR D 75 -4.17 40.41 -6.98
C TYR D 75 -4.04 39.46 -5.79
N ASN D 76 -2.89 38.83 -5.66
CA ASN D 76 -2.71 37.78 -4.69
C ASN D 76 -1.75 38.09 -3.52
N CYS D 77 -0.87 39.08 -3.65
CA CYS D 77 0.08 39.41 -2.60
C CYS D 77 -0.42 40.53 -1.75
N LEU D 78 -1.25 41.39 -2.31
CA LEU D 78 -1.77 42.55 -1.59
C LEU D 78 -3.12 42.32 -0.89
N GLY D 79 -3.40 43.18 0.08
CA GLY D 79 -4.69 43.18 0.76
C GLY D 79 -4.72 42.30 2.00
N GLY D 80 -3.56 41.77 2.41
CA GLY D 80 -3.47 41.00 3.64
C GLY D 80 -3.03 41.84 4.83
N LYS D 81 -3.12 41.26 6.03
CA LYS D 81 -2.66 41.89 7.26
C LYS D 81 -1.13 41.88 7.36
N ASN D 82 -0.48 41.09 6.52
CA ASN D 82 1.00 41.09 6.43
C ASN D 82 1.74 40.83 7.76
N ASN D 83 1.11 40.14 8.69
CA ASN D 83 1.74 39.85 9.98
C ASN D 83 3.05 39.06 9.92
N ARG D 84 3.18 38.18 8.94
CA ARG D 84 4.38 37.36 8.80
C ARG D 84 5.55 38.19 8.26
N GLY D 85 5.25 39.10 7.34
CA GLY D 85 6.24 40.00 6.80
C GLY D 85 6.77 40.93 7.88
N ILE D 86 5.86 41.58 8.58
CA ILE D 86 6.20 42.49 9.68
C ILE D 86 7.08 41.80 10.72
N LEU D 87 6.78 40.54 11.00
CA LEU D 87 7.53 39.77 11.98
C LEU D 87 8.99 39.59 11.57
N VAL D 88 9.27 39.47 10.26
CA VAL D 88 10.67 39.39 9.80
C VAL D 88 11.36 40.74 10.04
N ILE D 89 10.67 41.83 9.71
CA ILE D 89 11.22 43.17 9.88
C ILE D 89 11.54 43.46 11.36
N LEU D 90 10.57 43.21 12.24
CA LEU D 90 10.73 43.51 13.66
C LEU D 90 11.79 42.60 14.29
N ILE D 91 11.77 41.31 14.00
CA ILE D 91 12.82 40.45 14.52
C ILE D 91 14.19 40.95 14.10
N TYR D 92 14.31 41.42 12.86
CA TYR D 92 15.59 41.91 12.35
C TYR D 92 16.09 43.13 13.12
N GLU D 93 15.22 44.09 13.39
CA GLU D 93 15.64 45.30 14.10
C GLU D 93 16.07 45.01 15.54
N TYR D 94 15.23 44.32 16.29
CA TYR D 94 15.44 44.16 17.72
C TYR D 94 16.40 43.06 18.12
N VAL D 95 16.86 42.26 17.17
CA VAL D 95 17.94 41.30 17.44
C VAL D 95 19.28 42.08 17.43
N LYS D 96 19.33 43.21 16.73
CA LYS D 96 20.53 44.04 16.57
C LYS D 96 20.60 45.25 17.51
N ASN D 97 21.79 45.87 17.53
CA ASN D 97 21.95 47.25 17.92
C ASN D 97 22.12 48.04 16.60
N ARG D 98 21.10 48.83 16.25
CA ARG D 98 20.97 49.43 14.91
C ARG D 98 22.17 50.28 14.46
N ILE D 100 21.82 49.75 11.30
CA ILE D 100 21.11 49.23 10.14
C ILE D 100 20.96 50.31 9.05
N ASN D 101 21.76 50.20 7.99
CA ASN D 101 21.67 51.12 6.84
C ASN D 101 20.59 50.68 5.83
N SER D 102 20.17 51.58 4.94
CA SER D 102 19.04 51.27 4.02
C SER D 102 19.40 50.23 2.98
N SER D 103 20.67 49.87 2.87
CA SER D 103 21.07 48.71 2.06
C SER D 103 20.81 47.39 2.80
N GLU D 104 21.02 47.37 4.11
CA GLU D 104 20.72 46.19 4.91
C GLU D 104 19.21 46.01 5.09
N TRP D 105 18.48 47.12 5.19
CA TRP D 105 17.02 47.06 5.20
C TRP D 105 16.45 46.47 3.94
N GLU D 106 17.12 46.67 2.81
CA GLU D 106 16.63 46.15 1.53
C GLU D 106 16.63 44.62 1.54
N LYS D 107 17.66 44.02 2.11
CA LYS D 107 17.71 42.56 2.23
C LYS D 107 16.62 42.05 3.20
N ALA D 108 16.37 42.80 4.26
CA ALA D 108 15.35 42.43 5.24
C ALA D 108 13.95 42.44 4.62
N ALA D 109 13.58 43.56 4.02
CA ALA D 109 12.29 43.70 3.37
C ALA D 109 12.08 42.70 2.23
N CYS D 110 13.18 42.25 1.61
CA CYS D 110 13.10 41.24 0.55
C CYS D 110 12.57 39.91 1.12
N LEU D 111 13.33 39.35 2.07
CA LEU D 111 12.86 38.25 2.90
C LEU D 111 11.41 38.44 3.41
N ALA D 112 11.03 39.65 3.76
CA ALA D 112 9.69 39.91 4.27
C ALA D 112 8.65 39.72 3.21
N TRP D 113 8.93 40.20 2.02
CA TRP D 113 7.99 40.03 0.92
C TRP D 113 7.97 38.63 0.38
N CYS D 114 9.09 37.93 0.50
CA CYS D 114 9.13 36.54 0.11
C CYS D 114 8.16 35.72 0.93
N ILE D 115 8.11 35.97 2.24
CA ILE D 115 7.12 35.33 3.10
C ILE D 115 5.70 35.67 2.67
N GLU D 116 5.45 36.93 2.33
CA GLU D 116 4.12 37.32 1.91
C GLU D 116 3.77 36.72 0.54
N ILE D 117 4.78 36.49 -0.31
CA ILE D 117 4.58 35.83 -1.61
C ILE D 117 4.32 34.35 -1.36
N LEU D 118 5.07 33.73 -0.44
CA LEU D 118 4.79 32.35 0.01
C LEU D 118 3.35 32.22 0.47
N GLN D 119 2.91 33.14 1.31
CA GLN D 119 1.54 33.16 1.78
C GLN D 119 0.60 33.22 0.56
N ALA D 120 0.86 34.12 -0.36
CA ALA D 120 0.06 34.25 -1.61
C ALA D 120 -0.02 32.90 -2.37
N ALA D 121 1.12 32.26 -2.56
CA ALA D 121 1.19 30.98 -3.25
C ALA D 121 0.30 29.99 -2.51
N PHE D 122 0.52 29.82 -1.21
CA PHE D 122 -0.29 28.89 -0.42
C PHE D 122 -1.79 29.16 -0.49
N LEU D 123 -2.20 30.42 -0.46
CA LEU D 123 -3.61 30.72 -0.39
C LEU D 123 -4.26 30.39 -1.73
N VAL D 124 -3.58 30.67 -2.84
CA VAL D 124 -4.11 30.36 -4.15
C VAL D 124 -4.32 28.85 -4.20
N ALA D 125 -3.34 28.07 -3.76
CA ALA D 125 -3.47 26.62 -3.67
C ALA D 125 -4.61 26.16 -2.74
N ASP D 126 -4.62 26.67 -1.51
CA ASP D 126 -5.63 26.31 -0.52
C ASP D 126 -7.03 26.54 -1.07
N ASP D 127 -7.24 27.66 -1.77
CA ASP D 127 -8.55 27.92 -2.31
C ASP D 127 -8.98 26.93 -3.39
N ILE D 128 -8.04 26.38 -4.16
CA ILE D 128 -8.40 25.31 -5.11
C ILE D 128 -8.83 24.07 -4.35
N MET D 129 -8.05 23.72 -3.34
CA MET D 129 -8.26 22.52 -2.56
C MET D 129 -9.53 22.60 -1.70
N ASP D 130 -9.77 23.73 -1.05
CA ASP D 130 -10.93 23.89 -0.18
C ASP D 130 -12.17 24.38 -0.94
N LYS D 131 -12.11 24.43 -2.28
CA LYS D 131 -13.18 25.01 -3.09
C LYS D 131 -13.64 26.38 -2.56
N GLY D 132 -12.69 27.33 -2.44
CA GLY D 132 -12.98 28.64 -1.90
C GLY D 132 -13.82 29.47 -2.84
N GLU D 133 -14.47 30.49 -2.27
CA GLU D 133 -15.27 31.43 -3.05
C GLU D 133 -14.59 32.77 -3.05
N MET D 134 -14.36 33.26 -1.84
CA MET D 134 -13.96 34.63 -1.61
C MET D 134 -12.65 34.58 -0.85
N ARG D 135 -11.74 35.47 -1.20
CA ARG D 135 -10.51 35.62 -0.43
C ARG D 135 -10.00 37.06 -0.46
N ARG D 136 -9.63 37.54 0.72
CA ARG D 136 -9.37 38.95 0.94
C ARG D 136 -10.41 39.81 0.23
N ASN D 137 -11.65 39.42 0.42
CA ASN D 137 -12.80 40.17 -0.06
C ASN D 137 -12.99 40.27 -1.57
N LYS D 138 -12.27 39.45 -2.34
CA LYS D 138 -12.54 39.34 -3.76
C LYS D 138 -12.64 37.90 -4.12
N TYR D 139 -13.10 37.62 -5.34
CA TYR D 139 -13.17 36.26 -5.85
C TYR D 139 -11.82 35.59 -5.84
N CYS D 140 -11.78 34.30 -5.51
CA CYS D 140 -10.54 33.51 -5.59
C CYS D 140 -10.01 33.42 -7.01
N TRP D 141 -8.70 33.49 -7.13
CA TRP D 141 -8.00 33.49 -8.39
C TRP D 141 -8.48 32.40 -9.28
N TYR D 142 -8.48 31.17 -8.78
CA TYR D 142 -8.87 30.04 -9.63
C TYR D 142 -10.29 30.13 -10.22
N LEU D 143 -11.17 30.94 -9.65
CA LEU D 143 -12.52 31.09 -10.19
C LEU D 143 -12.64 32.04 -11.38
N LEU D 144 -11.74 33.01 -11.48
CA LEU D 144 -11.77 33.95 -12.60
C LEU D 144 -11.75 33.18 -13.91
N LYS D 145 -12.55 33.59 -14.88
CA LYS D 145 -12.69 32.83 -16.12
C LYS D 145 -11.49 32.97 -17.08
N ASP D 146 -10.73 34.06 -16.98
CA ASP D 146 -9.48 34.18 -17.75
C ASP D 146 -8.33 33.36 -17.13
N VAL D 147 -8.56 32.79 -15.94
CA VAL D 147 -7.56 32.03 -15.21
C VAL D 147 -7.94 30.55 -15.18
N GLU D 148 -8.95 30.20 -14.40
CA GLU D 148 -9.38 28.82 -14.22
C GLU D 148 -8.32 28.01 -13.49
N THR D 149 -8.66 26.80 -13.07
CA THR D 149 -7.74 25.92 -12.33
C THR D 149 -6.45 25.66 -13.10
N LYS D 150 -6.55 25.41 -14.39
CA LYS D 150 -5.35 25.08 -15.17
C LYS D 150 -4.29 26.15 -15.01
N ASN D 151 -4.69 27.41 -15.07
CA ASN D 151 -3.75 28.49 -14.86
C ASN D 151 -3.41 28.66 -13.41
N ALA D 152 -4.39 28.53 -12.52
CA ALA D 152 -4.16 28.71 -11.07
C ALA D 152 -3.03 27.80 -10.55
N VAL D 153 -3.03 26.56 -11.01
CA VAL D 153 -2.00 25.62 -10.60
C VAL D 153 -0.62 26.05 -11.09
N ASN D 154 -0.53 26.38 -12.37
CA ASN D 154 0.72 26.81 -12.97
C ASN D 154 1.24 28.03 -12.22
N ASP D 155 0.33 28.97 -11.92
CA ASP D 155 0.67 30.22 -11.26
C ASP D 155 1.16 30.04 -9.83
N VAL D 156 0.68 29.01 -9.15
CA VAL D 156 1.18 28.72 -7.80
C VAL D 156 2.66 28.40 -7.83
N LEU D 157 3.05 27.47 -8.70
CA LEU D 157 4.47 27.10 -8.86
C LEU D 157 5.34 28.29 -9.32
N LEU D 158 4.76 29.23 -10.06
CA LEU D 158 5.52 30.41 -10.44
C LEU D 158 5.75 31.32 -9.24
N LEU D 159 4.70 31.61 -8.49
CA LEU D 159 4.87 32.47 -7.31
C LEU D 159 5.92 31.82 -6.40
N TYR D 160 5.79 30.53 -6.21
CA TYR D 160 6.67 29.85 -5.29
C TYR D 160 8.11 30.00 -5.73
N ASN D 161 8.37 29.82 -7.02
CA ASN D 161 9.74 29.93 -7.52
C ASN D 161 10.22 31.35 -7.59
N SER D 162 9.31 32.32 -7.72
CA SER D 162 9.71 33.73 -7.69
C SER D 162 10.47 34.04 -6.39
N ILE D 163 10.00 33.49 -5.27
CA ILE D 163 10.67 33.61 -3.97
C ILE D 163 12.18 33.39 -4.06
N TYR D 164 12.59 32.25 -4.61
CA TYR D 164 14.01 31.94 -4.64
C TYR D 164 14.78 32.78 -5.64
N LYS D 165 14.18 33.13 -6.77
CA LYS D 165 14.79 34.08 -7.68
C LYS D 165 15.04 35.40 -6.92
N LEU D 166 14.02 35.92 -6.24
CA LEU D 166 14.19 37.17 -5.45
C LEU D 166 15.30 37.02 -4.40
N ILE D 167 15.29 35.93 -3.64
CA ILE D 167 16.32 35.73 -2.63
C ILE D 167 17.72 35.74 -3.24
N GLU D 168 17.87 35.18 -4.43
CA GLU D 168 19.15 35.20 -5.12
C GLU D 168 19.53 36.61 -5.49
N ILE D 169 18.58 37.38 -6.02
CA ILE D 169 18.90 38.73 -6.43
C ILE D 169 19.49 39.54 -5.27
N TYR D 170 18.92 39.41 -4.08
CA TYR D 170 19.25 40.32 -2.98
C TYR D 170 20.12 39.75 -1.86
N LEU D 171 20.39 38.45 -1.87
CA LEU D 171 21.18 37.84 -0.80
C LEU D 171 22.17 36.78 -1.30
N ARG D 172 22.45 36.74 -2.62
CA ARG D 172 23.37 35.73 -3.15
C ARG D 172 24.70 35.76 -2.41
N ASN D 173 25.15 36.97 -2.10
CA ASN D 173 26.49 37.19 -1.54
C ASN D 173 26.54 37.23 0.00
N GLU D 174 25.39 37.12 0.66
CA GLU D 174 25.36 36.99 2.11
C GLU D 174 25.78 35.58 2.51
N SER D 175 26.24 35.42 3.74
CA SER D 175 26.77 34.13 4.19
C SER D 175 25.64 33.19 4.58
N CYS D 176 24.51 33.77 4.99
CA CYS D 176 23.32 32.98 5.37
C CYS D 176 22.48 32.48 4.17
N TYR D 177 22.83 32.92 2.97
CA TYR D 177 22.11 32.56 1.75
C TYR D 177 21.69 31.10 1.72
N VAL D 178 22.65 30.18 1.82
CA VAL D 178 22.35 28.74 1.72
C VAL D 178 21.40 28.27 2.81
N ASP D 179 21.53 28.84 4.00
CA ASP D 179 20.68 28.45 5.13
C ASP D 179 19.28 29.04 5.01
N VAL D 180 19.21 30.30 4.59
CA VAL D 180 17.93 30.93 4.36
C VAL D 180 17.12 30.16 3.31
N ILE D 181 17.70 29.83 2.17
CA ILE D 181 16.93 29.04 1.20
C ILE D 181 16.66 27.66 1.76
N ALA D 182 17.56 27.11 2.58
CA ALA D 182 17.27 25.84 3.27
C ALA D 182 16.08 25.91 4.21
N THR D 183 15.87 27.07 4.86
CA THR D 183 14.72 27.25 5.76
C THR D 183 13.38 27.39 5.03
N PHE D 184 13.36 28.15 3.95
CA PHE D 184 12.15 28.24 3.15
C PHE D 184 11.80 26.87 2.65
N ARG D 185 12.79 26.13 2.20
CA ARG D 185 12.51 24.83 1.66
C ARG D 185 11.93 23.85 2.66
N ASP D 186 12.49 23.84 3.86
CA ASP D 186 12.05 22.89 4.89
C ASP D 186 10.74 23.32 5.58
N ALA D 187 10.48 24.62 5.68
CA ALA D 187 9.16 25.12 6.12
C ALA D 187 8.07 24.77 5.12
N THR D 188 8.35 24.91 3.83
CA THR D 188 7.39 24.56 2.80
C THR D 188 7.05 23.06 2.86
N LEU D 189 8.05 22.20 3.06
CA LEU D 189 7.79 20.76 3.11
C LEU D 189 6.88 20.41 4.26
N LYS D 190 7.10 21.04 5.41
CA LYS D 190 6.25 20.79 6.55
C LYS D 190 4.85 21.26 6.22
N THR D 191 4.72 22.39 5.56
CA THR D 191 3.39 22.88 5.24
C THR D 191 2.67 21.94 4.31
N ILE D 192 3.41 21.36 3.35
CA ILE D 192 2.82 20.44 2.37
C ILE D 192 2.26 19.21 3.07
N ILE D 193 3.03 18.62 3.98
CA ILE D 193 2.54 17.47 4.73
C ILE D 193 1.39 17.91 5.62
N GLY D 194 1.49 19.09 6.18
CA GLY D 194 0.40 19.70 6.90
C GLY D 194 -0.92 19.67 6.15
N GLN D 195 -0.97 20.21 4.93
CA GLN D 195 -2.21 20.21 4.13
C GLN D 195 -2.61 18.82 3.79
N HIS D 196 -1.61 17.96 3.57
CA HIS D 196 -1.92 16.61 3.21
C HIS D 196 -2.79 16.01 4.28
N LEU D 197 -2.44 16.23 5.53
CA LEU D 197 -3.22 15.66 6.62
C LEU D 197 -4.53 16.39 6.79
N ASP D 198 -4.50 17.69 6.64
CA ASP D 198 -5.73 18.48 6.65
C ASP D 198 -6.79 17.93 5.68
N THR D 199 -6.36 17.49 4.51
CA THR D 199 -7.28 17.09 3.44
C THR D 199 -7.64 15.62 3.50
N ASN D 200 -6.86 14.80 4.19
CA ASN D 200 -7.00 13.37 4.07
C ASN D 200 -7.23 12.62 5.37
N ILE D 201 -7.26 13.32 6.49
CA ILE D 201 -7.32 12.66 7.81
C ILE D 201 -8.59 11.81 8.00
N PHE D 202 -9.66 12.17 7.29
CA PHE D 202 -10.89 11.40 7.35
C PHE D 202 -11.15 10.44 6.17
N SER D 203 -10.20 10.26 5.26
CA SER D 203 -10.46 9.50 4.03
C SER D 203 -10.25 8.02 4.26
N ASP D 204 -10.84 7.21 3.37
CA ASP D 204 -10.70 5.74 3.44
C ASP D 204 -9.25 5.30 3.46
N LYS D 205 -8.40 5.98 2.70
CA LYS D 205 -6.95 5.77 2.82
C LYS D 205 -6.51 5.48 4.25
N TYR D 206 -7.02 6.27 5.20
CA TYR D 206 -6.44 6.31 6.56
C TYR D 206 -7.28 5.60 7.64
N SER D 207 -7.98 4.54 7.28
CA SER D 207 -8.88 3.84 8.21
C SER D 207 -8.64 2.32 8.25
N GLU D 212 -5.53 0.79 1.76
CA GLU D 212 -4.57 0.84 0.64
C GLU D 212 -5.17 1.52 -0.60
N ILE D 213 -4.39 2.40 -1.24
CA ILE D 213 -4.87 3.24 -2.35
C ILE D 213 -5.13 2.42 -3.61
N ASP D 214 -6.33 2.51 -4.16
CA ASP D 214 -6.71 1.71 -5.34
C ASP D 214 -6.42 2.43 -6.65
N VAL D 215 -5.45 1.93 -7.38
CA VAL D 215 -5.00 2.57 -8.62
C VAL D 215 -5.86 2.24 -9.83
N ASN D 216 -6.93 1.48 -9.65
CA ASN D 216 -7.83 1.17 -10.75
C ASN D 216 -9.19 1.81 -10.60
N ASN D 217 -9.45 2.46 -9.48
CA ASN D 217 -10.73 3.14 -9.27
C ASN D 217 -10.64 4.61 -9.70
N ILE D 218 -11.24 4.94 -10.85
CA ILE D 218 -11.38 6.33 -11.29
C ILE D 218 -12.86 6.71 -11.34
N ASN D 219 -13.69 5.93 -10.67
CA ASN D 219 -15.15 5.95 -10.92
C ASN D 219 -16.07 6.14 -9.74
N VAL D 220 -15.75 5.48 -8.62
CA VAL D 220 -16.56 5.53 -7.38
C VAL D 220 -15.96 6.50 -6.33
N PRO D 221 -16.44 7.78 -6.29
CA PRO D 221 -15.82 8.75 -5.39
C PRO D 221 -16.42 8.67 -3.99
N GLU D 222 -15.57 8.52 -2.99
CA GLU D 222 -16.06 8.32 -1.63
C GLU D 222 -16.79 9.58 -1.16
N GLN D 223 -17.98 9.42 -0.56
CA GLN D 223 -18.69 10.58 0.03
C GLN D 223 -18.15 10.84 1.43
N PRO D 224 -17.73 12.09 1.71
CA PRO D 224 -16.96 12.36 2.91
C PRO D 224 -17.73 12.10 4.21
N VAL D 225 -17.10 11.35 5.11
CA VAL D 225 -17.70 10.99 6.38
C VAL D 225 -16.60 11.00 7.44
N ILE D 226 -16.89 11.56 8.62
CA ILE D 226 -15.88 11.69 9.66
C ILE D 226 -15.50 10.33 10.22
N ASP D 227 -14.29 10.23 10.77
CA ASP D 227 -13.78 9.05 11.47
C ASP D 227 -13.51 9.37 12.95
N ILE D 228 -14.17 8.62 13.84
CA ILE D 228 -14.15 8.92 15.28
C ILE D 228 -12.76 8.82 15.92
N ASN D 229 -11.94 7.87 15.47
CA ASN D 229 -10.61 7.67 16.08
C ASN D 229 -9.76 8.93 15.98
N MET D 230 -9.93 9.68 14.89
CA MET D 230 -9.10 10.84 14.60
C MET D 230 -9.55 12.12 15.31
N ILE D 231 -10.77 12.15 15.81
CA ILE D 231 -11.27 13.32 16.50
C ILE D 231 -10.64 13.43 17.89
N ASN D 232 -9.41 13.97 17.97
CA ASN D 232 -8.76 14.25 19.26
C ASN D 232 -7.66 15.31 19.14
N PHE D 233 -7.36 16.03 20.22
CA PHE D 233 -6.34 17.09 20.19
C PHE D 233 -4.96 16.63 19.71
N GLY D 234 -4.58 15.39 20.03
CA GLY D 234 -3.28 14.89 19.63
C GLY D 234 -3.06 15.00 18.12
N VAL D 235 -3.99 14.43 17.38
CA VAL D 235 -3.96 14.46 15.95
C VAL D 235 -4.13 15.88 15.45
N TYR D 236 -5.05 16.62 16.05
CA TYR D 236 -5.30 18.00 15.63
C TYR D 236 -4.03 18.85 15.70
N LYS D 237 -3.23 18.64 16.74
CA LYS D 237 -1.98 19.39 16.95
C LYS D 237 -0.98 19.09 15.86
N ASN D 238 -0.74 17.80 15.62
CA ASN D 238 0.06 17.36 14.48
C ASN D 238 -0.25 18.17 13.22
N ILE D 239 -1.52 18.21 12.86
CA ILE D 239 -1.92 18.92 11.66
C ILE D 239 -1.65 20.40 11.80
N VAL D 240 -2.21 21.06 12.80
CA VAL D 240 -2.11 22.51 12.82
C VAL D 240 -0.66 23.00 12.93
N ILE D 241 0.18 22.24 13.64
CA ILE D 241 1.59 22.59 13.77
C ILE D 241 2.28 22.58 12.41
N HIS D 242 2.03 21.55 11.63
CA HIS D 242 2.69 21.41 10.34
C HIS D 242 2.12 22.31 9.30
N LYS D 243 0.82 22.54 9.34
CA LYS D 243 0.23 23.32 8.28
C LYS D 243 0.40 24.80 8.53
N THR D 244 0.64 25.22 9.77
CA THR D 244 0.70 26.66 10.08
C THR D 244 1.94 27.11 10.82
N ALA D 245 2.29 26.39 11.89
CA ALA D 245 3.33 26.85 12.83
C ALA D 245 4.66 27.16 12.17
N TYR D 246 5.11 26.28 11.29
CA TYR D 246 6.44 26.46 10.70
C TYR D 246 6.54 27.64 9.75
N TYR D 247 5.59 27.83 8.86
CA TYR D 247 5.78 28.89 7.92
C TYR D 247 5.32 30.25 8.42
N SER D 248 4.40 30.27 9.38
CA SER D 248 3.83 31.55 9.85
C SER D 248 4.61 32.19 10.99
N PHE D 249 5.40 31.39 11.71
CA PHE D 249 6.09 31.86 12.91
C PHE D 249 7.54 31.47 12.95
N PHE D 250 7.85 30.19 12.73
CA PHE D 250 9.24 29.76 12.76
C PHE D 250 10.01 30.39 11.61
N LEU D 251 9.50 30.25 10.40
CA LEU D 251 10.21 30.73 9.21
C LEU D 251 10.56 32.22 9.31
N PRO D 252 9.56 33.11 9.51
CA PRO D 252 9.90 34.54 9.59
C PRO D 252 10.86 34.91 10.76
N ILE D 253 10.68 34.29 11.92
CA ILE D 253 11.57 34.52 13.05
C ILE D 253 12.99 34.10 12.70
N VAL D 254 13.16 32.88 12.23
CA VAL D 254 14.48 32.35 11.89
C VAL D 254 15.15 33.10 10.74
N CYS D 255 14.38 33.65 9.81
CA CYS D 255 14.96 34.44 8.73
C CYS D 255 15.64 35.66 9.33
N GLY D 256 14.87 36.49 10.02
CA GLY D 256 15.40 37.66 10.68
C GLY D 256 16.68 37.39 11.46
N MET D 257 16.69 36.32 12.23
CA MET D 257 17.85 35.97 13.03
C MET D 257 19.03 35.60 12.16
N LEU D 258 18.82 34.68 11.22
CA LEU D 258 19.86 34.31 10.27
C LEU D 258 20.47 35.55 9.61
N LEU D 259 19.61 36.43 9.12
CA LEU D 259 20.06 37.64 8.43
C LEU D 259 20.87 38.52 9.37
N ALA D 260 20.47 38.56 10.65
CA ALA D 260 21.15 39.40 11.63
C ALA D 260 22.43 38.76 12.19
N GLY D 261 22.86 37.63 11.62
CA GLY D 261 24.17 37.06 11.94
C GLY D 261 24.22 36.03 13.06
N ILE D 262 23.06 35.69 13.64
CA ILE D 262 23.01 34.71 14.74
C ILE D 262 23.33 33.28 14.29
N ALA D 263 24.26 32.64 14.99
CA ALA D 263 24.78 31.31 14.61
C ALA D 263 23.70 30.25 14.57
N VAL D 264 23.52 29.63 13.39
CA VAL D 264 22.52 28.57 13.16
C VAL D 264 22.55 27.42 14.18
N ASP D 265 23.75 27.07 14.64
CA ASP D 265 23.95 25.97 15.60
C ASP D 265 23.47 26.28 17.04
N ASN D 266 23.17 27.54 17.32
CA ASN D 266 22.83 28.02 18.67
C ASN D 266 21.56 27.39 19.27
N LEU D 267 21.52 27.24 20.58
CA LEU D 267 20.39 26.58 21.29
C LEU D 267 19.09 27.42 21.40
N ILE D 268 19.15 28.67 20.95
CA ILE D 268 17.99 29.57 20.93
C ILE D 268 16.97 29.15 19.88
N TYR D 269 17.44 28.44 18.85
CA TYR D 269 16.57 28.02 17.76
C TYR D 269 15.57 26.93 18.18
N LYS D 270 15.97 26.02 19.06
CA LYS D 270 15.06 24.97 19.52
C LYS D 270 14.04 25.52 20.52
N LYS D 271 14.39 26.61 21.21
CA LYS D 271 13.44 27.31 22.07
C LYS D 271 12.44 28.08 21.20
N ILE D 272 12.93 28.70 20.13
CA ILE D 272 12.08 29.39 19.14
C ILE D 272 11.12 28.45 18.42
N GLU D 273 11.57 27.24 18.12
CA GLU D 273 10.73 26.24 17.47
C GLU D 273 9.52 25.89 18.34
N ASP D 274 9.73 25.68 19.63
CA ASP D 274 8.64 25.33 20.54
C ASP D 274 7.63 26.45 20.74
N ILE D 275 8.09 27.70 20.81
CA ILE D 275 7.18 28.84 20.90
C ILE D 275 6.37 28.94 19.61
N SER D 276 7.01 28.59 18.50
CA SER D 276 6.36 28.60 17.19
C SER D 276 5.24 27.57 17.15
N MET D 277 5.45 26.42 17.76
CA MET D 277 4.41 25.40 17.79
C MET D 277 3.21 25.90 18.61
N LEU D 278 3.47 26.59 19.72
CA LEU D 278 2.39 27.05 20.57
C LEU D 278 1.58 28.19 19.91
N MET D 279 2.27 29.07 19.21
CA MET D 279 1.58 30.16 18.51
C MET D 279 0.75 29.67 17.33
N GLY D 280 1.26 28.70 16.59
CA GLY D 280 0.53 28.12 15.48
C GLY D 280 -0.73 27.42 15.93
N GLU D 281 -0.65 26.67 17.01
CA GLU D 281 -1.85 26.05 17.59
C GLU D 281 -2.85 27.18 17.93
N TYR D 282 -2.37 28.17 18.66
CA TYR D 282 -3.17 29.31 19.07
C TYR D 282 -3.81 29.99 17.86
N PHE D 283 -3.04 30.17 16.81
CA PHE D 283 -3.49 30.93 15.66
C PHE D 283 -4.54 30.13 14.89
N GLN D 284 -4.26 28.86 14.64
CA GLN D 284 -5.16 28.07 13.83
C GLN D 284 -6.53 27.86 14.48
N ILE D 285 -6.53 27.58 15.78
CA ILE D 285 -7.78 27.44 16.55
C ILE D 285 -8.59 28.72 16.39
N HIS D 286 -7.92 29.87 16.41
CA HIS D 286 -8.63 31.08 16.17
C HIS D 286 -9.19 31.10 14.77
N ASP D 287 -8.41 30.64 13.79
CA ASP D 287 -8.90 30.58 12.42
C ASP D 287 -10.17 29.74 12.38
N ASP D 288 -10.17 28.63 13.14
CA ASP D 288 -11.30 27.69 13.14
C ASP D 288 -12.54 28.34 13.78
N TYR D 289 -12.34 29.03 14.89
CA TYR D 289 -13.40 29.81 15.50
C TYR D 289 -14.01 30.78 14.50
N LEU D 290 -13.19 31.58 13.83
CA LEU D 290 -13.68 32.54 12.82
C LEU D 290 -14.46 31.88 11.69
N ASP D 291 -14.19 30.62 11.43
CA ASP D 291 -14.91 29.91 10.39
C ASP D 291 -16.41 29.87 10.69
N ILE D 292 -16.78 29.72 11.97
CA ILE D 292 -18.20 29.73 12.32
C ILE D 292 -18.72 31.06 12.83
N PHE D 293 -17.91 31.80 13.57
CA PHE D 293 -18.41 32.97 14.29
C PHE D 293 -17.89 34.31 13.75
N GLY D 294 -17.16 34.31 12.66
CA GLY D 294 -16.61 35.55 12.09
C GLY D 294 -17.51 36.15 11.03
N ASP D 295 -17.50 37.47 10.91
CA ASP D 295 -18.22 38.15 9.80
C ASP D 295 -17.43 37.97 8.52
N SER D 296 -18.05 37.39 7.50
CA SER D 296 -17.36 37.10 6.24
C SER D 296 -16.91 38.37 5.50
N THR D 297 -17.48 39.52 5.89
CA THR D 297 -17.06 40.81 5.34
C THR D 297 -15.81 41.33 6.07
N LYS D 298 -15.68 40.97 7.36
CA LYS D 298 -14.50 41.34 8.16
C LYS D 298 -13.32 40.37 7.95
N THR D 299 -13.60 39.06 7.91
CA THR D 299 -12.55 38.05 7.65
C THR D 299 -12.14 37.96 6.17
N GLY D 300 -13.00 38.44 5.27
CA GLY D 300 -12.73 38.46 3.82
C GLY D 300 -12.96 37.15 3.07
N LYS D 301 -13.53 36.17 3.77
CA LYS D 301 -13.68 34.82 3.26
C LYS D 301 -14.92 34.13 3.86
N VAL D 302 -15.38 33.07 3.18
CA VAL D 302 -16.61 32.35 3.54
C VAL D 302 -16.25 31.06 4.27
N GLY D 303 -16.84 30.86 5.44
CA GLY D 303 -16.55 29.67 6.26
C GLY D 303 -16.99 28.38 5.60
N SER D 304 -16.07 27.42 5.51
CA SER D 304 -16.35 26.20 4.76
C SER D 304 -15.87 24.90 5.44
N ASP D 305 -15.33 24.99 6.65
CA ASP D 305 -14.77 23.82 7.34
C ASP D 305 -15.72 22.60 7.46
N ILE D 306 -16.99 22.84 7.84
CA ILE D 306 -17.95 21.78 8.03
C ILE D 306 -18.23 21.10 6.68
N GLN D 307 -18.60 21.89 5.68
CA GLN D 307 -18.93 21.32 4.36
C GLN D 307 -17.78 20.58 3.71
N ASN D 308 -16.56 21.02 3.97
CA ASN D 308 -15.34 20.35 3.45
C ASN D 308 -14.76 19.24 4.34
N ASN D 309 -15.49 18.85 5.38
CA ASN D 309 -15.09 17.70 6.17
C ASN D 309 -13.73 17.89 6.90
N LYS D 310 -13.55 19.04 7.53
CA LYS D 310 -12.29 19.34 8.19
C LYS D 310 -12.27 19.00 9.67
N LEU D 311 -11.16 18.46 10.15
CA LEU D 311 -10.93 18.31 11.57
C LEU D 311 -10.65 19.70 12.12
N THR D 312 -11.60 20.24 12.85
CA THR D 312 -11.49 21.57 13.40
C THR D 312 -11.63 21.51 14.89
N TRP D 313 -11.18 22.55 15.57
CA TRP D 313 -11.18 22.55 17.02
C TRP D 313 -12.59 22.47 17.58
N PRO D 314 -13.53 23.23 16.99
CA PRO D 314 -14.88 23.15 17.51
C PRO D 314 -15.47 21.75 17.39
N LEU D 315 -15.08 21.02 16.35
CA LEU D 315 -15.58 19.66 16.17
C LEU D 315 -15.08 18.81 17.32
N ILE D 316 -13.80 18.94 17.65
CA ILE D 316 -13.22 18.10 18.67
C ILE D 316 -13.77 18.41 20.04
N LYS D 317 -13.97 19.69 20.33
CA LYS D 317 -14.47 20.09 21.61
C LYS D 317 -15.91 19.60 21.80
N THR D 318 -16.74 19.77 20.77
CA THR D 318 -18.14 19.31 20.79
C THR D 318 -18.22 17.81 21.01
N PHE D 319 -17.29 17.08 20.40
CA PHE D 319 -17.29 15.64 20.54
C PHE D 319 -16.91 15.20 21.95
N GLU D 320 -16.05 15.96 22.61
CA GLU D 320 -15.67 15.67 23.99
C GLU D 320 -16.78 15.92 24.97
N LEU D 321 -17.68 16.83 24.62
CA LEU D 321 -18.70 17.30 25.52
C LEU D 321 -20.09 16.72 25.26
N CYS D 322 -20.39 16.28 24.04
CA CYS D 322 -21.78 16.01 23.66
C CYS D 322 -22.26 14.59 23.95
N SER D 323 -23.58 14.41 23.83
CA SER D 323 -24.26 13.13 24.06
C SER D 323 -24.20 12.23 22.84
N GLU D 324 -24.40 10.93 23.05
CA GLU D 324 -24.34 9.94 21.97
C GLU D 324 -25.33 10.20 20.84
N PRO D 325 -26.56 10.59 21.19
CA PRO D 325 -27.51 11.03 20.17
C PRO D 325 -27.02 12.20 19.32
N ASP D 326 -26.13 13.02 19.86
CA ASP D 326 -25.58 14.15 19.11
C ASP D 326 -24.31 13.81 18.33
N LYS D 327 -23.56 12.81 18.76
CA LYS D 327 -22.47 12.28 17.94
C LYS D 327 -23.03 11.63 16.65
N ILE D 328 -24.13 10.91 16.75
CA ILE D 328 -24.81 10.37 15.56
C ILE D 328 -25.27 11.54 14.69
N LYS D 329 -25.79 12.58 15.31
CA LYS D 329 -26.28 13.76 14.59
C LYS D 329 -25.13 14.47 13.91
N ILE D 330 -23.95 14.40 14.51
CA ILE D 330 -22.76 15.01 13.94
C ILE D 330 -22.30 14.21 12.74
N VAL D 331 -22.18 12.90 12.91
CA VAL D 331 -21.69 12.02 11.82
C VAL D 331 -22.60 12.08 10.59
N LYS D 332 -23.91 12.17 10.79
CA LYS D 332 -24.87 12.23 9.68
C LYS D 332 -24.75 13.55 8.90
N ASN D 333 -24.49 14.66 9.57
CA ASN D 333 -24.56 15.99 8.92
C ASN D 333 -23.19 16.65 8.58
N TYR D 334 -22.08 16.14 9.10
CA TYR D 334 -20.77 16.78 8.87
C TYR D 334 -20.21 16.37 7.52
N GLY D 335 -19.54 17.30 6.85
CA GLY D 335 -18.85 17.00 5.62
C GLY D 335 -19.77 16.99 4.41
N LYS D 336 -21.03 17.38 4.60
CA LYS D 336 -22.00 17.43 3.50
C LYS D 336 -22.16 18.87 3.05
N ASN D 337 -22.05 19.09 1.74
CA ASN D 337 -22.08 20.45 1.19
C ASN D 337 -23.48 21.00 1.05
N ASN D 338 -24.14 21.13 2.18
CA ASN D 338 -25.55 21.36 2.22
C ASN D 338 -25.90 22.22 3.42
N LEU D 339 -26.45 23.39 3.13
CA LEU D 339 -26.68 24.43 4.11
C LEU D 339 -27.47 23.91 5.34
N ALA D 340 -28.47 23.05 5.12
CA ALA D 340 -29.28 22.56 6.23
C ALA D 340 -28.49 21.64 7.15
N CYS D 341 -27.61 20.83 6.57
CA CYS D 341 -26.68 19.99 7.36
C CYS D 341 -25.68 20.82 8.14
N VAL D 342 -25.14 21.84 7.51
CA VAL D 342 -24.18 22.72 8.18
C VAL D 342 -24.87 23.42 9.35
N LYS D 343 -26.12 23.84 9.17
CA LYS D 343 -26.88 24.51 10.25
C LYS D 343 -27.09 23.56 11.44
N VAL D 344 -27.33 22.29 11.19
CA VAL D 344 -27.44 21.33 12.29
C VAL D 344 -26.18 21.37 13.15
N ILE D 345 -25.02 21.35 12.52
CA ILE D 345 -23.75 21.30 13.25
C ILE D 345 -23.46 22.66 13.91
N ASP D 346 -23.76 23.75 13.23
CA ASP D 346 -23.57 25.07 13.82
C ASP D 346 -24.44 25.19 15.08
N SER D 347 -25.65 24.66 15.04
CA SER D 347 -26.56 24.81 16.19
C SER D 347 -26.08 23.96 17.37
N LEU D 348 -25.61 22.75 17.11
CA LEU D 348 -24.88 22.03 18.15
C LEU D 348 -23.72 22.87 18.76
N TYR D 349 -22.96 23.58 17.93
CA TYR D 349 -21.89 24.43 18.43
C TYR D 349 -22.45 25.56 19.30
N GLU D 350 -23.62 26.09 18.99
CA GLU D 350 -24.28 27.07 19.87
C GLU D 350 -24.70 26.36 21.15
N GLN D 351 -25.37 25.22 21.00
CA GLN D 351 -25.92 24.48 22.14
C GLN D 351 -24.86 24.14 23.17
N TYR D 352 -23.70 23.68 22.73
CA TYR D 352 -22.64 23.27 23.64
C TYR D 352 -21.68 24.41 24.00
N LYS D 353 -22.14 25.63 23.77
CA LYS D 353 -21.51 26.83 24.32
C LYS D 353 -20.03 26.93 23.90
N ILE D 354 -19.77 26.60 22.65
CA ILE D 354 -18.39 26.55 22.14
C ILE D 354 -17.69 27.92 22.13
N ARG D 355 -18.44 28.98 21.91
CA ARG D 355 -17.94 30.33 22.04
C ARG D 355 -17.29 30.56 23.41
N LYS D 356 -17.97 30.16 24.48
CA LYS D 356 -17.41 30.27 25.83
C LYS D 356 -16.18 29.40 26.02
N HIS D 357 -16.21 28.21 25.45
CA HIS D 357 -15.06 27.31 25.55
C HIS D 357 -13.86 27.86 24.85
N TYR D 358 -14.06 28.55 23.72
CA TYR D 358 -12.94 29.19 23.03
C TYR D 358 -12.32 30.28 23.91
N GLU D 359 -13.14 31.25 24.33
CA GLU D 359 -12.70 32.29 25.26
C GLU D 359 -11.77 31.69 26.32
N SER D 360 -12.20 30.60 26.93
CA SER D 360 -11.40 29.92 27.95
C SER D 360 -10.07 29.41 27.42
N TYR D 361 -10.06 28.76 26.26
CA TYR D 361 -8.82 28.27 25.66
C TYR D 361 -7.85 29.41 25.36
N GLU D 362 -8.34 30.46 24.72
CA GLU D 362 -7.54 31.64 24.37
C GLU D 362 -6.79 32.21 25.59
N LYS D 363 -7.44 32.19 26.75
CA LYS D 363 -6.89 32.74 27.97
C LYS D 363 -5.73 31.88 28.48
N ALA D 364 -5.96 30.57 28.56
CA ALA D 364 -4.94 29.62 29.05
C ALA D 364 -3.71 29.51 28.14
N GLN D 365 -3.93 29.55 26.82
CA GLN D 365 -2.85 29.34 25.86
C GLN D 365 -1.95 30.57 25.77
N LYS D 366 -2.59 31.73 25.76
CA LYS D 366 -1.88 33.00 25.84
C LYS D 366 -0.91 33.01 27.02
N ALA D 367 -1.35 32.44 28.14
CA ALA D 367 -0.48 32.26 29.30
C ALA D 367 0.63 31.24 29.02
N LYS D 368 0.30 30.05 28.50
CA LYS D 368 1.34 29.04 28.18
C LYS D 368 2.38 29.67 27.25
N ILE D 369 1.91 30.52 26.31
CA ILE D 369 2.81 31.16 25.34
C ILE D 369 3.73 32.17 25.98
N LEU D 370 3.18 33.14 26.71
CA LEU D 370 3.99 34.13 27.46
C LEU D 370 4.99 33.45 28.39
N SER D 371 4.60 32.34 28.99
CA SER D 371 5.52 31.57 29.81
C SER D 371 6.74 31.08 29.02
N ALA D 372 6.51 30.61 27.80
CA ALA D 372 7.60 30.15 26.91
C ALA D 372 8.49 31.30 26.43
N ILE D 373 7.88 32.45 26.14
CA ILE D 373 8.61 33.63 25.66
C ILE D 373 9.58 34.09 26.73
N ASN D 374 9.15 34.09 27.99
CA ASN D 374 9.98 34.56 29.09
C ASN D 374 11.16 33.64 29.43
N GLU D 375 11.22 32.46 28.82
CA GLU D 375 12.36 31.54 28.97
C GLU D 375 13.44 31.70 27.87
N LEU D 376 13.23 32.62 26.92
CA LEU D 376 14.22 32.88 25.87
C LEU D 376 15.45 33.60 26.38
N HIS D 377 15.24 34.47 27.37
CA HIS D 377 16.30 35.30 27.91
C HIS D 377 16.94 36.10 26.80
N HIS D 378 16.10 36.75 25.99
CA HIS D 378 16.57 37.69 24.99
C HIS D 378 15.54 38.77 24.86
N GLU D 379 15.84 39.94 25.42
CA GLU D 379 14.83 40.97 25.63
C GLU D 379 14.20 41.53 24.36
N GLY D 380 14.96 41.52 23.26
CA GLY D 380 14.48 42.04 21.96
C GLY D 380 13.46 41.15 21.30
N ILE D 381 13.80 39.87 21.14
CA ILE D 381 12.87 38.88 20.60
C ILE D 381 11.63 38.81 21.50
N GLU D 382 11.85 38.80 22.82
CA GLU D 382 10.74 38.78 23.77
C GLU D 382 9.76 39.94 23.54
N TYR D 383 10.28 41.13 23.30
CA TYR D 383 9.44 42.29 22.99
C TYR D 383 8.65 42.01 21.70
N VAL D 384 9.34 41.62 20.63
CA VAL D 384 8.69 41.42 19.34
C VAL D 384 7.58 40.37 19.45
N LEU D 385 7.87 39.25 20.12
CA LEU D 385 6.89 38.19 20.26
C LEU D 385 5.69 38.60 21.13
N LYS D 386 5.93 39.33 22.20
CA LYS D 386 4.82 39.87 22.99
C LYS D 386 4.00 40.85 22.15
N TYR D 387 4.67 41.68 21.37
CA TYR D 387 4.00 42.63 20.53
C TYR D 387 3.15 41.91 19.46
N LEU D 388 3.73 40.87 18.85
CA LEU D 388 3.05 40.06 17.86
C LEU D 388 1.81 39.40 18.46
N LEU D 389 1.97 38.81 19.65
CA LEU D 389 0.87 38.14 20.34
C LEU D 389 -0.34 39.06 20.50
N GLU D 390 -0.11 40.35 20.68
CA GLU D 390 -1.21 41.30 20.81
C GLU D 390 -1.92 41.62 19.49
N ILE D 391 -1.17 41.92 18.44
CA ILE D 391 -1.77 42.29 17.15
C ILE D 391 -2.05 41.11 16.21
N LEU D 392 -1.94 39.89 16.72
CA LEU D 392 -2.07 38.70 15.88
C LEU D 392 -3.44 38.63 15.17
N PHE D 393 -4.49 39.15 15.79
CA PHE D 393 -5.83 39.12 15.19
C PHE D 393 -6.28 40.46 14.58
N THR D 394 -5.83 41.59 15.13
CA THR D 394 -6.10 42.90 14.52
C THR D 394 -5.14 43.13 13.34
N GLY D 395 -3.87 43.40 13.64
CA GLY D 395 -2.86 43.68 12.62
C GLY D 395 -2.14 45.00 12.85
N VAL D 396 -1.55 45.53 11.77
CA VAL D 396 -0.87 46.86 11.76
C VAL D 396 0.18 46.99 12.86
#